data_8BCX
#
_entry.id   8BCX
#
_cell.length_a   91.085
_cell.length_b   91.965
_cell.length_c   123.939
_cell.angle_alpha   90
_cell.angle_beta   99.06
_cell.angle_gamma   90
#
_symmetry.space_group_name_H-M   'P 1 21 1'
#
loop_
_entity.id
_entity.type
_entity.pdbx_description
1 polymer 'Nitrite reductase (cytochrome; ammonia-forming)'
2 non-polymer 'HEME C'
3 non-polymer 'SULFATE ION'
4 water water
#
_entity_poly.entity_id   1
_entity_poly.type   'polypeptide(L)'
_entity_poly.pdbx_seq_one_letter_code
;MKKTAIAIAVALAGFATVAQAASWSHPQFEKGAAQPVKTVQIPDGEVDPAVWGKAYPTEYEMWKKTEEPEPPGKSKYKRG
FDADHVTYDKLSEFPYMALLFNGWGFGIAYNEPRGHANMVRDQLEIDSARLKSGGVCLTCKTPYAPKLEKEMGIDYFKTP
FKDVLAKIPEKHKTLGVACIDCHDNKDMSLRISRGFTLGEALKKLGVDQAKLSRQEMRSLVCAQCHVTYNIPKDADKKSI
GVYFPWQGSKMGNISVENIIKQIRSDASVGEWTQTVTGFKLGFIRHPEYELFSNNSVHWKAGAACTDCHMPYTRVGAFKV
SDHRVMSPLKNDMKACIQCHTEKPEWLRDQVIAIQDRTVSLMLRSGYATATVAKLFEKAHAAQAQGKQIDKALYDRAKDL
YEEAFYRCVFIGAENSVGFHNPTEAMRVLGDATAFATKAEALLRQALAKAGVDVPLTVNLELNKYLDQRGEKKLTFDPKV
EIKDPYGVQVRF
;
_entity_poly.pdbx_strand_id   A,B,C,D
#
loop_
_chem_comp.id
_chem_comp.type
_chem_comp.name
_chem_comp.formula
HEC non-polymer 'HEME C' 'C34 H34 Fe N4 O4'
SO4 non-polymer 'SULFATE ION' 'O4 S -2'
#
# COMPACT_ATOMS: atom_id res chain seq x y z
N PRO A 43 -34.78 36.04 21.12
CA PRO A 43 -35.80 35.20 21.75
C PRO A 43 -35.69 33.73 21.41
N ASP A 44 -36.19 32.86 22.31
CA ASP A 44 -36.16 31.40 22.11
C ASP A 44 -37.02 31.01 20.93
N GLY A 45 -36.51 30.14 20.08
CA GLY A 45 -37.23 29.70 18.90
C GLY A 45 -37.17 30.64 17.71
N GLU A 46 -36.39 31.72 17.80
CA GLU A 46 -36.25 32.66 16.69
C GLU A 46 -35.24 32.12 15.66
N VAL A 47 -35.74 31.67 14.51
CA VAL A 47 -34.97 31.12 13.41
C VAL A 47 -34.37 32.22 12.52
N ASP A 48 -35.10 33.34 12.34
CA ASP A 48 -34.70 34.44 11.47
C ASP A 48 -33.33 35.04 11.78
N PRO A 49 -32.35 34.82 10.89
CA PRO A 49 -31.00 35.39 11.12
C PRO A 49 -30.97 36.91 11.14
N ALA A 50 -31.96 37.58 10.50
CA ALA A 50 -32.06 39.04 10.52
C ALA A 50 -32.34 39.54 11.96
N VAL A 51 -33.07 38.74 12.77
CA VAL A 51 -33.33 39.09 14.16
C VAL A 51 -32.02 38.99 14.93
N TRP A 52 -31.26 37.89 14.76
CA TRP A 52 -29.94 37.73 15.42
C TRP A 52 -28.96 38.82 14.96
N GLY A 53 -29.07 39.21 13.70
CA GLY A 53 -28.26 40.24 13.07
C GLY A 53 -28.44 41.62 13.64
N LYS A 54 -29.56 41.87 14.35
CA LYS A 54 -29.75 43.17 14.99
C LYS A 54 -28.87 43.28 16.27
N ALA A 55 -28.50 42.12 16.88
CA ALA A 55 -27.63 42.08 18.06
C ALA A 55 -26.17 41.93 17.61
N TYR A 56 -25.93 41.14 16.55
CA TYR A 56 -24.58 40.86 16.04
C TYR A 56 -24.51 41.15 14.54
N PRO A 57 -24.45 42.44 14.17
CA PRO A 57 -24.44 42.78 12.72
C PRO A 57 -23.22 42.35 11.93
N THR A 58 -22.05 42.29 12.58
CA THR A 58 -20.82 41.89 11.90
C THR A 58 -20.87 40.44 11.41
N GLU A 59 -21.20 39.51 12.32
CA GLU A 59 -21.29 38.08 11.99
C GLU A 59 -22.44 37.80 11.02
N TYR A 60 -23.53 38.60 11.08
CA TYR A 60 -24.67 38.49 10.18
C TYR A 60 -24.26 38.88 8.76
N GLU A 61 -23.48 39.99 8.65
CA GLU A 61 -22.94 40.53 7.38
C GLU A 61 -22.03 39.51 6.71
N MET A 62 -21.11 38.88 7.47
CA MET A 62 -20.22 37.87 6.90
C MET A 62 -21.00 36.62 6.54
N TRP A 63 -21.96 36.23 7.41
CA TRP A 63 -22.76 35.03 7.22
C TRP A 63 -23.52 35.03 5.89
N LYS A 64 -24.11 36.17 5.49
CA LYS A 64 -24.89 36.22 4.25
C LYS A 64 -24.01 36.32 2.99
N LYS A 65 -22.73 36.70 3.13
CA LYS A 65 -21.83 36.79 1.99
C LYS A 65 -21.46 35.42 1.42
N THR A 66 -21.29 35.34 0.11
CA THR A 66 -20.90 34.10 -0.55
C THR A 66 -19.88 34.34 -1.66
N LYS A 74 -9.05 29.47 -13.99
CA LYS A 74 -9.16 28.11 -13.46
C LYS A 74 -8.27 27.95 -12.21
N SER A 75 -8.76 27.20 -11.19
CA SER A 75 -8.05 27.02 -9.92
C SER A 75 -6.85 26.08 -10.02
N LYS A 76 -5.81 26.31 -9.19
CA LYS A 76 -4.69 25.37 -9.12
C LYS A 76 -4.91 24.24 -8.07
N TYR A 77 -6.03 24.32 -7.29
CA TYR A 77 -6.41 23.32 -6.30
C TYR A 77 -7.46 22.34 -6.87
N LYS A 78 -7.46 21.12 -6.36
CA LYS A 78 -8.35 20.08 -6.83
C LYS A 78 -9.51 19.88 -5.88
N ARG A 79 -10.56 19.25 -6.38
CA ARG A 79 -11.70 18.84 -5.57
C ARG A 79 -12.06 17.37 -5.92
N GLY A 80 -12.68 16.65 -4.99
CA GLY A 80 -13.12 15.30 -5.25
C GLY A 80 -14.50 15.35 -5.89
N PHE A 81 -15.33 14.35 -5.65
CA PHE A 81 -16.69 14.38 -6.17
C PHE A 81 -17.69 14.70 -5.06
N ASP A 82 -18.88 15.17 -5.43
CA ASP A 82 -19.94 15.42 -4.45
C ASP A 82 -20.70 14.11 -4.42
N ALA A 83 -20.60 13.35 -3.32
CA ALA A 83 -21.22 12.03 -3.24
C ALA A 83 -22.72 11.97 -3.60
N ASP A 84 -23.51 12.98 -3.21
CA ASP A 84 -24.94 13.00 -3.51
C ASP A 84 -25.30 13.67 -4.82
N HIS A 85 -24.31 14.13 -5.59
CA HIS A 85 -24.52 14.79 -6.87
C HIS A 85 -23.30 14.56 -7.76
N VAL A 86 -23.16 13.33 -8.32
CA VAL A 86 -22.05 12.99 -9.18
C VAL A 86 -22.29 13.68 -10.51
N THR A 87 -21.32 14.48 -10.98
CA THR A 87 -21.51 15.22 -12.24
C THR A 87 -20.73 14.65 -13.40
N TYR A 88 -21.15 14.96 -14.64
CA TYR A 88 -20.43 14.54 -15.85
C TYR A 88 -19.02 15.10 -15.86
N ASP A 89 -18.82 16.30 -15.29
CA ASP A 89 -17.51 16.95 -15.16
C ASP A 89 -16.57 16.11 -14.32
N LYS A 90 -17.06 15.55 -13.21
CA LYS A 90 -16.22 14.70 -12.36
C LYS A 90 -15.94 13.37 -13.01
N LEU A 91 -16.90 12.81 -13.80
CA LEU A 91 -16.66 11.58 -14.52
C LEU A 91 -15.52 11.78 -15.53
N SER A 92 -15.48 12.92 -16.16
CA SER A 92 -14.45 13.28 -17.13
C SER A 92 -13.05 13.37 -16.47
N GLU A 93 -13.00 13.79 -15.21
CA GLU A 93 -11.79 13.97 -14.42
C GLU A 93 -11.31 12.64 -13.83
N PHE A 94 -12.26 11.79 -13.39
CA PHE A 94 -11.98 10.48 -12.80
C PHE A 94 -12.76 9.45 -13.60
N PRO A 95 -12.26 9.08 -14.79
CA PRO A 95 -13.04 8.21 -15.69
C PRO A 95 -13.53 6.89 -15.10
N TYR A 96 -12.82 6.29 -14.14
CA TYR A 96 -13.25 5.04 -13.51
C TYR A 96 -14.64 5.17 -12.82
N MET A 97 -15.01 6.41 -12.42
CA MET A 97 -16.28 6.71 -11.76
C MET A 97 -17.49 6.45 -12.64
N ALA A 98 -17.37 6.58 -13.97
CA ALA A 98 -18.52 6.30 -14.86
C ALA A 98 -18.94 4.83 -14.72
N LEU A 99 -17.95 3.93 -14.63
CA LEU A 99 -18.23 2.51 -14.49
C LEU A 99 -18.64 2.17 -13.03
N LEU A 100 -17.87 2.67 -12.03
CA LEU A 100 -18.13 2.35 -10.64
C LEU A 100 -19.43 2.94 -10.08
N PHE A 101 -19.83 4.14 -10.57
CA PHE A 101 -21.02 4.79 -10.02
C PHE A 101 -22.25 4.69 -10.89
N ASN A 102 -22.22 3.98 -12.02
CA ASN A 102 -23.46 3.79 -12.82
C ASN A 102 -24.50 3.02 -11.97
N GLY A 103 -25.68 3.60 -11.81
CA GLY A 103 -26.71 3.08 -10.92
C GLY A 103 -26.96 4.04 -9.75
N TRP A 104 -26.02 4.95 -9.47
CA TRP A 104 -26.11 5.94 -8.40
C TRP A 104 -26.77 7.25 -8.90
N GLY A 105 -26.62 7.56 -10.19
CA GLY A 105 -27.18 8.78 -10.74
C GLY A 105 -26.13 9.81 -11.10
N PHE A 106 -26.19 10.31 -12.35
CA PHE A 106 -25.27 11.33 -12.86
C PHE A 106 -26.07 12.59 -13.15
N GLY A 107 -25.43 13.75 -13.01
CA GLY A 107 -26.10 15.02 -13.25
C GLY A 107 -25.19 16.08 -13.81
N ILE A 108 -25.77 17.23 -14.11
CA ILE A 108 -25.08 18.41 -14.64
C ILE A 108 -24.42 19.15 -13.49
N ALA A 109 -23.22 19.70 -13.70
CA ALA A 109 -22.56 20.51 -12.67
C ALA A 109 -23.33 21.80 -12.52
N TYR A 110 -23.90 22.07 -11.33
CA TYR A 110 -24.66 23.29 -11.07
C TYR A 110 -23.69 24.34 -10.51
N ASN A 111 -23.05 25.16 -11.40
CA ASN A 111 -22.02 26.13 -10.98
C ASN A 111 -22.61 27.40 -10.30
N GLU A 112 -23.23 27.22 -9.13
CA GLU A 112 -23.88 28.27 -8.37
C GLU A 112 -23.20 28.49 -7.00
N PRO A 113 -23.38 29.65 -6.33
CA PRO A 113 -22.70 29.87 -5.04
C PRO A 113 -22.98 28.77 -4.03
N ARG A 114 -21.96 28.30 -3.29
CA ARG A 114 -22.13 27.17 -2.37
C ARG A 114 -21.88 27.49 -0.85
N GLY A 115 -22.55 28.53 -0.35
CA GLY A 115 -22.47 29.03 1.03
C GLY A 115 -23.57 28.51 1.95
N HIS A 116 -23.49 28.85 3.23
CA HIS A 116 -24.47 28.35 4.21
C HIS A 116 -25.77 29.11 4.19
N ALA A 117 -25.72 30.45 4.05
CA ALA A 117 -26.89 31.30 4.16
C ALA A 117 -28.08 30.91 3.27
N ASN A 118 -27.87 30.78 1.95
CA ASN A 118 -28.96 30.51 1.04
C ASN A 118 -28.76 29.24 0.23
N MET A 119 -29.78 28.37 0.23
CA MET A 119 -29.72 27.09 -0.48
C MET A 119 -30.98 26.90 -1.33
N VAL A 120 -30.89 27.09 -2.65
CA VAL A 120 -32.04 26.89 -3.53
C VAL A 120 -32.45 25.40 -3.58
N ARG A 121 -33.75 25.15 -3.68
CA ARG A 121 -34.32 23.82 -3.57
C ARG A 121 -34.64 23.09 -4.86
N ASP A 122 -34.59 23.80 -6.01
CA ASP A 122 -34.96 23.25 -7.31
C ASP A 122 -34.28 21.89 -7.62
N GLN A 123 -32.94 21.81 -7.59
CA GLN A 123 -32.25 20.55 -7.89
C GLN A 123 -32.37 19.52 -6.78
N LEU A 124 -32.52 19.98 -5.53
CA LEU A 124 -32.74 19.12 -4.36
C LEU A 124 -34.12 18.41 -4.42
N GLU A 125 -35.09 19.04 -5.04
CA GLU A 125 -36.42 18.51 -5.23
C GLU A 125 -36.35 17.34 -6.23
N ILE A 126 -35.65 17.55 -7.35
CA ILE A 126 -35.45 16.60 -8.44
C ILE A 126 -34.68 15.39 -7.97
N ASP A 127 -33.55 15.60 -7.29
CA ASP A 127 -32.76 14.52 -6.75
C ASP A 127 -33.54 13.70 -5.73
N SER A 128 -34.25 14.38 -4.81
CA SER A 128 -35.02 13.73 -3.77
C SER A 128 -36.10 12.83 -4.34
N ALA A 129 -36.88 13.33 -5.30
CA ALA A 129 -37.97 12.58 -5.94
C ALA A 129 -37.45 11.43 -6.79
N ARG A 130 -36.23 11.52 -7.32
CA ARG A 130 -35.63 10.46 -8.08
C ARG A 130 -35.27 9.27 -7.16
N LEU A 131 -34.61 9.57 -6.03
CA LEU A 131 -34.18 8.59 -5.03
C LEU A 131 -35.28 8.19 -4.04
N LYS A 132 -36.45 8.84 -4.08
CA LYS A 132 -37.52 8.62 -3.10
C LYS A 132 -37.02 8.84 -1.65
N SER A 133 -36.07 9.80 -1.47
CA SER A 133 -35.47 10.05 -0.17
C SER A 133 -36.37 10.80 0.83
N GLY A 134 -37.47 11.36 0.36
CA GLY A 134 -38.40 12.06 1.24
C GLY A 134 -37.80 13.33 1.83
N GLY A 135 -37.84 13.46 3.14
CA GLY A 135 -37.28 14.63 3.80
C GLY A 135 -35.81 14.52 4.16
N VAL A 136 -35.18 13.36 3.95
CA VAL A 136 -33.76 13.13 4.27
C VAL A 136 -32.81 14.25 3.79
N CYS A 137 -32.89 14.64 2.51
CA CYS A 137 -31.95 15.63 1.96
C CYS A 137 -32.13 17.04 2.57
N LEU A 138 -33.15 17.27 3.41
CA LEU A 138 -33.31 18.53 4.14
C LEU A 138 -32.57 18.53 5.50
N THR A 139 -32.21 17.33 6.02
CA THR A 139 -31.56 17.14 7.32
C THR A 139 -30.44 18.12 7.63
N CYS A 140 -29.56 18.39 6.67
CA CYS A 140 -28.44 19.29 6.87
C CYS A 140 -28.58 20.61 6.11
N LYS A 141 -29.79 20.94 5.61
CA LYS A 141 -29.97 22.07 4.73
C LYS A 141 -31.11 22.99 5.08
N THR A 142 -31.65 22.91 6.31
CA THR A 142 -32.70 23.82 6.79
C THR A 142 -32.70 23.82 8.30
N PRO A 143 -32.75 25.01 8.94
CA PRO A 143 -32.80 25.02 10.42
C PRO A 143 -34.09 24.41 10.98
N TYR A 144 -35.08 24.15 10.11
CA TYR A 144 -36.35 23.53 10.46
C TYR A 144 -36.24 21.99 10.55
N ALA A 145 -35.14 21.38 10.09
CA ALA A 145 -34.98 19.93 10.10
C ALA A 145 -35.17 19.27 11.50
N PRO A 146 -34.51 19.75 12.58
CA PRO A 146 -34.74 19.12 13.90
C PRO A 146 -36.20 19.19 14.37
N LYS A 147 -36.90 20.30 14.05
CA LYS A 147 -38.30 20.49 14.41
C LYS A 147 -39.21 19.56 13.58
N LEU A 148 -38.98 19.49 12.26
CA LEU A 148 -39.77 18.65 11.36
C LEU A 148 -39.61 17.20 11.71
N GLU A 149 -38.41 16.75 12.05
CA GLU A 149 -38.19 15.35 12.42
C GLU A 149 -38.84 15.02 13.77
N LYS A 150 -38.79 15.94 14.74
CA LYS A 150 -39.39 15.70 16.05
C LYS A 150 -40.92 15.59 15.91
N GLU A 151 -41.53 16.49 15.13
CA GLU A 151 -42.98 16.50 14.97
C GLU A 151 -43.51 15.40 14.01
N MET A 152 -42.78 15.11 12.91
CA MET A 152 -43.25 14.09 11.97
C MET A 152 -42.78 12.68 12.28
N GLY A 153 -41.69 12.54 13.02
CA GLY A 153 -41.15 11.23 13.36
C GLY A 153 -40.70 10.46 12.13
N ILE A 154 -41.17 9.22 12.00
CA ILE A 154 -40.86 8.37 10.86
C ILE A 154 -41.39 8.98 9.54
N ASP A 155 -42.45 9.79 9.62
CA ASP A 155 -43.04 10.40 8.43
C ASP A 155 -42.17 11.49 7.81
N TYR A 156 -41.20 12.06 8.55
CA TYR A 156 -40.28 13.03 7.98
C TYR A 156 -39.43 12.34 6.87
N PHE A 157 -39.07 11.07 7.06
CA PHE A 157 -38.27 10.32 6.09
C PHE A 157 -39.12 9.70 4.97
N LYS A 158 -40.36 9.27 5.30
CA LYS A 158 -41.24 8.62 4.33
C LYS A 158 -42.02 9.57 3.43
N THR A 159 -42.33 10.76 3.93
CA THR A 159 -43.12 11.76 3.19
C THR A 159 -42.30 12.34 2.05
N PRO A 160 -42.88 12.44 0.84
CA PRO A 160 -42.13 13.03 -0.29
C PRO A 160 -41.57 14.42 0.01
N PHE A 161 -40.34 14.72 -0.49
CA PHE A 161 -39.64 15.99 -0.31
C PHE A 161 -40.51 17.23 -0.44
N LYS A 162 -41.32 17.31 -1.51
CA LYS A 162 -42.18 18.44 -1.80
C LYS A 162 -43.17 18.71 -0.66
N ASP A 163 -43.68 17.64 -0.03
CA ASP A 163 -44.64 17.77 1.06
C ASP A 163 -43.98 18.14 2.39
N VAL A 164 -42.69 17.81 2.56
CA VAL A 164 -41.92 18.20 3.76
C VAL A 164 -41.52 19.67 3.64
N LEU A 165 -41.04 20.07 2.44
CA LEU A 165 -40.65 21.45 2.18
C LEU A 165 -41.85 22.38 2.28
N ALA A 166 -43.06 21.91 1.91
CA ALA A 166 -44.27 22.72 2.02
C ALA A 166 -44.55 23.16 3.46
N LYS A 167 -44.07 22.41 4.46
CA LYS A 167 -44.28 22.76 5.86
C LYS A 167 -43.38 23.91 6.35
N ILE A 168 -42.32 24.25 5.61
CA ILE A 168 -41.43 25.35 6.01
C ILE A 168 -42.03 26.71 5.59
N PRO A 169 -42.01 27.74 6.45
CA PRO A 169 -42.56 29.05 6.03
C PRO A 169 -41.93 29.58 4.75
N GLU A 170 -42.72 30.18 3.86
CA GLU A 170 -42.26 30.70 2.56
C GLU A 170 -41.07 31.67 2.69
N LYS A 171 -41.11 32.54 3.70
CA LYS A 171 -40.05 33.51 3.94
C LYS A 171 -38.70 32.87 4.21
N HIS A 172 -38.67 31.59 4.62
CA HIS A 172 -37.43 30.89 4.94
C HIS A 172 -37.29 29.57 4.16
N LYS A 173 -37.94 29.44 2.99
CA LYS A 173 -37.86 28.21 2.20
C LYS A 173 -36.43 27.89 1.78
N THR A 174 -35.61 28.93 1.52
CA THR A 174 -34.25 28.73 1.07
C THR A 174 -33.18 29.07 2.14
N LEU A 175 -33.58 29.21 3.41
CA LEU A 175 -32.63 29.46 4.49
C LEU A 175 -31.89 28.13 4.75
N GLY A 176 -30.58 28.11 4.52
CA GLY A 176 -29.78 26.89 4.63
C GLY A 176 -29.31 26.54 6.02
N VAL A 177 -28.24 27.20 6.48
CA VAL A 177 -27.64 26.99 7.80
C VAL A 177 -27.63 28.36 8.48
N ALA A 178 -28.45 28.53 9.52
CA ALA A 178 -28.67 29.76 10.25
C ALA A 178 -27.92 29.80 11.61
N CYS A 179 -27.92 30.95 12.32
CA CYS A 179 -27.27 31.09 13.63
C CYS A 179 -27.82 30.07 14.63
N ILE A 180 -29.13 29.81 14.61
CA ILE A 180 -29.78 28.84 15.50
C ILE A 180 -29.22 27.38 15.36
N ASP A 181 -28.58 27.02 14.22
CA ASP A 181 -28.02 25.69 14.02
C ASP A 181 -26.71 25.47 14.79
N CYS A 182 -25.99 26.54 15.13
CA CYS A 182 -24.71 26.46 15.84
C CYS A 182 -24.68 27.13 17.18
N HIS A 183 -25.58 28.09 17.43
CA HIS A 183 -25.56 28.89 18.64
C HIS A 183 -26.76 28.76 19.54
N ASP A 184 -26.51 28.84 20.85
CA ASP A 184 -27.57 28.90 21.84
C ASP A 184 -27.94 30.39 21.87
N ASN A 185 -29.21 30.72 21.67
CA ASN A 185 -29.66 32.12 21.61
C ASN A 185 -29.47 32.92 22.91
N LYS A 186 -29.38 32.22 24.04
CA LYS A 186 -29.23 32.90 25.32
C LYS A 186 -27.83 33.47 25.57
N ASP A 187 -26.77 32.70 25.29
CA ASP A 187 -25.41 33.16 25.56
C ASP A 187 -24.43 33.07 24.39
N MET A 188 -24.94 32.68 23.20
CA MET A 188 -24.14 32.52 21.98
C MET A 188 -23.08 31.41 22.06
N SER A 189 -23.19 30.53 23.08
CA SER A 189 -22.28 29.39 23.18
C SER A 189 -22.66 28.39 22.08
N LEU A 190 -21.68 27.59 21.63
CA LEU A 190 -21.92 26.60 20.58
C LEU A 190 -22.83 25.51 21.07
N ARG A 191 -23.72 25.04 20.20
CA ARG A 191 -24.68 24.01 20.54
C ARG A 191 -24.84 23.00 19.42
N ILE A 192 -25.43 21.85 19.74
CA ILE A 192 -25.73 20.84 18.77
C ILE A 192 -27.22 20.90 18.51
N SER A 193 -27.60 21.49 17.38
CA SER A 193 -29.00 21.54 16.96
C SER A 193 -29.43 20.16 16.40
N ARG A 194 -28.47 19.38 15.85
CA ARG A 194 -28.73 18.09 15.24
C ARG A 194 -28.67 16.93 16.22
N GLY A 195 -29.60 16.90 17.16
CA GLY A 195 -29.65 15.83 18.13
C GLY A 195 -30.03 14.48 17.52
N PHE A 196 -30.91 14.46 16.51
CA PHE A 196 -31.35 13.20 15.91
C PHE A 196 -30.31 12.54 15.00
N THR A 197 -29.25 13.27 14.64
CA THR A 197 -28.17 12.72 13.82
C THR A 197 -26.86 12.74 14.64
N LEU A 198 -26.26 13.93 14.89
CA LEU A 198 -25.01 14.00 15.65
C LEU A 198 -25.16 13.57 17.11
N GLY A 199 -26.23 13.96 17.77
CA GLY A 199 -26.47 13.56 19.15
C GLY A 199 -26.52 12.05 19.31
N GLU A 200 -27.16 11.37 18.35
CA GLU A 200 -27.24 9.92 18.33
C GLU A 200 -25.89 9.28 18.02
N ALA A 201 -25.13 9.84 17.06
CA ALA A 201 -23.81 9.35 16.70
C ALA A 201 -22.77 9.51 17.84
N LEU A 202 -22.88 10.56 18.66
CA LEU A 202 -21.99 10.77 19.81
C LEU A 202 -22.21 9.69 20.88
N LYS A 203 -23.46 9.24 21.05
CA LYS A 203 -23.77 8.15 21.96
C LYS A 203 -23.08 6.87 21.50
N LYS A 204 -22.99 6.62 20.18
CA LYS A 204 -22.32 5.48 19.56
C LYS A 204 -20.81 5.50 19.84
N LEU A 205 -20.22 6.70 19.86
CA LEU A 205 -18.80 6.91 20.17
C LEU A 205 -18.48 6.76 21.67
N GLY A 206 -19.51 6.72 22.52
CA GLY A 206 -19.36 6.69 23.96
C GLY A 206 -19.05 8.06 24.53
N VAL A 207 -19.49 9.13 23.83
CA VAL A 207 -19.22 10.50 24.24
C VAL A 207 -20.36 11.08 25.06
N ASP A 208 -20.01 11.66 26.23
CA ASP A 208 -20.94 12.38 27.08
C ASP A 208 -20.96 13.79 26.51
N GLN A 209 -22.04 14.14 25.81
CA GLN A 209 -22.25 15.44 25.16
C GLN A 209 -22.16 16.61 26.16
N ALA A 210 -22.51 16.39 27.43
CA ALA A 210 -22.47 17.44 28.46
C ALA A 210 -21.04 17.79 28.89
N LYS A 211 -20.09 16.88 28.71
CA LYS A 211 -18.70 17.10 29.10
C LYS A 211 -17.81 17.61 27.96
N LEU A 212 -18.39 17.98 26.81
CA LEU A 212 -17.60 18.45 25.67
C LEU A 212 -16.99 19.82 25.95
N SER A 213 -15.73 20.02 25.58
CA SER A 213 -15.06 21.30 25.79
C SER A 213 -15.39 22.26 24.62
N ARG A 214 -15.05 23.54 24.78
CA ARG A 214 -15.27 24.57 23.75
C ARG A 214 -14.44 24.23 22.50
N GLN A 215 -13.22 23.70 22.68
CA GLN A 215 -12.35 23.28 21.59
C GLN A 215 -12.95 22.11 20.81
N GLU A 216 -13.55 21.14 21.52
CA GLU A 216 -14.19 20.01 20.86
C GLU A 216 -15.39 20.48 20.06
N MET A 217 -16.16 21.42 20.62
CA MET A 217 -17.32 22.00 19.95
C MET A 217 -16.93 22.80 18.71
N ARG A 218 -15.70 23.34 18.65
CA ARG A 218 -15.22 24.07 17.48
C ARG A 218 -15.06 23.19 16.22
N SER A 219 -15.10 21.84 16.36
CA SER A 219 -15.15 20.93 15.23
C SER A 219 -16.49 20.19 15.23
N LEU A 220 -17.03 19.82 16.41
CA LEU A 220 -18.30 19.09 16.48
C LEU A 220 -19.49 19.89 15.96
N VAL A 221 -19.45 21.21 16.06
CA VAL A 221 -20.53 22.05 15.51
C VAL A 221 -20.56 21.90 13.95
N CYS A 222 -19.42 21.59 13.31
CA CYS A 222 -19.33 21.32 11.88
C CYS A 222 -19.73 19.89 11.57
N ALA A 223 -19.34 18.94 12.45
CA ALA A 223 -19.65 17.52 12.42
C ALA A 223 -21.17 17.22 12.46
N GLN A 224 -22.01 18.25 12.67
CA GLN A 224 -23.46 18.08 12.59
C GLN A 224 -23.83 17.73 11.13
N CYS A 225 -23.06 18.21 10.14
CA CYS A 225 -23.38 18.00 8.72
C CYS A 225 -22.22 17.52 7.87
N HIS A 226 -20.99 17.90 8.20
CA HIS A 226 -19.81 17.58 7.40
C HIS A 226 -19.21 16.23 7.77
N VAL A 227 -20.04 15.18 7.62
CA VAL A 227 -19.76 13.79 7.98
C VAL A 227 -20.44 12.85 6.97
N THR A 228 -20.14 11.54 7.04
CA THR A 228 -20.83 10.56 6.22
C THR A 228 -22.13 10.11 6.91
N TYR A 229 -23.10 9.73 6.12
CA TYR A 229 -24.39 9.27 6.63
C TYR A 229 -24.93 8.16 5.77
N ASN A 230 -25.88 7.38 6.32
CA ASN A 230 -26.54 6.29 5.60
C ASN A 230 -28.03 6.42 5.75
N ILE A 231 -28.76 6.03 4.70
CA ILE A 231 -30.20 6.08 4.72
C ILE A 231 -30.82 4.68 4.75
N PRO A 232 -31.29 4.24 5.93
CA PRO A 232 -32.00 2.96 5.99
C PRO A 232 -33.31 3.04 5.19
N LYS A 233 -33.62 1.99 4.44
CA LYS A 233 -34.79 1.95 3.59
C LYS A 233 -35.69 0.76 3.95
N ASP A 234 -37.03 0.92 3.79
CA ASP A 234 -37.93 -0.19 4.02
C ASP A 234 -38.09 -1.04 2.72
N ALA A 235 -38.96 -2.06 2.74
CA ALA A 235 -39.21 -2.95 1.59
C ALA A 235 -39.72 -2.22 0.34
N ASP A 236 -40.43 -1.10 0.54
CA ASP A 236 -40.98 -0.29 -0.56
C ASP A 236 -40.04 0.82 -1.04
N LYS A 237 -38.73 0.72 -0.70
CA LYS A 237 -37.66 1.66 -1.02
C LYS A 237 -37.87 3.07 -0.49
N LYS A 238 -38.67 3.21 0.57
CA LYS A 238 -38.86 4.52 1.20
C LYS A 238 -37.81 4.70 2.29
N SER A 239 -37.37 5.93 2.50
CA SER A 239 -36.39 6.22 3.54
C SER A 239 -37.07 6.10 4.90
N ILE A 240 -36.43 5.41 5.86
CA ILE A 240 -37.02 5.26 7.20
C ILE A 240 -36.16 5.87 8.32
N GLY A 241 -35.09 6.58 7.95
CA GLY A 241 -34.20 7.23 8.88
C GLY A 241 -32.95 7.76 8.21
N VAL A 242 -32.01 8.19 9.04
CA VAL A 242 -30.70 8.68 8.62
C VAL A 242 -29.78 8.55 9.85
N TYR A 243 -28.56 8.05 9.63
CA TYR A 243 -27.62 7.92 10.72
C TYR A 243 -26.16 8.03 10.26
N PHE A 244 -25.27 8.45 11.17
CA PHE A 244 -23.85 8.52 10.87
C PHE A 244 -23.30 7.16 11.30
N PRO A 245 -22.60 6.43 10.40
CA PRO A 245 -22.14 5.08 10.74
C PRO A 245 -20.93 5.06 11.68
N TRP A 246 -21.12 5.56 12.91
CA TRP A 246 -20.07 5.69 13.91
C TRP A 246 -20.07 4.59 14.97
N GLN A 247 -20.87 3.53 14.79
CA GLN A 247 -20.93 2.38 15.68
C GLN A 247 -19.54 1.71 15.73
N GLY A 248 -19.04 1.46 16.94
CA GLY A 248 -17.74 0.83 17.10
C GLY A 248 -16.55 1.76 17.09
N SER A 249 -16.77 3.04 16.73
CA SER A 249 -15.70 4.04 16.70
C SER A 249 -15.60 4.80 18.05
N LYS A 250 -14.54 5.60 18.19
CA LYS A 250 -14.28 6.45 19.36
C LYS A 250 -13.86 7.83 18.83
N MET A 251 -13.86 8.84 19.71
CA MET A 251 -13.42 10.20 19.43
C MET A 251 -11.94 10.14 19.01
N GLY A 252 -11.60 10.78 17.91
CA GLY A 252 -10.24 10.75 17.39
C GLY A 252 -9.93 9.51 16.56
N ASN A 253 -10.91 8.61 16.37
CA ASN A 253 -10.69 7.39 15.60
C ASN A 253 -11.96 6.82 14.96
N ILE A 254 -12.57 7.58 14.03
CA ILE A 254 -13.74 7.12 13.30
C ILE A 254 -13.15 6.67 11.97
N SER A 255 -12.65 5.43 11.97
CA SER A 255 -11.95 4.88 10.83
C SER A 255 -12.85 4.37 9.72
N VAL A 256 -12.30 4.29 8.50
CA VAL A 256 -13.00 3.73 7.36
C VAL A 256 -13.29 2.22 7.63
N GLU A 257 -12.41 1.52 8.37
CA GLU A 257 -12.62 0.12 8.72
C GLU A 257 -13.95 -0.04 9.49
N ASN A 258 -14.15 0.79 10.50
CA ASN A 258 -15.35 0.75 11.31
C ASN A 258 -16.60 1.17 10.55
N ILE A 259 -16.49 2.23 9.71
CA ILE A 259 -17.60 2.68 8.88
C ILE A 259 -18.02 1.55 7.91
N ILE A 260 -17.06 0.95 7.19
CA ILE A 260 -17.33 -0.14 6.24
C ILE A 260 -17.96 -1.33 6.96
N LYS A 261 -17.43 -1.69 8.14
CA LYS A 261 -17.99 -2.80 8.92
C LYS A 261 -19.46 -2.54 9.27
N GLN A 262 -19.79 -1.29 9.61
CA GLN A 262 -21.16 -0.90 9.89
C GLN A 262 -22.06 -1.01 8.65
N ILE A 263 -21.63 -0.42 7.52
CA ILE A 263 -22.40 -0.46 6.28
C ILE A 263 -22.66 -1.91 5.83
N ARG A 264 -21.62 -2.75 5.84
CA ARG A 264 -21.75 -4.14 5.41
C ARG A 264 -22.60 -4.99 6.35
N SER A 265 -22.79 -4.57 7.60
CA SER A 265 -23.63 -5.32 8.55
C SER A 265 -25.11 -4.88 8.51
N ASP A 266 -25.43 -3.74 7.88
CA ASP A 266 -26.79 -3.23 7.87
C ASP A 266 -27.44 -3.39 6.51
N ALA A 267 -28.25 -4.44 6.31
CA ALA A 267 -28.90 -4.69 5.04
C ALA A 267 -29.86 -3.58 4.61
N SER A 268 -30.39 -2.80 5.57
CA SER A 268 -31.32 -1.73 5.26
C SER A 268 -30.69 -0.53 4.58
N VAL A 269 -29.35 -0.38 4.63
CA VAL A 269 -28.71 0.77 4.00
C VAL A 269 -28.19 0.44 2.56
N GLY A 270 -28.75 -0.58 1.92
CA GLY A 270 -28.48 -0.87 0.51
C GLY A 270 -29.31 0.16 -0.24
N GLU A 271 -28.69 1.27 -0.61
CA GLU A 271 -29.42 2.36 -1.25
C GLU A 271 -29.48 2.30 -2.76
N TRP A 272 -28.67 1.47 -3.39
CA TRP A 272 -28.62 1.43 -4.84
C TRP A 272 -28.08 0.11 -5.33
N THR A 273 -28.22 -0.13 -6.63
CA THR A 273 -27.64 -1.29 -7.27
C THR A 273 -26.59 -0.77 -8.22
N GLN A 274 -25.35 -1.24 -8.06
CA GLN A 274 -24.27 -0.86 -8.95
C GLN A 274 -24.48 -1.64 -10.23
N THR A 275 -24.73 -0.96 -11.34
CA THR A 275 -25.03 -1.59 -12.63
C THR A 275 -23.97 -2.56 -13.19
N VAL A 276 -22.68 -2.21 -13.14
CA VAL A 276 -21.65 -3.07 -13.71
C VAL A 276 -21.60 -4.46 -13.03
N THR A 277 -21.80 -4.55 -11.70
CA THR A 277 -21.74 -5.82 -10.99
C THR A 277 -23.11 -6.41 -10.62
N GLY A 278 -24.16 -5.59 -10.61
CA GLY A 278 -25.47 -6.00 -10.12
C GLY A 278 -25.54 -6.05 -8.60
N PHE A 279 -24.50 -5.59 -7.87
CA PHE A 279 -24.48 -5.64 -6.40
C PHE A 279 -25.26 -4.52 -5.73
N LYS A 280 -26.00 -4.86 -4.66
CA LYS A 280 -26.69 -3.84 -3.86
C LYS A 280 -25.64 -3.30 -2.89
N LEU A 281 -25.41 -1.97 -2.93
CA LEU A 281 -24.38 -1.37 -2.09
C LEU A 281 -24.92 -0.20 -1.28
N GLY A 282 -24.15 0.20 -0.29
CA GLY A 282 -24.36 1.42 0.46
C GLY A 282 -23.52 2.53 -0.17
N PHE A 283 -23.40 3.66 0.51
CA PHE A 283 -22.59 4.78 -0.01
C PHE A 283 -21.97 5.58 1.13
N ILE A 284 -20.96 6.37 0.81
CA ILE A 284 -20.27 7.23 1.76
C ILE A 284 -20.29 8.68 1.22
N ARG A 285 -20.58 9.68 2.06
CA ARG A 285 -20.62 11.08 1.62
C ARG A 285 -19.66 11.90 2.44
N HIS A 286 -18.99 12.91 1.85
CA HIS A 286 -18.15 13.92 2.56
C HIS A 286 -17.75 13.58 4.02
N PRO A 287 -16.91 12.56 4.26
CA PRO A 287 -16.55 12.21 5.63
C PRO A 287 -15.44 13.09 6.21
N GLU A 288 -15.65 14.41 6.19
CA GLU A 288 -14.67 15.42 6.58
C GLU A 288 -14.27 15.42 8.03
N TYR A 289 -15.23 15.37 8.96
CA TYR A 289 -14.89 15.29 10.39
C TYR A 289 -14.17 13.94 10.69
N GLU A 290 -14.66 12.83 10.12
CA GLU A 290 -14.08 11.51 10.31
C GLU A 290 -12.62 11.49 9.81
N LEU A 291 -12.38 12.00 8.57
CA LEU A 291 -11.03 12.03 8.04
C LEU A 291 -10.13 12.96 8.86
N PHE A 292 -10.57 14.21 9.07
CA PHE A 292 -9.80 15.20 9.83
C PHE A 292 -9.45 14.74 11.24
N SER A 293 -10.44 14.30 12.02
CA SER A 293 -10.21 13.91 13.41
C SER A 293 -9.50 12.58 13.61
N ASN A 294 -9.21 11.83 12.56
CA ASN A 294 -8.53 10.54 12.69
C ASN A 294 -7.04 10.70 12.85
N ASN A 295 -6.63 11.34 13.96
CA ASN A 295 -5.23 11.53 14.28
C ASN A 295 -4.45 12.26 13.21
N SER A 296 -5.08 13.22 12.51
CA SER A 296 -4.37 13.96 11.48
C SER A 296 -3.32 14.90 12.07
N VAL A 297 -2.43 15.41 11.21
CA VAL A 297 -1.42 16.38 11.63
C VAL A 297 -2.06 17.60 12.33
N HIS A 298 -3.08 18.21 11.70
CA HIS A 298 -3.71 19.40 12.28
C HIS A 298 -4.59 19.08 13.49
N TRP A 299 -5.20 17.90 13.54
CA TRP A 299 -5.97 17.47 14.71
C TRP A 299 -5.03 17.33 15.91
N LYS A 300 -3.86 16.67 15.73
CA LYS A 300 -2.87 16.51 16.80
C LYS A 300 -2.27 17.85 17.22
N ALA A 301 -2.10 18.78 16.26
CA ALA A 301 -1.61 20.15 16.52
C ALA A 301 -2.61 21.00 17.32
N GLY A 302 -3.81 20.48 17.57
CA GLY A 302 -4.83 21.18 18.34
C GLY A 302 -5.72 22.09 17.52
N ALA A 303 -5.64 22.00 16.17
CA ALA A 303 -6.51 22.83 15.33
C ALA A 303 -7.93 22.27 15.28
N ALA A 304 -8.90 23.16 15.24
CA ALA A 304 -10.30 22.79 15.04
C ALA A 304 -10.70 23.23 13.60
N CYS A 305 -11.87 22.83 13.07
CA CYS A 305 -12.32 23.27 11.73
C CYS A 305 -12.25 24.80 11.59
N THR A 306 -12.67 25.50 12.64
CA THR A 306 -12.76 26.94 12.67
C THR A 306 -11.42 27.65 12.58
N ASP A 307 -10.32 27.02 13.02
CA ASP A 307 -9.00 27.64 12.89
C ASP A 307 -8.66 27.93 11.43
N CYS A 308 -9.09 27.04 10.50
CA CYS A 308 -8.86 27.27 9.09
C CYS A 308 -10.05 27.87 8.34
N HIS A 309 -11.26 27.47 8.73
CA HIS A 309 -12.45 27.89 7.99
C HIS A 309 -13.20 29.09 8.57
N MET A 310 -13.00 29.43 9.84
CA MET A 310 -13.58 30.60 10.50
C MET A 310 -12.49 31.31 11.33
N PRO A 311 -11.36 31.72 10.70
CA PRO A 311 -10.26 32.31 11.48
C PRO A 311 -10.61 33.65 12.10
N TYR A 312 -9.90 33.98 13.19
CA TYR A 312 -10.07 35.23 13.93
C TYR A 312 -9.41 36.39 13.20
N THR A 313 -9.87 37.60 13.52
CA THR A 313 -9.36 38.85 12.99
C THR A 313 -9.16 39.87 14.13
N VAL A 320 -12.57 38.93 15.65
CA VAL A 320 -13.82 38.16 15.50
C VAL A 320 -13.68 36.97 14.53
N SER A 321 -14.47 35.91 14.78
CA SER A 321 -14.49 34.72 13.93
C SER A 321 -15.17 35.02 12.60
N ASP A 322 -14.48 34.78 11.51
CA ASP A 322 -14.98 35.03 10.17
C ASP A 322 -16.12 34.08 9.79
N HIS A 323 -17.33 34.61 9.66
CA HIS A 323 -18.50 33.80 9.29
C HIS A 323 -18.68 33.64 7.79
N ARG A 324 -17.70 34.03 6.97
CA ARG A 324 -17.75 33.76 5.53
C ARG A 324 -17.23 32.32 5.33
N VAL A 325 -17.90 31.48 4.50
CA VAL A 325 -17.40 30.12 4.26
C VAL A 325 -16.33 30.11 3.16
N MET A 326 -15.46 31.12 3.18
CA MET A 326 -14.36 31.33 2.25
C MET A 326 -13.24 30.26 2.39
N SER A 327 -12.50 30.05 1.30
CA SER A 327 -11.39 29.09 1.23
C SER A 327 -10.24 29.49 2.14
N PRO A 328 -9.71 28.55 2.95
CA PRO A 328 -8.55 28.87 3.77
C PRO A 328 -7.31 29.25 2.96
N LEU A 329 -7.29 28.94 1.67
CA LEU A 329 -6.19 29.27 0.79
C LEU A 329 -6.26 30.68 0.22
N LYS A 330 -7.34 31.44 0.50
CA LYS A 330 -7.48 32.81 0.03
C LYS A 330 -6.92 33.83 1.05
N ASN A 331 -6.87 35.13 0.67
CA ASN A 331 -6.36 36.21 1.51
C ASN A 331 -4.88 36.03 1.85
N ASP A 332 -4.08 35.56 0.86
CA ASP A 332 -2.66 35.29 1.03
C ASP A 332 -2.37 34.36 2.22
N MET A 333 -3.17 33.28 2.34
CA MET A 333 -3.08 32.24 3.37
C MET A 333 -3.10 32.79 4.82
N LYS A 334 -3.94 33.80 5.10
CA LYS A 334 -3.99 34.38 6.45
C LYS A 334 -4.35 33.36 7.54
N ALA A 335 -5.29 32.43 7.30
CA ALA A 335 -5.66 31.43 8.31
C ALA A 335 -4.45 30.56 8.75
N CYS A 336 -3.56 30.26 7.80
CA CYS A 336 -2.36 29.45 7.99
C CYS A 336 -1.26 30.20 8.73
N ILE A 337 -0.96 31.45 8.29
CA ILE A 337 0.07 32.37 8.84
C ILE A 337 -0.12 32.62 10.36
N GLN A 338 -1.28 32.26 10.93
CA GLN A 338 -1.52 32.39 12.37
C GLN A 338 -0.64 31.37 13.13
N CYS A 339 -0.27 30.20 12.50
CA CYS A 339 0.59 29.18 13.09
C CYS A 339 1.90 29.05 12.31
N HIS A 340 1.84 29.18 10.98
CA HIS A 340 2.99 28.95 10.12
C HIS A 340 3.92 30.10 9.88
N THR A 341 5.23 29.82 9.95
CA THR A 341 6.28 30.81 9.68
C THR A 341 6.78 30.81 8.22
N GLU A 342 6.41 29.79 7.44
CA GLU A 342 6.81 29.66 6.06
C GLU A 342 6.07 30.63 5.15
N LYS A 343 6.69 30.96 4.00
CA LYS A 343 6.12 31.81 2.95
C LYS A 343 4.76 31.24 2.51
N PRO A 344 3.74 32.09 2.27
CA PRO A 344 2.44 31.58 1.77
C PRO A 344 2.59 30.77 0.48
N GLU A 345 3.58 31.09 -0.38
CA GLU A 345 3.80 30.34 -1.60
C GLU A 345 4.28 28.91 -1.28
N TRP A 346 5.09 28.75 -0.22
CA TRP A 346 5.54 27.43 0.19
C TRP A 346 4.36 26.62 0.66
N LEU A 347 3.46 27.23 1.45
CA LEU A 347 2.29 26.58 1.95
C LEU A 347 1.34 26.18 0.83
N ARG A 348 1.16 27.05 -0.20
CA ARG A 348 0.29 26.76 -1.35
C ARG A 348 0.84 25.52 -2.08
N ASP A 349 2.16 25.51 -2.31
CA ASP A 349 2.84 24.42 -2.98
C ASP A 349 2.77 23.11 -2.21
N GLN A 350 2.71 23.16 -0.87
CA GLN A 350 2.56 21.95 -0.09
C GLN A 350 1.15 21.37 -0.25
N VAL A 351 0.09 22.23 -0.27
CA VAL A 351 -1.29 21.77 -0.46
C VAL A 351 -1.42 21.13 -1.82
N ILE A 352 -0.82 21.74 -2.84
CA ILE A 352 -0.83 21.21 -4.20
C ILE A 352 -0.13 19.85 -4.27
N ALA A 353 1.01 19.69 -3.59
CA ALA A 353 1.73 18.42 -3.58
C ALA A 353 0.91 17.32 -2.88
N ILE A 354 0.16 17.67 -1.82
CA ILE A 354 -0.68 16.71 -1.10
C ILE A 354 -1.84 16.29 -2.00
N GLN A 355 -2.49 17.28 -2.60
CA GLN A 355 -3.64 17.03 -3.48
C GLN A 355 -3.23 16.24 -4.73
N ASP A 356 -2.07 16.54 -5.33
CA ASP A 356 -1.58 15.80 -6.51
C ASP A 356 -1.28 14.34 -6.16
N ARG A 357 -0.71 14.10 -4.96
CA ARG A 357 -0.41 12.76 -4.45
C ARG A 357 -1.73 12.00 -4.24
N THR A 358 -2.74 12.66 -3.64
CA THR A 358 -4.03 12.02 -3.39
C THR A 358 -4.75 11.70 -4.69
N VAL A 359 -4.72 12.61 -5.67
CA VAL A 359 -5.34 12.38 -6.97
C VAL A 359 -4.67 11.18 -7.67
N SER A 360 -3.35 11.10 -7.58
CA SER A 360 -2.57 10.02 -8.15
C SER A 360 -3.02 8.66 -7.58
N LEU A 361 -3.19 8.59 -6.25
CA LEU A 361 -3.64 7.37 -5.61
C LEU A 361 -5.11 7.07 -5.87
N MET A 362 -5.95 8.10 -6.10
CA MET A 362 -7.36 7.95 -6.43
C MET A 362 -7.49 7.27 -7.79
N LEU A 363 -6.66 7.66 -8.76
CA LEU A 363 -6.68 7.07 -10.09
C LEU A 363 -6.14 5.66 -10.05
N ARG A 364 -5.03 5.40 -9.31
CA ARG A 364 -4.52 4.04 -9.18
C ARG A 364 -5.57 3.10 -8.58
N SER A 365 -6.08 3.43 -7.40
CA SER A 365 -7.05 2.60 -6.71
C SER A 365 -8.39 2.51 -7.42
N GLY A 366 -8.81 3.60 -8.09
CA GLY A 366 -10.06 3.66 -8.85
C GLY A 366 -10.01 2.81 -10.09
N TYR A 367 -8.91 2.88 -10.84
CA TYR A 367 -8.76 2.03 -12.04
C TYR A 367 -8.58 0.58 -11.64
N ALA A 368 -7.94 0.29 -10.47
CA ALA A 368 -7.79 -1.08 -10.01
C ALA A 368 -9.16 -1.65 -9.59
N THR A 369 -9.99 -0.84 -8.91
CA THR A 369 -11.34 -1.22 -8.47
C THR A 369 -12.28 -1.37 -9.68
N ALA A 370 -12.15 -0.49 -10.68
CA ALA A 370 -12.97 -0.60 -11.90
C ALA A 370 -12.61 -1.89 -12.65
N THR A 371 -11.32 -2.30 -12.64
CA THR A 371 -10.89 -3.52 -13.30
C THR A 371 -11.62 -4.74 -12.67
N VAL A 372 -11.69 -4.79 -11.34
CA VAL A 372 -12.39 -5.86 -10.63
C VAL A 372 -13.85 -5.89 -10.99
N ALA A 373 -14.55 -4.71 -10.94
CA ALA A 373 -15.95 -4.61 -11.31
C ALA A 373 -16.18 -5.11 -12.75
N LYS A 374 -15.28 -4.75 -13.67
CA LYS A 374 -15.40 -5.18 -15.06
C LYS A 374 -15.22 -6.70 -15.17
N LEU A 375 -14.37 -7.30 -14.32
CA LEU A 375 -14.18 -8.74 -14.30
C LEU A 375 -15.39 -9.47 -13.71
N PHE A 376 -16.12 -8.85 -12.76
CA PHE A 376 -17.37 -9.41 -12.22
C PHE A 376 -18.41 -9.43 -13.34
N GLU A 377 -18.48 -8.36 -14.15
CA GLU A 377 -19.36 -8.30 -15.29
C GLU A 377 -19.04 -9.42 -16.29
N LYS A 378 -17.73 -9.72 -16.53
CA LYS A 378 -17.34 -10.84 -17.43
C LYS A 378 -17.71 -12.16 -16.82
N ALA A 379 -17.54 -12.31 -15.49
CA ALA A 379 -17.87 -13.53 -14.79
C ALA A 379 -19.38 -13.80 -14.86
N HIS A 380 -20.21 -12.75 -14.73
CA HIS A 380 -21.67 -12.90 -14.83
C HIS A 380 -22.11 -13.27 -16.24
N ALA A 381 -21.47 -12.66 -17.26
CA ALA A 381 -21.78 -13.00 -18.63
C ALA A 381 -21.36 -14.44 -18.93
N ALA A 382 -20.27 -14.94 -18.30
CA ALA A 382 -19.84 -16.32 -18.48
C ALA A 382 -20.86 -17.27 -17.84
N GLN A 383 -21.37 -16.92 -16.63
CA GLN A 383 -22.39 -17.73 -15.97
C GLN A 383 -23.67 -17.79 -16.80
N ALA A 384 -24.06 -16.66 -17.43
CA ALA A 384 -25.26 -16.60 -18.30
C ALA A 384 -25.14 -17.50 -19.53
N GLN A 385 -23.90 -17.84 -19.94
CA GLN A 385 -23.62 -18.78 -21.04
C GLN A 385 -23.51 -20.23 -20.57
N GLY A 386 -23.71 -20.51 -19.31
CA GLY A 386 -23.63 -21.87 -18.79
C GLY A 386 -22.25 -22.27 -18.32
N LYS A 387 -21.29 -21.32 -18.28
CA LYS A 387 -19.95 -21.63 -17.79
C LYS A 387 -19.94 -21.55 -16.26
N GLN A 388 -19.23 -22.45 -15.58
CA GLN A 388 -19.20 -22.44 -14.12
C GLN A 388 -18.05 -21.57 -13.66
N ILE A 389 -18.35 -20.65 -12.76
CA ILE A 389 -17.35 -19.79 -12.17
C ILE A 389 -17.14 -20.33 -10.76
N ASP A 390 -15.88 -20.67 -10.39
CA ASP A 390 -15.51 -21.19 -9.07
C ASP A 390 -16.05 -20.29 -7.95
N LYS A 391 -16.97 -20.85 -7.13
CA LYS A 391 -17.65 -20.15 -6.03
C LYS A 391 -16.68 -19.60 -4.97
N ALA A 392 -15.67 -20.38 -4.57
CA ALA A 392 -14.72 -19.97 -3.57
C ALA A 392 -13.91 -18.74 -4.01
N LEU A 393 -13.48 -18.73 -5.28
CA LEU A 393 -12.73 -17.62 -5.84
C LEU A 393 -13.62 -16.38 -5.97
N TYR A 394 -14.84 -16.58 -6.46
CA TYR A 394 -15.80 -15.51 -6.63
C TYR A 394 -16.18 -14.85 -5.27
N ASP A 395 -16.52 -15.66 -4.25
CA ASP A 395 -16.93 -15.09 -2.96
C ASP A 395 -15.84 -14.30 -2.30
N ARG A 396 -14.61 -14.79 -2.37
CA ARG A 396 -13.49 -14.09 -1.75
C ARG A 396 -13.22 -12.77 -2.49
N ALA A 397 -13.29 -12.81 -3.84
CA ALA A 397 -13.10 -11.63 -4.66
C ALA A 397 -14.17 -10.57 -4.36
N LYS A 398 -15.43 -10.98 -4.12
CA LYS A 398 -16.50 -10.02 -3.84
C LYS A 398 -16.29 -9.34 -2.51
N ASP A 399 -15.90 -10.10 -1.51
CA ASP A 399 -15.64 -9.59 -0.18
C ASP A 399 -14.47 -8.55 -0.22
N LEU A 400 -13.38 -8.86 -0.94
CA LEU A 400 -12.25 -7.96 -1.11
C LEU A 400 -12.63 -6.72 -1.93
N TYR A 401 -13.44 -6.91 -2.97
CA TYR A 401 -13.90 -5.85 -3.86
C TYR A 401 -14.67 -4.77 -3.10
N GLU A 402 -15.60 -5.18 -2.22
CA GLU A 402 -16.36 -4.21 -1.44
C GLU A 402 -15.47 -3.42 -0.51
N GLU A 403 -14.41 -4.05 0.02
CA GLU A 403 -13.44 -3.36 0.86
C GLU A 403 -12.70 -2.26 0.06
N ALA A 404 -12.36 -2.56 -1.20
CA ALA A 404 -11.69 -1.62 -2.09
C ALA A 404 -12.65 -0.47 -2.51
N PHE A 405 -13.89 -0.81 -2.91
CA PHE A 405 -14.88 0.12 -3.40
C PHE A 405 -15.21 1.21 -2.37
N TYR A 406 -15.54 0.80 -1.14
CA TYR A 406 -15.89 1.77 -0.10
C TYR A 406 -14.73 2.71 0.25
N ARG A 407 -13.48 2.25 0.12
CA ARG A 407 -12.30 3.08 0.39
C ARG A 407 -12.08 4.13 -0.72
N CYS A 408 -12.40 3.79 -1.99
CA CYS A 408 -12.32 4.71 -3.12
C CYS A 408 -13.33 5.84 -2.88
N VAL A 409 -14.58 5.49 -2.48
CA VAL A 409 -15.63 6.47 -2.23
C VAL A 409 -15.26 7.33 -1.02
N PHE A 410 -14.79 6.71 0.07
CA PHE A 410 -14.41 7.43 1.28
C PHE A 410 -13.45 8.62 1.02
N ILE A 411 -12.31 8.39 0.34
CA ILE A 411 -11.38 9.47 0.06
C ILE A 411 -11.85 10.34 -1.09
N GLY A 412 -12.43 9.73 -2.11
CA GLY A 412 -12.93 10.42 -3.28
C GLY A 412 -14.00 11.45 -3.00
N ALA A 413 -14.89 11.14 -2.07
CA ALA A 413 -16.01 12.02 -1.67
C ALA A 413 -15.59 13.11 -0.69
N GLU A 414 -14.35 13.07 -0.17
CA GLU A 414 -13.84 14.04 0.78
C GLU A 414 -13.11 15.15 -0.01
N ASN A 415 -13.68 16.36 -0.01
CA ASN A 415 -13.25 17.42 -0.92
C ASN A 415 -12.01 18.22 -0.53
N SER A 416 -11.33 17.89 0.58
CA SER A 416 -10.04 18.53 0.85
C SER A 416 -8.94 17.82 -0.03
N VAL A 417 -9.28 16.70 -0.74
CA VAL A 417 -8.40 15.93 -1.61
C VAL A 417 -7.11 15.56 -0.86
N GLY A 418 -7.32 14.95 0.30
CA GLY A 418 -6.25 14.50 1.15
C GLY A 418 -5.75 15.50 2.16
N PHE A 419 -5.93 16.82 1.95
CA PHE A 419 -5.37 17.82 2.86
C PHE A 419 -5.81 17.64 4.33
N HIS A 420 -7.07 17.24 4.59
CA HIS A 420 -7.53 17.12 5.99
C HIS A 420 -6.75 16.06 6.78
N ASN A 421 -6.19 15.05 6.09
CA ASN A 421 -5.39 14.00 6.73
C ASN A 421 -4.58 13.31 5.62
N PRO A 422 -3.47 13.93 5.20
CA PRO A 422 -2.68 13.34 4.10
C PRO A 422 -2.19 11.91 4.32
N THR A 423 -1.73 11.57 5.53
CA THR A 423 -1.24 10.24 5.86
C THR A 423 -2.37 9.22 5.79
N GLU A 424 -3.56 9.58 6.30
CA GLU A 424 -4.69 8.66 6.25
C GLU A 424 -5.20 8.49 4.84
N ALA A 425 -5.18 9.56 4.03
CA ALA A 425 -5.64 9.44 2.64
C ALA A 425 -4.77 8.41 1.89
N MET A 426 -3.46 8.45 2.12
CA MET A 426 -2.51 7.51 1.57
C MET A 426 -2.73 6.09 2.07
N ARG A 427 -2.92 5.89 3.38
CA ARG A 427 -3.13 4.56 3.94
C ARG A 427 -4.39 3.90 3.33
N VAL A 428 -5.52 4.63 3.31
CA VAL A 428 -6.78 4.15 2.82
C VAL A 428 -6.76 3.83 1.32
N LEU A 429 -6.18 4.71 0.49
CA LEU A 429 -6.08 4.44 -0.95
C LEU A 429 -5.03 3.36 -1.27
N GLY A 430 -4.00 3.23 -0.44
CA GLY A 430 -3.03 2.15 -0.59
C GLY A 430 -3.70 0.82 -0.27
N ASP A 431 -4.59 0.80 0.75
CA ASP A 431 -5.30 -0.42 1.11
C ASP A 431 -6.32 -0.77 0.04
N ALA A 432 -6.98 0.25 -0.57
CA ALA A 432 -7.96 0.04 -1.62
C ALA A 432 -7.29 -0.69 -2.83
N THR A 433 -6.05 -0.31 -3.18
CA THR A 433 -5.30 -0.94 -4.26
C THR A 433 -4.96 -2.38 -3.91
N ALA A 434 -4.58 -2.64 -2.65
CA ALA A 434 -4.21 -3.99 -2.25
C ALA A 434 -5.43 -4.91 -2.29
N PHE A 435 -6.58 -4.43 -1.79
CA PHE A 435 -7.82 -5.22 -1.83
C PHE A 435 -8.24 -5.47 -3.27
N ALA A 436 -8.17 -4.44 -4.13
CA ALA A 436 -8.61 -4.58 -5.52
C ALA A 436 -7.70 -5.53 -6.30
N THR A 437 -6.39 -5.42 -6.12
CA THR A 437 -5.45 -6.27 -6.86
C THR A 437 -5.63 -7.74 -6.48
N LYS A 438 -5.97 -8.02 -5.21
CA LYS A 438 -6.17 -9.39 -4.77
C LYS A 438 -7.47 -9.94 -5.35
N ALA A 439 -8.53 -9.10 -5.42
CA ALA A 439 -9.79 -9.54 -6.02
C ALA A 439 -9.58 -9.79 -7.53
N GLU A 440 -8.78 -8.94 -8.20
CA GLU A 440 -8.46 -9.12 -9.62
C GLU A 440 -7.72 -10.47 -9.83
N ALA A 441 -6.80 -10.81 -8.90
CA ALA A 441 -6.07 -12.09 -8.97
C ALA A 441 -7.01 -13.29 -9.00
N LEU A 442 -8.02 -13.29 -8.12
CA LEU A 442 -8.95 -14.39 -7.98
C LEU A 442 -9.96 -14.45 -9.13
N LEU A 443 -10.34 -13.30 -9.67
CA LEU A 443 -11.30 -13.27 -10.79
C LEU A 443 -10.60 -13.59 -12.08
N ARG A 444 -9.34 -13.16 -12.27
CA ARG A 444 -8.59 -13.53 -13.48
C ARG A 444 -8.42 -15.06 -13.55
N GLN A 445 -8.12 -15.68 -12.38
CA GLN A 445 -7.96 -17.11 -12.25
C GLN A 445 -9.28 -17.85 -12.52
N ALA A 446 -10.40 -17.38 -11.91
CA ALA A 446 -11.73 -18.00 -12.09
C ALA A 446 -12.17 -17.92 -13.55
N LEU A 447 -11.92 -16.77 -14.20
CA LEU A 447 -12.27 -16.63 -15.61
C LEU A 447 -11.41 -17.58 -16.48
N ALA A 448 -10.08 -17.66 -16.22
CA ALA A 448 -9.21 -18.57 -16.98
C ALA A 448 -9.62 -20.02 -16.82
N LYS A 449 -10.04 -20.40 -15.60
CA LYS A 449 -10.50 -21.76 -15.33
C LYS A 449 -11.77 -22.08 -16.14
N ALA A 450 -12.64 -21.08 -16.34
CA ALA A 450 -13.87 -21.20 -17.13
C ALA A 450 -13.65 -21.03 -18.65
N GLY A 451 -12.40 -20.91 -19.10
CA GLY A 451 -12.10 -20.75 -20.52
C GLY A 451 -12.11 -19.34 -21.06
N VAL A 452 -12.17 -18.32 -20.17
CA VAL A 452 -12.20 -16.91 -20.55
C VAL A 452 -10.87 -16.26 -20.19
N ASP A 453 -10.05 -15.92 -21.19
CA ASP A 453 -8.75 -15.33 -20.95
C ASP A 453 -8.77 -13.81 -20.93
N VAL A 454 -8.49 -13.22 -19.78
CA VAL A 454 -8.46 -11.78 -19.63
C VAL A 454 -7.12 -11.24 -20.14
N PRO A 455 -7.12 -10.30 -21.08
CA PRO A 455 -5.85 -9.73 -21.55
C PRO A 455 -5.13 -8.94 -20.44
N LEU A 456 -3.87 -8.56 -20.69
CA LEU A 456 -3.10 -7.75 -19.75
C LEU A 456 -3.77 -6.39 -19.58
N THR A 457 -4.27 -5.80 -20.68
CA THR A 457 -4.98 -4.52 -20.61
C THR A 457 -6.47 -4.81 -20.61
N VAL A 458 -7.18 -4.41 -19.55
CA VAL A 458 -8.59 -4.66 -19.47
C VAL A 458 -9.38 -3.52 -20.13
N ASN A 459 -10.24 -3.86 -21.11
CA ASN A 459 -11.07 -2.88 -21.79
C ASN A 459 -12.25 -2.57 -20.89
N LEU A 460 -12.29 -1.36 -20.33
CA LEU A 460 -13.35 -0.96 -19.43
C LEU A 460 -14.67 -0.62 -20.12
N GLU A 461 -14.62 -0.26 -21.43
CA GLU A 461 -15.79 0.15 -22.21
C GLU A 461 -16.58 1.25 -21.48
N LEU A 462 -15.90 2.29 -20.99
CA LEU A 462 -16.52 3.34 -20.17
C LEU A 462 -17.75 4.00 -20.80
N ASN A 463 -17.79 4.13 -22.14
CA ASN A 463 -18.92 4.75 -22.84
C ASN A 463 -20.22 4.00 -22.63
N LYS A 464 -20.15 2.68 -22.41
CA LYS A 464 -21.37 1.91 -22.18
C LYS A 464 -22.01 2.25 -20.81
N TYR A 465 -21.27 2.91 -19.91
CA TYR A 465 -21.81 3.30 -18.60
C TYR A 465 -22.26 4.76 -18.54
N LEU A 466 -22.42 5.40 -19.69
CA LEU A 466 -22.87 6.78 -19.73
C LEU A 466 -24.34 6.73 -20.00
N ASP A 467 -25.14 7.44 -19.16
CA ASP A 467 -26.58 7.55 -19.39
C ASP A 467 -26.85 8.21 -20.77
N GLN A 468 -28.08 8.16 -21.28
CA GLN A 468 -28.38 8.74 -22.60
C GLN A 468 -28.08 10.28 -22.66
N ARG A 469 -28.26 10.98 -21.52
CA ARG A 469 -27.97 12.42 -21.40
C ARG A 469 -26.43 12.66 -21.42
N GLY A 470 -25.69 11.78 -20.77
CA GLY A 470 -24.24 11.88 -20.68
C GLY A 470 -23.50 11.56 -21.97
N GLU A 471 -24.04 10.66 -22.81
CA GLU A 471 -23.42 10.36 -24.10
C GLU A 471 -23.30 11.60 -24.99
N LYS A 472 -24.25 12.54 -24.86
CA LYS A 472 -24.22 13.77 -25.64
C LYS A 472 -23.23 14.79 -25.10
N LYS A 473 -22.84 14.68 -23.82
CA LYS A 473 -21.95 15.65 -23.19
C LYS A 473 -20.49 15.20 -23.08
N LEU A 474 -20.30 13.89 -22.97
CA LEU A 474 -18.99 13.34 -22.66
C LEU A 474 -18.73 12.05 -23.42
N THR A 475 -17.50 11.86 -23.82
CA THR A 475 -17.07 10.63 -24.47
C THR A 475 -15.70 10.23 -23.91
N PHE A 476 -15.49 8.94 -23.73
CA PHE A 476 -14.23 8.41 -23.27
C PHE A 476 -13.63 7.74 -24.49
N ASP A 477 -12.52 8.28 -25.00
CA ASP A 477 -11.85 7.76 -26.18
C ASP A 477 -11.43 6.29 -25.95
N PRO A 478 -11.99 5.36 -26.76
CA PRO A 478 -11.64 3.94 -26.61
C PRO A 478 -10.16 3.60 -26.86
N LYS A 479 -9.42 4.50 -27.51
CA LYS A 479 -7.99 4.29 -27.77
C LYS A 479 -7.09 4.73 -26.60
N VAL A 480 -7.64 5.39 -25.57
CA VAL A 480 -6.87 5.81 -24.42
C VAL A 480 -6.52 4.60 -23.55
N GLU A 481 -5.24 4.46 -23.25
CA GLU A 481 -4.75 3.37 -22.44
C GLU A 481 -4.00 3.87 -21.20
N ILE A 482 -4.41 3.42 -20.02
CA ILE A 482 -3.74 3.75 -18.77
C ILE A 482 -2.83 2.60 -18.39
N LYS A 483 -1.52 2.82 -18.40
CA LYS A 483 -0.54 1.78 -18.06
C LYS A 483 0.35 2.27 -16.92
N ASP A 484 -0.11 2.08 -15.69
CA ASP A 484 0.46 2.48 -14.42
C ASP A 484 1.79 1.73 -14.13
N PRO A 485 2.80 2.33 -13.46
CA PRO A 485 4.05 1.58 -13.19
C PRO A 485 3.90 0.42 -12.20
N TYR A 486 2.81 0.39 -11.43
CA TYR A 486 2.53 -0.63 -10.41
C TYR A 486 1.71 -1.81 -10.86
N GLY A 487 1.22 -1.82 -12.09
CA GLY A 487 0.46 -2.95 -12.58
C GLY A 487 -0.86 -2.63 -13.23
N VAL A 488 -1.49 -1.46 -12.90
CA VAL A 488 -2.74 -1.03 -13.52
C VAL A 488 -2.58 -0.96 -15.05
N GLN A 489 -3.49 -1.62 -15.78
CA GLN A 489 -3.42 -1.63 -17.23
C GLN A 489 -4.83 -1.70 -17.76
N VAL A 490 -5.38 -0.54 -18.12
CA VAL A 490 -6.75 -0.45 -18.59
C VAL A 490 -6.88 0.39 -19.87
N ARG A 491 -7.95 0.15 -20.59
CA ARG A 491 -8.25 0.88 -21.80
C ARG A 491 -9.69 1.41 -21.62
N PHE A 492 -9.95 2.62 -22.09
CA PHE A 492 -11.29 3.20 -21.92
C PHE A 492 -12.31 2.53 -22.78
N ILE B 42 -13.82 44.87 -20.86
CA ILE B 42 -14.46 44.15 -21.95
C ILE B 42 -15.46 43.15 -21.36
N PRO B 43 -16.74 43.25 -21.76
CA PRO B 43 -17.76 42.38 -21.16
C PRO B 43 -17.62 40.89 -21.48
N ASP B 44 -18.12 40.04 -20.58
CA ASP B 44 -18.07 38.59 -20.76
C ASP B 44 -18.96 38.19 -21.94
N GLY B 45 -18.44 37.29 -22.77
CA GLY B 45 -19.14 36.82 -23.96
C GLY B 45 -19.09 37.77 -25.15
N GLU B 46 -18.31 38.87 -25.04
CA GLU B 46 -18.19 39.82 -26.14
C GLU B 46 -17.21 39.32 -27.19
N VAL B 47 -17.75 38.97 -28.37
CA VAL B 47 -17.00 38.44 -29.50
C VAL B 47 -16.42 39.55 -30.39
N ASP B 48 -17.14 40.67 -30.54
CA ASP B 48 -16.71 41.78 -31.41
C ASP B 48 -15.34 42.35 -31.10
N PRO B 49 -14.36 42.12 -32.01
CA PRO B 49 -13.01 42.66 -31.79
C PRO B 49 -12.95 44.18 -31.73
N ALA B 50 -13.91 44.87 -32.35
CA ALA B 50 -13.98 46.33 -32.31
C ALA B 50 -14.23 46.81 -30.86
N VAL B 51 -14.97 46.03 -30.06
CA VAL B 51 -15.20 46.37 -28.66
C VAL B 51 -13.89 46.22 -27.88
N TRP B 52 -13.17 45.10 -28.08
CA TRP B 52 -11.86 44.88 -27.44
C TRP B 52 -10.85 45.96 -27.87
N GLY B 53 -10.91 46.37 -29.12
CA GLY B 53 -10.06 47.40 -29.71
C GLY B 53 -10.22 48.77 -29.10
N LYS B 54 -11.37 49.04 -28.44
CA LYS B 54 -11.52 50.33 -27.76
C LYS B 54 -10.64 50.39 -26.49
N ALA B 55 -10.29 49.24 -25.90
CA ALA B 55 -9.40 49.14 -24.75
C ALA B 55 -7.95 48.97 -25.22
N TYR B 56 -7.74 48.18 -26.29
CA TYR B 56 -6.41 47.89 -26.84
C TYR B 56 -6.35 48.19 -28.33
N PRO B 57 -6.26 49.49 -28.70
CA PRO B 57 -6.29 49.85 -30.13
C PRO B 57 -5.07 49.42 -30.95
N THR B 58 -3.89 49.34 -30.32
CA THR B 58 -2.69 48.94 -31.04
C THR B 58 -2.77 47.50 -31.56
N GLU B 59 -3.12 46.57 -30.67
CA GLU B 59 -3.27 45.15 -31.01
C GLU B 59 -4.43 44.91 -31.96
N TYR B 60 -5.48 45.72 -31.86
CA TYR B 60 -6.63 45.65 -32.76
C TYR B 60 -6.25 46.07 -34.20
N GLU B 61 -5.49 47.17 -34.36
CA GLU B 61 -5.08 47.59 -35.71
C GLU B 61 -4.10 46.61 -36.35
N MET B 62 -3.18 46.03 -35.57
CA MET B 62 -2.24 45.02 -36.07
C MET B 62 -3.03 43.77 -36.46
N TRP B 63 -4.02 43.39 -35.64
CA TRP B 63 -4.85 42.21 -35.84
C TRP B 63 -5.64 42.26 -37.15
N LYS B 64 -6.21 43.42 -37.51
CA LYS B 64 -7.02 43.50 -38.73
C LYS B 64 -6.18 43.61 -40.01
N LYS B 65 -4.90 43.96 -39.91
CA LYS B 65 -4.02 44.04 -41.08
C LYS B 65 -3.72 42.68 -41.68
N THR B 66 -3.57 42.63 -43.01
CA THR B 66 -3.31 41.36 -43.70
C THR B 66 -2.26 41.45 -44.80
N LYS B 78 9.22 29.51 -49.94
CA LYS B 78 9.08 28.07 -50.19
C LYS B 78 8.05 27.42 -49.24
N ARG B 79 7.09 26.65 -49.78
CA ARG B 79 6.04 26.05 -48.95
C ARG B 79 5.72 24.58 -49.31
N GLY B 80 5.02 23.90 -48.42
CA GLY B 80 4.58 22.53 -48.69
C GLY B 80 3.23 22.61 -49.39
N PHE B 81 2.31 21.71 -49.06
CA PHE B 81 0.96 21.79 -49.64
C PHE B 81 -0.06 22.13 -48.55
N ASP B 82 -1.23 22.63 -48.94
CA ASP B 82 -2.31 22.86 -47.98
C ASP B 82 -3.09 21.55 -47.95
N ALA B 83 -3.02 20.79 -46.84
CA ALA B 83 -3.65 19.49 -46.78
C ALA B 83 -5.14 19.45 -47.14
N ASP B 84 -5.92 20.46 -46.74
CA ASP B 84 -7.35 20.48 -47.06
C ASP B 84 -7.69 21.16 -48.38
N HIS B 85 -6.69 21.63 -49.13
CA HIS B 85 -6.89 22.26 -50.41
C HIS B 85 -5.66 22.06 -51.30
N VAL B 86 -5.52 20.84 -51.87
CA VAL B 86 -4.41 20.50 -52.73
C VAL B 86 -4.66 21.21 -54.07
N THR B 87 -3.67 21.99 -54.54
CA THR B 87 -3.85 22.74 -55.78
C THR B 87 -3.06 22.16 -56.94
N TYR B 88 -3.46 22.50 -58.17
CA TYR B 88 -2.73 22.09 -59.36
C TYR B 88 -1.31 22.63 -59.36
N ASP B 89 -1.10 23.83 -58.77
CA ASP B 89 0.21 24.46 -58.63
C ASP B 89 1.15 23.60 -57.79
N LYS B 90 0.63 23.01 -56.69
CA LYS B 90 1.46 22.14 -55.85
C LYS B 90 1.74 20.82 -56.53
N LEU B 91 0.78 20.28 -57.30
CA LEU B 91 1.01 19.05 -58.06
C LEU B 91 2.14 19.24 -59.06
N SER B 92 2.20 20.42 -59.68
CA SER B 92 3.25 20.77 -60.63
C SER B 92 4.65 20.81 -59.96
N GLU B 93 4.68 21.20 -58.68
CA GLU B 93 5.90 21.35 -57.89
C GLU B 93 6.38 20.00 -57.32
N PHE B 94 5.42 19.15 -56.91
CA PHE B 94 5.68 17.84 -56.34
C PHE B 94 4.88 16.84 -57.16
N PRO B 95 5.38 16.48 -58.35
CA PRO B 95 4.59 15.64 -59.27
C PRO B 95 4.07 14.33 -58.71
N TYR B 96 4.76 13.69 -57.76
CA TYR B 96 4.30 12.44 -57.15
C TYR B 96 2.91 12.59 -56.48
N MET B 97 2.55 13.83 -56.05
CA MET B 97 1.29 14.15 -55.40
C MET B 97 0.08 13.91 -56.30
N ALA B 98 0.23 14.06 -57.64
CA ALA B 98 -0.91 13.82 -58.54
C ALA B 98 -1.36 12.36 -58.43
N LEU B 99 -0.39 11.44 -58.34
CA LEU B 99 -0.63 10.02 -58.20
C LEU B 99 -1.11 9.70 -56.77
N LEU B 100 -0.37 10.16 -55.75
CA LEU B 100 -0.66 9.82 -54.36
C LEU B 100 -1.95 10.43 -53.83
N PHE B 101 -2.32 11.63 -54.28
CA PHE B 101 -3.48 12.31 -53.73
C PHE B 101 -4.72 12.25 -54.61
N ASN B 102 -4.68 11.53 -55.75
CA ASN B 102 -5.91 11.40 -56.57
C ASN B 102 -6.98 10.65 -55.75
N GLY B 103 -8.15 11.26 -55.58
CA GLY B 103 -9.19 10.75 -54.71
C GLY B 103 -9.45 11.67 -53.51
N TRP B 104 -8.46 12.55 -53.19
CA TRP B 104 -8.56 13.52 -52.10
C TRP B 104 -9.20 14.85 -52.57
N GLY B 105 -9.04 15.19 -53.84
CA GLY B 105 -9.60 16.41 -54.37
C GLY B 105 -8.53 17.41 -54.74
N PHE B 106 -8.57 17.89 -55.98
CA PHE B 106 -7.65 18.91 -56.46
C PHE B 106 -8.46 20.17 -56.77
N GLY B 107 -7.80 21.31 -56.63
CA GLY B 107 -8.46 22.59 -56.85
C GLY B 107 -7.52 23.65 -57.39
N ILE B 108 -8.11 24.79 -57.68
CA ILE B 108 -7.40 25.97 -58.18
C ILE B 108 -6.78 26.71 -56.98
N ALA B 109 -5.58 27.28 -57.15
CA ALA B 109 -4.94 28.05 -56.09
C ALA B 109 -5.77 29.32 -55.82
N TYR B 110 -6.24 29.47 -54.56
CA TYR B 110 -7.06 30.60 -54.13
C TYR B 110 -6.17 31.75 -53.66
N ASN B 111 -6.22 32.90 -54.35
CA ASN B 111 -5.44 34.06 -53.91
C ASN B 111 -6.25 35.00 -53.00
N GLU B 112 -6.54 34.54 -51.78
CA GLU B 112 -7.28 35.32 -50.78
C GLU B 112 -6.23 35.86 -49.81
N PRO B 113 -6.26 37.17 -49.45
CA PRO B 113 -5.26 37.70 -48.50
C PRO B 113 -5.28 36.91 -47.21
N ARG B 114 -4.17 36.25 -46.87
CA ARG B 114 -4.13 35.43 -45.66
C ARG B 114 -4.09 36.29 -44.39
N GLY B 115 -4.70 35.79 -43.34
CA GLY B 115 -4.78 36.45 -42.05
C GLY B 115 -5.83 35.87 -41.13
N HIS B 116 -5.75 36.16 -39.84
CA HIS B 116 -6.71 35.64 -38.87
C HIS B 116 -8.02 36.41 -38.88
N ALA B 117 -7.95 37.75 -39.01
CA ALA B 117 -9.11 38.61 -38.89
C ALA B 117 -10.30 38.26 -39.79
N ASN B 118 -10.10 38.13 -41.13
CA ASN B 118 -11.20 37.87 -42.03
C ASN B 118 -11.04 36.60 -42.84
N MET B 119 -12.07 35.75 -42.86
CA MET B 119 -12.05 34.49 -43.59
C MET B 119 -13.34 34.31 -44.41
N VAL B 120 -13.27 34.52 -45.74
CA VAL B 120 -14.45 34.35 -46.59
C VAL B 120 -14.87 32.86 -46.64
N ARG B 121 -16.19 32.63 -46.74
CA ARG B 121 -16.77 31.30 -46.64
C ARG B 121 -17.12 30.61 -47.94
N ASP B 122 -17.07 31.33 -49.07
CA ASP B 122 -17.48 30.82 -50.36
C ASP B 122 -16.82 29.47 -50.75
N GLN B 123 -15.48 29.41 -50.79
CA GLN B 123 -14.81 28.16 -51.17
C GLN B 123 -14.88 27.09 -50.09
N LEU B 124 -15.04 27.49 -48.81
CA LEU B 124 -15.18 26.59 -47.66
C LEU B 124 -16.53 25.84 -47.74
N GLU B 125 -17.56 26.52 -48.22
CA GLU B 125 -18.91 25.97 -48.42
C GLU B 125 -18.88 24.86 -49.49
N ILE B 126 -18.11 25.09 -50.57
CA ILE B 126 -17.94 24.18 -51.71
C ILE B 126 -17.10 22.97 -51.33
N ASP B 127 -16.01 23.17 -50.55
CA ASP B 127 -15.15 22.09 -50.06
C ASP B 127 -15.93 21.20 -49.10
N SER B 128 -16.74 21.80 -48.20
CA SER B 128 -17.56 21.08 -47.23
C SER B 128 -18.62 20.20 -47.90
N ALA B 129 -19.06 20.57 -49.11
CA ALA B 129 -20.04 19.80 -49.87
C ALA B 129 -19.44 18.50 -50.37
N ARG B 130 -18.20 18.52 -50.92
CA ARG B 130 -17.57 17.32 -51.43
C ARG B 130 -17.01 16.38 -50.36
N LEU B 131 -16.87 16.87 -49.14
CA LEU B 131 -16.42 16.06 -48.02
C LEU B 131 -17.62 15.70 -47.10
N LYS B 132 -18.79 16.35 -47.26
CA LYS B 132 -19.96 16.17 -46.39
C LYS B 132 -19.55 16.37 -44.91
N SER B 133 -18.63 17.32 -44.67
CA SER B 133 -18.05 17.55 -43.36
C SER B 133 -18.90 18.33 -42.37
N GLY B 134 -20.06 18.80 -42.78
CA GLY B 134 -20.94 19.54 -41.89
C GLY B 134 -20.30 20.81 -41.41
N GLY B 135 -20.37 21.07 -40.10
CA GLY B 135 -19.73 22.24 -39.51
C GLY B 135 -18.26 22.05 -39.16
N VAL B 136 -17.70 20.84 -39.40
CA VAL B 136 -16.29 20.53 -39.05
C VAL B 136 -15.30 21.62 -39.48
N CYS B 137 -15.35 22.10 -40.72
CA CYS B 137 -14.40 23.10 -41.23
C CYS B 137 -14.52 24.49 -40.58
N LEU B 138 -15.61 24.76 -39.85
CA LEU B 138 -15.72 26.01 -39.09
C LEU B 138 -14.98 25.95 -37.74
N THR B 139 -14.64 24.74 -37.26
CA THR B 139 -14.00 24.50 -35.97
C THR B 139 -12.85 25.44 -35.65
N CYS B 140 -11.96 25.69 -36.60
CA CYS B 140 -10.79 26.56 -36.37
C CYS B 140 -10.92 27.91 -37.11
N LYS B 141 -12.12 28.28 -37.57
CA LYS B 141 -12.29 29.44 -38.41
C LYS B 141 -13.41 30.38 -38.03
N THR B 142 -13.96 30.27 -36.80
CA THR B 142 -14.97 31.20 -36.30
C THR B 142 -14.95 31.18 -34.78
N PRO B 143 -14.97 32.36 -34.11
CA PRO B 143 -15.01 32.36 -32.63
C PRO B 143 -16.31 31.76 -32.07
N TYR B 144 -17.31 31.52 -32.93
CA TYR B 144 -18.58 30.92 -32.56
C TYR B 144 -18.52 29.40 -32.52
N ALA B 145 -17.44 28.77 -33.02
CA ALA B 145 -17.32 27.30 -33.04
C ALA B 145 -17.52 26.63 -31.67
N PRO B 146 -16.85 27.08 -30.57
CA PRO B 146 -17.07 26.42 -29.26
C PRO B 146 -18.52 26.51 -28.79
N LYS B 147 -19.20 27.65 -29.05
CA LYS B 147 -20.60 27.84 -28.68
C LYS B 147 -21.52 26.93 -29.52
N LEU B 148 -21.33 26.91 -30.84
CA LEU B 148 -22.14 26.12 -31.75
C LEU B 148 -22.01 24.65 -31.44
N GLU B 149 -20.80 24.19 -31.13
CA GLU B 149 -20.57 22.78 -30.81
C GLU B 149 -21.24 22.42 -29.47
N LYS B 150 -21.14 23.28 -28.47
CA LYS B 150 -21.75 23.02 -27.17
C LYS B 150 -23.28 22.94 -27.28
N GLU B 151 -23.89 23.86 -28.03
CA GLU B 151 -25.35 23.88 -28.15
C GLU B 151 -25.91 22.85 -29.13
N MET B 152 -25.19 22.54 -30.22
CA MET B 152 -25.69 21.57 -31.20
C MET B 152 -25.25 20.14 -30.94
N GLY B 153 -24.16 19.96 -30.21
CA GLY B 153 -23.63 18.64 -29.93
C GLY B 153 -23.20 17.90 -31.18
N ILE B 154 -23.67 16.65 -31.33
CA ILE B 154 -23.39 15.81 -32.49
C ILE B 154 -23.91 16.48 -33.79
N ASP B 155 -24.97 17.30 -33.68
CA ASP B 155 -25.55 17.96 -34.85
C ASP B 155 -24.66 19.05 -35.44
N TYR B 156 -23.67 19.56 -34.71
CA TYR B 156 -22.70 20.51 -35.24
C TYR B 156 -21.89 19.84 -36.39
N PHE B 157 -21.58 18.56 -36.25
CA PHE B 157 -20.82 17.81 -37.26
C PHE B 157 -21.69 17.25 -38.37
N LYS B 158 -22.91 16.82 -38.04
CA LYS B 158 -23.82 16.21 -39.01
C LYS B 158 -24.61 17.22 -39.86
N THR B 159 -24.89 18.41 -39.33
CA THR B 159 -25.68 19.44 -40.02
C THR B 159 -24.87 20.03 -41.16
N PRO B 160 -25.49 20.17 -42.35
CA PRO B 160 -24.76 20.78 -43.49
C PRO B 160 -24.18 22.15 -43.17
N PHE B 161 -22.99 22.43 -43.72
CA PHE B 161 -22.24 23.67 -43.53
C PHE B 161 -23.09 24.93 -43.59
N LYS B 162 -23.93 25.06 -44.63
CA LYS B 162 -24.79 26.21 -44.85
C LYS B 162 -25.72 26.48 -43.64
N ASP B 163 -26.23 25.40 -43.04
CA ASP B 163 -27.15 25.51 -41.92
C ASP B 163 -26.44 25.84 -40.60
N VAL B 164 -25.14 25.50 -40.49
CA VAL B 164 -24.35 25.83 -39.30
C VAL B 164 -23.93 27.29 -39.40
N LEU B 165 -23.46 27.71 -40.59
CA LEU B 165 -23.05 29.08 -40.84
C LEU B 165 -24.23 30.04 -40.67
N ALA B 166 -25.46 29.60 -41.01
CA ALA B 166 -26.65 30.42 -40.86
C ALA B 166 -26.88 30.85 -39.41
N LYS B 167 -26.42 30.06 -38.44
CA LYS B 167 -26.57 30.40 -37.02
C LYS B 167 -25.63 31.51 -36.54
N ILE B 168 -24.58 31.84 -37.29
CA ILE B 168 -23.65 32.92 -36.91
C ILE B 168 -24.24 34.29 -37.30
N PRO B 169 -24.19 35.32 -36.40
CA PRO B 169 -24.72 36.65 -36.78
C PRO B 169 -24.09 37.19 -38.07
N GLU B 170 -24.89 37.82 -38.94
CA GLU B 170 -24.44 38.36 -40.22
C GLU B 170 -23.23 39.29 -40.10
N LYS B 171 -23.20 40.14 -39.07
CA LYS B 171 -22.10 41.07 -38.85
C LYS B 171 -20.76 40.40 -38.56
N HIS B 172 -20.76 39.10 -38.25
CA HIS B 172 -19.56 38.35 -37.95
C HIS B 172 -19.48 37.04 -38.76
N LYS B 173 -20.15 36.96 -39.93
CA LYS B 173 -20.13 35.75 -40.74
C LYS B 173 -18.71 35.40 -41.19
N THR B 174 -17.87 36.41 -41.45
CA THR B 174 -16.51 36.19 -41.94
C THR B 174 -15.42 36.50 -40.88
N LEU B 175 -15.79 36.62 -39.60
CA LEU B 175 -14.83 36.84 -38.52
C LEU B 175 -14.12 35.50 -38.30
N GLY B 176 -12.81 35.47 -38.54
CA GLY B 176 -12.03 34.24 -38.46
C GLY B 176 -11.56 33.88 -37.07
N VAL B 177 -10.48 34.51 -36.63
CA VAL B 177 -9.88 34.28 -35.31
C VAL B 177 -9.88 35.63 -34.60
N ALA B 178 -10.68 35.75 -33.55
CA ALA B 178 -10.80 36.99 -32.79
C ALA B 178 -10.06 36.89 -31.43
N CYS B 179 -9.95 38.02 -30.67
CA CYS B 179 -9.30 38.12 -29.37
C CYS B 179 -9.85 37.07 -28.42
N ILE B 180 -11.17 36.87 -28.38
CA ILE B 180 -11.77 35.91 -27.47
C ILE B 180 -11.24 34.47 -27.66
N ASP B 181 -10.73 34.13 -28.86
CA ASP B 181 -10.17 32.81 -29.10
C ASP B 181 -8.87 32.56 -28.33
N CYS B 182 -8.12 33.63 -27.98
CA CYS B 182 -6.84 33.50 -27.29
C CYS B 182 -6.78 34.15 -25.93
N HIS B 183 -7.65 35.12 -25.65
CA HIS B 183 -7.60 35.90 -24.43
C HIS B 183 -8.79 35.80 -23.52
N ASP B 184 -8.52 35.85 -22.22
CA ASP B 184 -9.57 35.93 -21.22
C ASP B 184 -9.90 37.44 -21.17
N ASN B 185 -11.18 37.81 -21.36
CA ASN B 185 -11.59 39.21 -21.39
C ASN B 185 -11.36 39.99 -20.09
N LYS B 186 -11.27 39.28 -18.96
CA LYS B 186 -11.09 39.93 -17.67
C LYS B 186 -9.68 40.45 -17.42
N ASP B 187 -8.64 39.68 -17.74
CA ASP B 187 -7.27 40.11 -17.49
C ASP B 187 -6.31 40.02 -18.68
N MET B 188 -6.83 39.66 -19.87
CA MET B 188 -6.06 39.47 -21.09
C MET B 188 -5.04 38.32 -21.03
N SER B 189 -5.14 37.45 -20.01
CA SER B 189 -4.27 36.28 -19.94
C SER B 189 -4.68 35.30 -21.04
N LEU B 190 -3.73 34.49 -21.52
CA LEU B 190 -4.01 33.53 -22.57
C LEU B 190 -4.93 32.42 -22.09
N ARG B 191 -5.84 31.99 -22.95
CA ARG B 191 -6.81 30.98 -22.61
C ARG B 191 -7.01 29.99 -23.76
N ILE B 192 -7.62 28.86 -23.45
CA ILE B 192 -7.97 27.87 -24.44
C ILE B 192 -9.47 27.97 -24.67
N SER B 193 -9.85 28.57 -25.79
CA SER B 193 -11.25 28.65 -26.20
C SER B 193 -11.70 27.30 -26.78
N ARG B 194 -10.75 26.53 -27.37
CA ARG B 194 -11.06 25.26 -28.01
C ARG B 194 -10.99 24.07 -27.04
N GLY B 195 -11.92 24.06 -26.10
CA GLY B 195 -12.00 22.96 -25.15
C GLY B 195 -12.40 21.65 -25.78
N PHE B 196 -13.31 21.67 -26.78
CA PHE B 196 -13.77 20.42 -27.41
C PHE B 196 -12.75 19.75 -28.34
N THR B 197 -11.68 20.46 -28.71
CA THR B 197 -10.62 19.90 -29.54
C THR B 197 -9.30 19.86 -28.74
N LEU B 198 -8.66 21.03 -28.48
CA LEU B 198 -7.40 21.08 -27.74
C LEU B 198 -7.55 20.62 -26.29
N GLY B 199 -8.60 21.05 -25.60
CA GLY B 199 -8.83 20.64 -24.22
C GLY B 199 -8.92 19.14 -24.08
N GLU B 200 -9.62 18.48 -25.03
CA GLU B 200 -9.73 17.04 -25.05
C GLU B 200 -8.41 16.35 -25.38
N ALA B 201 -7.67 16.86 -26.35
CA ALA B 201 -6.37 16.29 -26.73
C ALA B 201 -5.32 16.43 -25.59
N LEU B 202 -5.35 17.53 -24.80
CA LEU B 202 -4.43 17.71 -23.67
C LEU B 202 -4.67 16.63 -22.60
N LYS B 203 -5.93 16.25 -22.37
CA LYS B 203 -6.26 15.19 -21.44
C LYS B 203 -5.61 13.87 -21.90
N LYS B 204 -5.60 13.57 -23.24
CA LYS B 204 -4.97 12.38 -23.82
C LYS B 204 -3.45 12.38 -23.59
N LEU B 205 -2.80 13.58 -23.66
CA LEU B 205 -1.36 13.77 -23.37
C LEU B 205 -1.02 13.62 -21.86
N GLY B 206 -2.03 13.59 -21.01
CA GLY B 206 -1.84 13.55 -19.57
C GLY B 206 -1.49 14.92 -19.00
N VAL B 207 -1.93 15.98 -19.68
CA VAL B 207 -1.64 17.35 -19.26
C VAL B 207 -2.74 17.95 -18.40
N ASP B 208 -2.35 18.49 -17.23
CA ASP B 208 -3.24 19.22 -16.31
C ASP B 208 -3.20 20.67 -16.81
N GLN B 209 -4.30 21.12 -17.42
CA GLN B 209 -4.43 22.48 -17.96
C GLN B 209 -4.17 23.56 -16.92
N ALA B 210 -4.54 23.30 -15.66
CA ALA B 210 -4.37 24.27 -14.59
C ALA B 210 -2.92 24.53 -14.22
N LYS B 211 -2.02 23.59 -14.51
CA LYS B 211 -0.60 23.72 -14.20
C LYS B 211 0.23 24.26 -15.38
N LEU B 212 -0.40 24.69 -16.47
CA LEU B 212 0.33 25.17 -17.64
C LEU B 212 0.96 26.53 -17.33
N SER B 213 2.21 26.72 -17.74
CA SER B 213 2.88 28.01 -17.53
C SER B 213 2.51 28.99 -18.67
N ARG B 214 2.83 30.28 -18.49
CA ARG B 214 2.63 31.34 -19.48
C ARG B 214 3.42 30.97 -20.77
N GLN B 215 4.66 30.44 -20.60
CA GLN B 215 5.50 30.02 -21.71
C GLN B 215 4.88 28.87 -22.52
N GLU B 216 4.28 27.89 -21.83
CA GLU B 216 3.62 26.78 -22.51
C GLU B 216 2.41 27.29 -23.26
N MET B 217 1.66 28.22 -22.67
CA MET B 217 0.49 28.83 -23.30
C MET B 217 0.88 29.66 -24.54
N ARG B 218 2.09 30.19 -24.60
CA ARG B 218 2.57 30.94 -25.77
C ARG B 218 2.70 30.07 -27.05
N SER B 219 2.62 28.73 -26.92
CA SER B 219 2.54 27.83 -28.07
C SER B 219 1.18 27.13 -28.07
N LEU B 220 0.67 26.74 -26.88
CA LEU B 220 -0.62 26.04 -26.83
C LEU B 220 -1.80 26.89 -27.32
N VAL B 221 -1.69 28.21 -27.21
CA VAL B 221 -2.74 29.08 -27.73
C VAL B 221 -2.86 28.91 -29.29
N CYS B 222 -1.73 28.61 -29.96
CA CYS B 222 -1.64 28.37 -31.39
C CYS B 222 -2.06 26.96 -31.73
N ALA B 223 -1.68 25.99 -30.87
CA ALA B 223 -2.02 24.58 -30.93
C ALA B 223 -3.54 24.29 -30.89
N GLN B 224 -4.36 25.35 -30.66
CA GLN B 224 -5.81 25.20 -30.73
C GLN B 224 -6.21 24.88 -32.20
N CYS B 225 -5.41 25.35 -33.19
CA CYS B 225 -5.75 25.18 -34.61
C CYS B 225 -4.60 24.71 -35.47
N HIS B 226 -3.35 25.06 -35.13
CA HIS B 226 -2.20 24.72 -35.96
C HIS B 226 -1.64 23.35 -35.63
N VAL B 227 -2.47 22.35 -35.79
CA VAL B 227 -2.25 20.95 -35.48
C VAL B 227 -2.95 20.06 -36.51
N THR B 228 -2.66 18.76 -36.48
CA THR B 228 -3.36 17.80 -37.31
C THR B 228 -4.66 17.36 -36.63
N TYR B 229 -5.63 16.98 -37.43
CA TYR B 229 -6.91 16.53 -36.93
C TYR B 229 -7.47 15.44 -37.84
N ASN B 230 -8.44 14.69 -37.31
CA ASN B 230 -9.11 13.64 -38.05
C ASN B 230 -10.61 13.77 -37.87
N ILE B 231 -11.36 13.40 -38.91
CA ILE B 231 -12.81 13.49 -38.89
C ILE B 231 -13.43 12.10 -38.89
N PRO B 232 -13.91 11.63 -37.72
CA PRO B 232 -14.63 10.36 -37.68
C PRO B 232 -15.96 10.48 -38.45
N LYS B 233 -16.33 9.43 -39.18
CA LYS B 233 -17.54 9.41 -40.00
C LYS B 233 -18.45 8.25 -39.63
N ASP B 234 -19.76 8.44 -39.81
CA ASP B 234 -20.71 7.35 -39.58
C ASP B 234 -20.88 6.50 -40.87
N ALA B 235 -21.81 5.51 -40.87
CA ALA B 235 -22.05 4.65 -42.02
C ALA B 235 -22.55 5.40 -43.25
N ASP B 236 -23.23 6.53 -43.05
CA ASP B 236 -23.73 7.35 -44.16
C ASP B 236 -22.74 8.46 -44.61
N LYS B 237 -21.46 8.30 -44.27
CA LYS B 237 -20.34 9.19 -44.60
C LYS B 237 -20.49 10.62 -44.04
N LYS B 238 -21.36 10.83 -43.03
CA LYS B 238 -21.47 12.15 -42.40
C LYS B 238 -20.43 12.25 -41.28
N SER B 239 -20.02 13.46 -40.96
CA SER B 239 -19.04 13.72 -39.92
C SER B 239 -19.71 13.58 -38.57
N ILE B 240 -19.07 12.87 -37.64
CA ILE B 240 -19.63 12.70 -36.30
C ILE B 240 -18.74 13.25 -35.19
N GLY B 241 -17.68 13.96 -35.55
CA GLY B 241 -16.75 14.57 -34.62
C GLY B 241 -15.51 15.10 -35.30
N VAL B 242 -14.57 15.53 -34.50
CA VAL B 242 -13.27 16.00 -34.92
C VAL B 242 -12.33 15.83 -33.71
N TYR B 243 -11.12 15.32 -33.94
CA TYR B 243 -10.17 15.14 -32.87
C TYR B 243 -8.73 15.27 -33.34
N PHE B 244 -7.83 15.65 -32.42
CA PHE B 244 -6.40 15.72 -32.72
C PHE B 244 -5.87 14.33 -32.31
N PRO B 245 -5.19 13.63 -33.22
CA PRO B 245 -4.76 12.24 -32.92
C PRO B 245 -3.55 12.16 -31.96
N TRP B 246 -3.73 12.67 -30.73
CA TRP B 246 -2.68 12.74 -29.73
C TRP B 246 -2.71 11.64 -28.69
N GLN B 247 -3.53 10.61 -28.91
CA GLN B 247 -3.61 9.42 -28.06
C GLN B 247 -2.23 8.76 -27.99
N GLY B 248 -1.78 8.46 -26.76
CA GLY B 248 -0.50 7.78 -26.58
C GLY B 248 0.71 8.70 -26.59
N SER B 249 0.53 9.97 -26.92
CA SER B 249 1.63 10.94 -26.93
C SER B 249 1.78 11.66 -25.55
N LYS B 250 2.84 12.43 -25.40
CA LYS B 250 3.12 13.24 -24.23
C LYS B 250 3.56 14.63 -24.71
N MET B 251 3.59 15.61 -23.79
CA MET B 251 4.07 16.97 -24.04
C MET B 251 5.55 16.89 -24.47
N GLY B 252 5.89 17.55 -25.55
CA GLY B 252 7.24 17.51 -26.09
C GLY B 252 7.51 16.28 -26.93
N ASN B 253 6.50 15.41 -27.17
CA ASN B 253 6.70 14.19 -27.95
C ASN B 253 5.43 13.66 -28.60
N ILE B 254 4.84 14.46 -29.52
CA ILE B 254 3.66 14.04 -30.27
C ILE B 254 4.22 13.60 -31.59
N SER B 255 4.70 12.35 -31.62
CA SER B 255 5.39 11.80 -32.75
C SER B 255 4.49 11.32 -33.87
N VAL B 256 5.06 11.25 -35.08
CA VAL B 256 4.35 10.74 -36.25
C VAL B 256 4.02 9.25 -36.02
N GLU B 257 4.87 8.49 -35.30
CA GLU B 257 4.61 7.09 -34.98
C GLU B 257 3.26 6.96 -34.22
N ASN B 258 3.08 7.79 -33.20
CA ASN B 258 1.86 7.75 -32.39
C ASN B 258 0.65 8.21 -33.16
N ILE B 259 0.78 9.29 -33.97
CA ILE B 259 -0.29 9.79 -34.81
C ILE B 259 -0.74 8.68 -35.82
N ILE B 260 0.23 8.08 -36.54
CA ILE B 260 -0.05 7.03 -37.53
C ILE B 260 -0.70 5.82 -36.85
N LYS B 261 -0.20 5.42 -35.67
CA LYS B 261 -0.79 4.31 -34.94
C LYS B 261 -2.27 4.58 -34.62
N GLN B 262 -2.58 5.83 -34.26
CA GLN B 262 -3.94 6.24 -33.95
C GLN B 262 -4.82 6.18 -35.20
N ILE B 263 -4.38 6.80 -36.29
CA ILE B 263 -5.13 6.81 -37.56
C ILE B 263 -5.41 5.38 -38.06
N ARG B 264 -4.37 4.52 -38.06
CA ARG B 264 -4.53 3.16 -38.55
C ARG B 264 -5.39 2.28 -37.65
N SER B 265 -5.57 2.66 -36.37
CA SER B 265 -6.42 1.88 -35.47
C SER B 265 -7.90 2.33 -35.50
N ASP B 266 -8.20 3.52 -36.06
CA ASP B 266 -9.55 4.05 -36.04
C ASP B 266 -10.19 3.95 -37.41
N ALA B 267 -11.01 2.91 -37.66
CA ALA B 267 -11.65 2.71 -38.96
C ALA B 267 -12.60 3.85 -39.33
N SER B 268 -13.11 4.60 -38.35
CA SER B 268 -14.04 5.69 -38.62
C SER B 268 -13.39 6.91 -39.26
N VAL B 269 -12.04 7.02 -39.22
CA VAL B 269 -11.39 8.19 -39.80
C VAL B 269 -10.87 7.91 -41.24
N GLY B 270 -11.46 6.92 -41.92
CA GLY B 270 -11.17 6.66 -43.33
C GLY B 270 -11.97 7.71 -44.06
N GLU B 271 -11.33 8.82 -44.41
CA GLU B 271 -12.02 9.95 -45.01
C GLU B 271 -12.08 9.91 -46.52
N TRP B 272 -11.28 9.07 -47.18
CA TRP B 272 -11.23 9.06 -48.63
C TRP B 272 -10.72 7.73 -49.16
N THR B 273 -10.85 7.52 -50.47
CA THR B 273 -10.29 6.36 -51.13
C THR B 273 -9.20 6.85 -52.07
N GLN B 274 -7.98 6.37 -51.90
CA GLN B 274 -6.87 6.74 -52.76
C GLN B 274 -7.09 5.97 -54.08
N THR B 275 -7.31 6.67 -55.19
CA THR B 275 -7.63 6.07 -56.48
C THR B 275 -6.60 5.06 -57.04
N VAL B 276 -5.29 5.36 -56.98
CA VAL B 276 -4.29 4.49 -57.56
C VAL B 276 -4.27 3.09 -56.89
N THR B 277 -4.48 3.00 -55.57
CA THR B 277 -4.45 1.72 -54.88
C THR B 277 -5.84 1.15 -54.52
N GLY B 278 -6.86 2.01 -54.50
CA GLY B 278 -8.19 1.63 -54.03
C GLY B 278 -8.27 1.58 -52.50
N PHE B 279 -7.22 2.01 -51.76
CA PHE B 279 -7.22 1.93 -50.29
C PHE B 279 -7.96 3.07 -49.61
N LYS B 280 -8.72 2.74 -48.54
CA LYS B 280 -9.39 3.75 -47.75
C LYS B 280 -8.35 4.26 -46.74
N LEU B 281 -8.08 5.56 -46.78
CA LEU B 281 -7.06 6.14 -45.93
C LEU B 281 -7.58 7.31 -45.08
N GLY B 282 -6.82 7.66 -44.07
CA GLY B 282 -7.02 8.87 -43.31
C GLY B 282 -6.15 9.97 -43.91
N PHE B 283 -6.02 11.10 -43.20
CA PHE B 283 -5.17 12.20 -43.69
C PHE B 283 -4.56 12.97 -42.54
N ILE B 284 -3.54 13.76 -42.81
CA ILE B 284 -2.82 14.57 -41.83
C ILE B 284 -2.79 16.01 -42.34
N ARG B 285 -3.03 16.97 -41.45
CA ARG B 285 -3.09 18.38 -41.84
C ARG B 285 -2.15 19.20 -40.99
N HIS B 286 -1.48 20.21 -41.59
CA HIS B 286 -0.62 21.20 -40.88
C HIS B 286 -0.21 20.83 -39.43
N PRO B 287 0.61 19.77 -39.20
CA PRO B 287 0.94 19.39 -37.81
C PRO B 287 2.07 20.24 -37.23
N GLU B 288 1.89 21.56 -37.24
CA GLU B 288 2.93 22.51 -36.82
C GLU B 288 3.31 22.41 -35.36
N TYR B 289 2.35 22.43 -34.43
CA TYR B 289 2.68 22.27 -33.02
C TYR B 289 3.35 20.90 -32.75
N GLU B 290 2.86 19.82 -33.33
CA GLU B 290 3.42 18.48 -33.15
C GLU B 290 4.88 18.41 -33.66
N LEU B 291 5.14 18.96 -34.86
CA LEU B 291 6.50 18.94 -35.38
C LEU B 291 7.41 19.86 -34.55
N PHE B 292 6.99 21.11 -34.32
CA PHE B 292 7.77 22.07 -33.55
C PHE B 292 8.11 21.57 -32.14
N SER B 293 7.10 21.10 -31.39
CA SER B 293 7.32 20.72 -29.98
C SER B 293 8.00 19.39 -29.80
N ASN B 294 8.28 18.64 -30.88
CA ASN B 294 8.94 17.33 -30.76
C ASN B 294 10.44 17.45 -30.58
N ASN B 295 10.85 18.06 -29.46
CA ASN B 295 12.25 18.22 -29.10
C ASN B 295 13.05 18.96 -30.17
N SER B 296 12.43 19.92 -30.85
CA SER B 296 13.14 20.67 -31.88
C SER B 296 14.22 21.58 -31.27
N VAL B 297 15.12 22.11 -32.12
CA VAL B 297 16.16 23.04 -31.66
C VAL B 297 15.53 24.26 -30.96
N HIS B 298 14.52 24.90 -31.57
CA HIS B 298 13.93 26.08 -30.98
C HIS B 298 13.02 25.78 -29.80
N TRP B 299 12.39 24.60 -29.75
CA TRP B 299 11.60 24.18 -28.60
C TRP B 299 12.54 24.01 -27.39
N LYS B 300 13.70 23.33 -27.57
CA LYS B 300 14.69 23.13 -26.51
C LYS B 300 15.31 24.45 -26.07
N ALA B 301 15.50 25.37 -27.01
CA ALA B 301 16.03 26.72 -26.73
C ALA B 301 15.06 27.60 -25.93
N GLY B 302 13.84 27.11 -25.69
CA GLY B 302 12.82 27.84 -24.95
C GLY B 302 11.99 28.79 -25.78
N ALA B 303 12.04 28.68 -27.11
CA ALA B 303 11.20 29.55 -27.95
C ALA B 303 9.78 29.03 -28.00
N ALA B 304 8.83 29.96 -28.07
CA ALA B 304 7.43 29.63 -28.26
C ALA B 304 7.04 30.10 -29.68
N CYS B 305 5.84 29.73 -30.22
CA CYS B 305 5.41 30.18 -31.56
C CYS B 305 5.52 31.70 -31.69
N THR B 306 5.10 32.43 -30.64
CA THR B 306 5.08 33.87 -30.55
C THR B 306 6.42 34.54 -30.63
N ASP B 307 7.51 33.86 -30.26
CA ASP B 307 8.85 34.44 -30.36
C ASP B 307 9.17 34.76 -31.81
N CYS B 308 8.74 33.88 -32.76
CA CYS B 308 8.97 34.16 -34.17
C CYS B 308 7.77 34.80 -34.90
N HIS B 309 6.55 34.44 -34.51
CA HIS B 309 5.37 34.89 -35.25
C HIS B 309 4.64 36.09 -34.64
N MET B 310 4.88 36.42 -33.36
CA MET B 310 4.33 37.59 -32.69
C MET B 310 5.46 38.26 -31.87
N PRO B 311 6.58 38.66 -32.52
CA PRO B 311 7.68 39.25 -31.77
C PRO B 311 7.31 40.56 -31.08
N TYR B 312 8.02 40.86 -29.98
CA TYR B 312 7.86 42.10 -29.24
C TYR B 312 8.52 43.20 -30.08
N THR B 313 7.78 44.28 -30.33
CA THR B 313 8.22 45.37 -31.20
C THR B 313 8.16 46.73 -30.48
N VAL B 320 5.28 45.84 -27.25
CA VAL B 320 4.04 45.11 -27.47
C VAL B 320 4.22 43.97 -28.50
N SER B 321 3.41 42.90 -28.41
CA SER B 321 3.50 41.78 -29.33
C SER B 321 2.83 42.08 -30.65
N ASP B 322 3.54 41.83 -31.74
CA ASP B 322 3.06 42.04 -33.09
C ASP B 322 1.87 41.13 -33.38
N HIS B 323 0.65 41.68 -33.51
CA HIS B 323 -0.52 40.87 -33.83
C HIS B 323 -0.76 40.70 -35.34
N ARG B 324 0.20 41.11 -36.18
CA ARG B 324 0.10 40.88 -37.62
C ARG B 324 0.61 39.45 -37.84
N VAL B 325 -0.09 38.65 -38.67
CA VAL B 325 0.37 37.28 -38.95
C VAL B 325 1.41 37.26 -40.07
N MET B 326 2.33 38.23 -40.03
CA MET B 326 3.39 38.40 -40.99
C MET B 326 4.46 37.31 -40.85
N SER B 327 5.07 36.93 -41.96
CA SER B 327 6.09 35.89 -41.99
C SER B 327 7.35 36.34 -41.27
N PRO B 328 7.99 35.45 -40.48
CA PRO B 328 9.24 35.86 -39.80
C PRO B 328 10.36 36.20 -40.79
N LEU B 329 10.34 35.61 -42.01
CA LEU B 329 11.33 35.94 -43.04
C LEU B 329 10.92 37.27 -43.68
N LYS B 330 9.61 37.44 -43.99
CA LYS B 330 9.05 38.68 -44.57
C LYS B 330 8.96 39.83 -43.56
N ASN B 331 9.78 39.78 -42.52
CA ASN B 331 9.88 40.84 -41.52
C ASN B 331 11.36 41.24 -41.30
N ASP B 332 12.24 40.94 -42.30
CA ASP B 332 13.67 41.30 -42.30
C ASP B 332 14.49 40.61 -41.21
N MET B 333 14.01 39.45 -40.73
CA MET B 333 14.62 38.63 -39.68
C MET B 333 14.69 39.32 -38.29
N LYS B 334 13.82 40.32 -38.01
CA LYS B 334 13.79 41.05 -36.74
C LYS B 334 13.42 40.20 -35.54
N ALA B 335 12.47 39.26 -35.72
CA ALA B 335 12.06 38.34 -34.66
C ALA B 335 13.24 37.44 -34.24
N CYS B 336 14.08 37.05 -35.24
CA CYS B 336 15.25 36.20 -35.06
C CYS B 336 16.37 36.94 -34.36
N ILE B 337 16.58 38.21 -34.75
CA ILE B 337 17.59 39.15 -34.25
C ILE B 337 17.53 39.35 -32.70
N GLN B 338 16.40 39.00 -32.08
CA GLN B 338 16.25 39.12 -30.63
C GLN B 338 17.10 38.04 -29.90
N CYS B 339 17.43 36.92 -30.56
CA CYS B 339 18.29 35.86 -30.00
C CYS B 339 19.59 35.75 -30.81
N HIS B 340 19.49 35.85 -32.13
CA HIS B 340 20.60 35.68 -33.06
C HIS B 340 21.47 36.89 -33.31
N THR B 341 22.80 36.69 -33.28
CA THR B 341 23.79 37.74 -33.54
C THR B 341 24.26 37.77 -35.03
N GLU B 342 23.87 36.80 -35.84
CA GLU B 342 24.26 36.70 -37.24
C GLU B 342 23.51 37.65 -38.13
N LYS B 343 24.14 38.10 -39.25
CA LYS B 343 23.52 38.94 -40.29
C LYS B 343 22.16 38.32 -40.73
N PRO B 344 21.14 39.14 -41.00
CA PRO B 344 19.85 38.60 -41.48
C PRO B 344 20.00 37.80 -42.78
N GLU B 345 20.99 38.15 -43.62
CA GLU B 345 21.23 37.40 -44.84
C GLU B 345 21.74 35.98 -44.54
N TRP B 346 22.53 35.82 -43.45
CA TRP B 346 23.00 34.51 -43.03
C TRP B 346 21.82 33.69 -42.57
N LEU B 347 20.92 34.27 -41.77
CA LEU B 347 19.74 33.56 -41.27
C LEU B 347 18.79 33.19 -42.42
N ARG B 348 18.62 34.09 -43.43
CA ARG B 348 17.79 33.78 -44.60
C ARG B 348 18.35 32.54 -45.33
N ASP B 349 19.68 32.54 -45.57
CA ASP B 349 20.35 31.45 -46.26
C ASP B 349 20.33 30.12 -45.49
N GLN B 350 20.24 30.16 -44.15
CA GLN B 350 20.15 28.94 -43.36
C GLN B 350 18.74 28.36 -43.44
N VAL B 351 17.71 29.21 -43.43
CA VAL B 351 16.32 28.75 -43.59
C VAL B 351 16.17 28.13 -44.96
N ILE B 352 16.70 28.78 -46.01
CA ILE B 352 16.65 28.26 -47.37
C ILE B 352 17.39 26.91 -47.46
N ALA B 353 18.57 26.76 -46.82
CA ALA B 353 19.30 25.48 -46.85
C ALA B 353 18.50 24.35 -46.18
N ILE B 354 17.77 24.66 -45.09
CA ILE B 354 16.93 23.68 -44.40
C ILE B 354 15.75 23.31 -45.30
N GLN B 355 15.09 24.32 -45.87
CA GLN B 355 13.96 24.10 -46.75
C GLN B 355 14.35 23.33 -48.05
N ASP B 356 15.51 23.62 -48.63
CA ASP B 356 15.99 22.92 -49.84
C ASP B 356 16.30 21.45 -49.52
N ARG B 357 16.84 21.18 -48.33
CA ARG B 357 17.16 19.84 -47.84
C ARG B 357 15.84 19.08 -47.65
N THR B 358 14.83 19.73 -47.05
CA THR B 358 13.55 19.08 -46.80
C THR B 358 12.83 18.77 -48.11
N VAL B 359 12.87 19.72 -49.08
CA VAL B 359 12.25 19.53 -50.39
C VAL B 359 12.93 18.34 -51.12
N SER B 360 14.25 18.24 -51.01
CA SER B 360 15.04 17.16 -51.59
C SER B 360 14.56 15.81 -51.04
N LEU B 361 14.38 15.70 -49.72
CA LEU B 361 13.89 14.47 -49.11
C LEU B 361 12.42 14.19 -49.39
N MET B 362 11.61 15.24 -49.61
CA MET B 362 10.20 15.10 -49.94
C MET B 362 10.07 14.46 -51.32
N LEU B 363 10.93 14.84 -52.27
CA LEU B 363 10.90 14.28 -53.61
C LEU B 363 11.42 12.85 -53.58
N ARG B 364 12.52 12.57 -52.83
CA ARG B 364 13.07 11.21 -52.70
C ARG B 364 12.00 10.26 -52.14
N SER B 365 11.42 10.60 -50.96
CA SER B 365 10.41 9.78 -50.30
C SER B 365 9.07 9.72 -51.04
N GLY B 366 8.68 10.82 -51.69
CA GLY B 366 7.44 10.93 -52.44
C GLY B 366 7.47 10.11 -53.72
N TYR B 367 8.59 10.16 -54.45
CA TYR B 367 8.73 9.35 -55.65
C TYR B 367 8.87 7.86 -55.29
N ALA B 368 9.48 7.54 -54.12
CA ALA B 368 9.59 6.17 -53.68
C ALA B 368 8.19 5.63 -53.29
N THR B 369 7.39 6.46 -52.60
CA THR B 369 6.03 6.09 -52.17
C THR B 369 5.10 5.98 -53.40
N ALA B 370 5.26 6.86 -54.39
CA ALA B 370 4.45 6.79 -55.63
C ALA B 370 4.79 5.50 -56.39
N THR B 371 6.07 5.07 -56.37
CA THR B 371 6.49 3.84 -57.03
C THR B 371 5.72 2.65 -56.43
N VAL B 372 5.63 2.57 -55.10
CA VAL B 372 4.91 1.50 -54.42
C VAL B 372 3.43 1.51 -54.80
N ALA B 373 2.77 2.70 -54.75
CA ALA B 373 1.37 2.82 -55.12
C ALA B 373 1.15 2.35 -56.56
N LYS B 374 2.06 2.71 -57.47
CA LYS B 374 1.96 2.28 -58.87
C LYS B 374 2.10 0.75 -58.98
N LEU B 375 2.94 0.13 -58.12
CA LEU B 375 3.09 -1.31 -58.12
C LEU B 375 1.86 -2.02 -57.54
N PHE B 376 1.15 -1.40 -56.58
CA PHE B 376 -0.12 -1.93 -56.08
C PHE B 376 -1.15 -1.92 -57.21
N GLU B 377 -1.20 -0.83 -58.02
CA GLU B 377 -2.06 -0.76 -59.18
C GLU B 377 -1.74 -1.89 -60.18
N LYS B 378 -0.43 -2.21 -60.41
CA LYS B 378 -0.05 -3.32 -61.29
C LYS B 378 -0.45 -4.65 -60.67
N ALA B 379 -0.31 -4.80 -59.35
CA ALA B 379 -0.65 -6.03 -58.68
C ALA B 379 -2.16 -6.27 -58.78
N HIS B 380 -2.98 -5.20 -58.65
CA HIS B 380 -4.43 -5.32 -58.77
C HIS B 380 -4.86 -5.65 -60.19
N ALA B 381 -4.18 -5.06 -61.19
CA ALA B 381 -4.49 -5.38 -62.59
C ALA B 381 -4.09 -6.83 -62.86
N ALA B 382 -3.02 -7.35 -62.24
CA ALA B 382 -2.60 -8.73 -62.41
C ALA B 382 -3.65 -9.66 -61.81
N GLN B 383 -4.17 -9.33 -60.62
CA GLN B 383 -5.22 -10.12 -59.98
C GLN B 383 -6.49 -10.14 -60.83
N ALA B 384 -6.85 -9.00 -61.46
CA ALA B 384 -8.02 -8.92 -62.34
C ALA B 384 -7.91 -9.81 -63.59
N GLN B 385 -6.69 -10.16 -64.00
CA GLN B 385 -6.39 -11.07 -65.10
C GLN B 385 -6.30 -12.54 -64.64
N GLY B 386 -6.54 -12.82 -63.36
CA GLY B 386 -6.47 -14.19 -62.87
C GLY B 386 -5.09 -14.61 -62.39
N LYS B 387 -4.13 -13.67 -62.31
CA LYS B 387 -2.79 -14.01 -61.79
C LYS B 387 -2.83 -13.96 -60.27
N GLN B 388 -2.13 -14.87 -59.59
CA GLN B 388 -2.12 -14.89 -58.13
C GLN B 388 -0.96 -14.06 -57.62
N ILE B 389 -1.25 -13.14 -56.74
CA ILE B 389 -0.23 -12.32 -56.11
C ILE B 389 -0.06 -12.86 -54.69
N ASP B 390 1.15 -13.27 -54.30
CA ASP B 390 1.48 -13.80 -52.97
C ASP B 390 0.94 -12.91 -51.84
N LYS B 391 0.02 -13.44 -51.06
CA LYS B 391 -0.66 -12.76 -49.96
C LYS B 391 0.29 -12.21 -48.88
N ALA B 392 1.28 -13.01 -48.47
CA ALA B 392 2.23 -12.62 -47.44
C ALA B 392 3.04 -11.39 -47.89
N LEU B 393 3.50 -11.39 -49.14
CA LEU B 393 4.28 -10.29 -49.70
C LEU B 393 3.41 -9.05 -49.84
N TYR B 394 2.18 -9.22 -50.33
CA TYR B 394 1.23 -8.13 -50.50
C TYR B 394 0.87 -7.47 -49.16
N ASP B 395 0.49 -8.27 -48.14
CA ASP B 395 0.07 -7.70 -46.85
C ASP B 395 1.18 -6.94 -46.17
N ARG B 396 2.41 -7.46 -46.25
CA ARG B 396 3.55 -6.79 -45.62
C ARG B 396 3.85 -5.49 -46.35
N ALA B 397 3.81 -5.53 -47.69
CA ALA B 397 4.02 -4.33 -48.51
C ALA B 397 2.97 -3.26 -48.21
N LYS B 398 1.69 -3.66 -48.00
CA LYS B 398 0.64 -2.67 -47.71
C LYS B 398 0.86 -1.99 -46.37
N ASP B 399 1.25 -2.76 -45.39
CA ASP B 399 1.52 -2.28 -44.05
C ASP B 399 2.70 -1.27 -44.07
N LEU B 400 3.77 -1.59 -44.80
CA LEU B 400 4.92 -0.71 -44.94
C LEU B 400 4.58 0.55 -45.75
N TYR B 401 3.75 0.39 -46.80
CA TYR B 401 3.34 1.47 -47.69
C TYR B 401 2.58 2.56 -46.92
N GLU B 402 1.65 2.16 -46.03
CA GLU B 402 0.89 3.11 -45.26
C GLU B 402 1.81 3.87 -44.30
N GLU B 403 2.84 3.21 -43.77
CA GLU B 403 3.82 3.86 -42.90
C GLU B 403 4.60 4.94 -43.69
N ALA B 404 4.93 4.66 -44.95
CA ALA B 404 5.63 5.61 -45.81
C ALA B 404 4.71 6.79 -46.22
N PHE B 405 3.46 6.48 -46.64
CA PHE B 405 2.50 7.45 -47.12
C PHE B 405 2.18 8.52 -46.07
N TYR B 406 1.81 8.09 -44.84
CA TYR B 406 1.48 9.05 -43.80
C TYR B 406 2.64 9.96 -43.42
N ARG B 407 3.89 9.48 -43.53
CA ARG B 407 5.09 10.27 -43.24
C ARG B 407 5.35 11.33 -44.33
N CYS B 408 5.02 11.03 -45.61
CA CYS B 408 5.14 11.96 -46.72
C CYS B 408 4.15 13.11 -46.47
N VAL B 409 2.89 12.77 -46.08
CA VAL B 409 1.84 13.75 -45.81
C VAL B 409 2.21 14.58 -44.60
N PHE B 410 2.65 13.94 -43.50
CA PHE B 410 3.04 14.62 -42.28
C PHE B 410 4.04 15.78 -42.51
N ILE B 411 5.18 15.54 -43.19
CA ILE B 411 6.15 16.61 -43.43
C ILE B 411 5.69 17.53 -44.56
N GLY B 412 5.10 16.96 -45.61
CA GLY B 412 4.64 17.70 -46.77
C GLY B 412 3.57 18.72 -46.49
N ALA B 413 2.64 18.40 -45.59
CA ALA B 413 1.55 19.30 -45.22
C ALA B 413 1.98 20.34 -44.17
N GLU B 414 3.20 20.25 -43.62
CA GLU B 414 3.70 21.18 -42.60
C GLU B 414 4.46 22.29 -43.37
N ASN B 415 3.90 23.49 -43.36
CA ASN B 415 4.32 24.60 -44.20
C ASN B 415 5.55 25.37 -43.77
N SER B 416 6.27 24.94 -42.73
CA SER B 416 7.57 25.54 -42.44
C SER B 416 8.66 24.86 -43.32
N VAL B 417 8.32 23.74 -44.06
CA VAL B 417 9.21 23.01 -44.96
C VAL B 417 10.47 22.58 -44.22
N GLY B 418 10.26 21.93 -43.07
CA GLY B 418 11.32 21.45 -42.22
C GLY B 418 11.85 22.43 -41.18
N PHE B 419 11.68 23.75 -41.37
CA PHE B 419 12.27 24.72 -40.44
C PHE B 419 11.82 24.53 -38.98
N HIS B 420 10.55 24.14 -38.72
CA HIS B 420 10.10 24.00 -37.32
C HIS B 420 10.85 22.93 -36.55
N ASN B 421 11.40 21.93 -37.25
CA ASN B 421 12.17 20.86 -36.62
C ASN B 421 12.98 20.17 -37.74
N PRO B 422 14.12 20.78 -38.13
CA PRO B 422 14.90 20.21 -39.24
C PRO B 422 15.35 18.76 -39.03
N THR B 423 15.80 18.40 -37.82
CA THR B 423 16.26 17.05 -37.52
C THR B 423 15.10 16.03 -37.63
N GLU B 424 13.93 16.39 -37.10
CA GLU B 424 12.78 15.50 -37.19
C GLU B 424 12.27 15.37 -38.61
N ALA B 425 12.33 16.45 -39.41
CA ALA B 425 11.91 16.37 -40.82
C ALA B 425 12.79 15.35 -41.57
N MET B 426 14.10 15.33 -41.29
CA MET B 426 15.01 14.37 -41.93
C MET B 426 14.76 12.96 -41.47
N ARG B 427 14.51 12.76 -40.18
CA ARG B 427 14.32 11.42 -39.62
C ARG B 427 13.03 10.76 -40.17
N VAL B 428 11.93 11.55 -40.23
CA VAL B 428 10.64 11.12 -40.72
C VAL B 428 10.69 10.83 -42.23
N LEU B 429 11.29 11.72 -43.04
CA LEU B 429 11.40 11.48 -44.47
C LEU B 429 12.43 10.39 -44.80
N GLY B 430 13.45 10.22 -43.97
CA GLY B 430 14.41 9.14 -44.13
C GLY B 430 13.72 7.81 -43.86
N ASP B 431 12.85 7.77 -42.83
CA ASP B 431 12.08 6.58 -42.52
C ASP B 431 11.05 6.29 -43.62
N ALA B 432 10.43 7.33 -44.21
CA ALA B 432 9.45 7.12 -45.29
C ALA B 432 10.12 6.42 -46.48
N THR B 433 11.34 6.82 -46.83
CA THR B 433 12.07 6.18 -47.90
C THR B 433 12.37 4.72 -47.58
N ALA B 434 12.76 4.43 -46.34
CA ALA B 434 13.07 3.05 -45.94
C ALA B 434 11.82 2.18 -46.02
N PHE B 435 10.68 2.67 -45.52
CA PHE B 435 9.41 1.94 -45.58
C PHE B 435 8.99 1.73 -47.02
N ALA B 436 9.08 2.77 -47.86
CA ALA B 436 8.65 2.65 -49.26
C ALA B 436 9.55 1.68 -50.04
N THR B 437 10.86 1.77 -49.85
CA THR B 437 11.78 0.92 -50.59
C THR B 437 11.59 -0.54 -50.23
N LYS B 438 11.24 -0.84 -48.97
CA LYS B 438 11.00 -2.20 -48.54
C LYS B 438 9.69 -2.72 -49.12
N ALA B 439 8.66 -1.86 -49.21
CA ALA B 439 7.38 -2.27 -49.82
C ALA B 439 7.59 -2.53 -51.32
N GLU B 440 8.41 -1.68 -51.99
CA GLU B 440 8.75 -1.86 -53.41
C GLU B 440 9.47 -3.21 -53.60
N ALA B 441 10.35 -3.59 -52.68
CA ALA B 441 11.09 -4.87 -52.74
C ALA B 441 10.13 -6.08 -52.78
N LEU B 442 9.10 -6.05 -51.91
CA LEU B 442 8.16 -7.13 -51.79
C LEU B 442 7.16 -7.16 -52.93
N LEU B 443 6.79 -6.00 -53.47
CA LEU B 443 5.87 -5.95 -54.62
C LEU B 443 6.61 -6.29 -55.91
N ARG B 444 7.89 -5.87 -56.09
CA ARG B 444 8.65 -6.29 -57.30
C ARG B 444 8.77 -7.80 -57.34
N GLN B 445 9.06 -8.41 -56.17
CA GLN B 445 9.19 -9.86 -56.04
C GLN B 445 7.86 -10.56 -56.32
N ALA B 446 6.74 -10.07 -55.73
CA ALA B 446 5.41 -10.67 -55.92
C ALA B 446 5.00 -10.60 -57.40
N LEU B 447 5.25 -9.44 -58.04
CA LEU B 447 4.95 -9.29 -59.46
C LEU B 447 5.81 -10.24 -60.32
N ALA B 448 7.12 -10.34 -60.05
CA ALA B 448 8.01 -11.24 -60.80
C ALA B 448 7.58 -12.70 -60.64
N LYS B 449 7.16 -13.09 -59.43
CA LYS B 449 6.67 -14.45 -59.18
C LYS B 449 5.41 -14.74 -60.01
N ALA B 450 4.55 -13.73 -60.21
CA ALA B 450 3.33 -13.84 -61.02
C ALA B 450 3.56 -13.66 -62.53
N GLY B 451 4.82 -13.54 -62.97
CA GLY B 451 5.15 -13.38 -64.38
C GLY B 451 5.14 -11.94 -64.90
N VAL B 452 5.08 -10.94 -64.01
CA VAL B 452 5.06 -9.52 -64.37
C VAL B 452 6.39 -8.89 -63.99
N ASP B 453 7.21 -8.53 -64.99
CA ASP B 453 8.52 -7.94 -64.71
C ASP B 453 8.47 -6.41 -64.68
N VAL B 454 8.79 -5.85 -63.52
CA VAL B 454 8.82 -4.40 -63.36
C VAL B 454 10.17 -3.89 -63.86
N PRO B 455 10.19 -2.93 -64.77
CA PRO B 455 11.47 -2.38 -65.25
C PRO B 455 12.20 -1.62 -64.14
N LEU B 456 13.47 -1.27 -64.37
CA LEU B 456 14.25 -0.47 -63.45
C LEU B 456 13.61 0.91 -63.28
N THR B 457 13.14 1.52 -64.38
CA THR B 457 12.44 2.80 -64.28
C THR B 457 10.95 2.53 -64.30
N VAL B 458 10.24 2.93 -63.24
CA VAL B 458 8.80 2.71 -63.19
C VAL B 458 8.05 3.88 -63.84
N ASN B 459 7.21 3.57 -64.83
CA ASN B 459 6.41 4.58 -65.50
C ASN B 459 5.22 4.92 -64.59
N LEU B 460 5.19 6.12 -64.05
CA LEU B 460 4.13 6.54 -63.15
C LEU B 460 2.83 6.93 -63.85
N GLU B 461 2.90 7.30 -65.17
CA GLU B 461 1.75 7.73 -65.95
C GLU B 461 0.97 8.86 -65.22
N LEU B 462 1.68 9.86 -64.69
CA LEU B 462 1.08 10.93 -63.90
C LEU B 462 -0.14 11.64 -64.54
N ASN B 463 -0.15 11.79 -65.89
CA ASN B 463 -1.25 12.42 -66.61
C ASN B 463 -2.56 11.69 -66.45
N LYS B 464 -2.53 10.37 -66.22
CA LYS B 464 -3.77 9.63 -66.02
C LYS B 464 -4.43 9.96 -64.65
N TYR B 465 -3.71 10.62 -63.73
CA TYR B 465 -4.26 10.97 -62.43
C TYR B 465 -4.70 12.45 -62.35
N LEU B 466 -4.98 13.07 -63.48
CA LEU B 466 -5.42 14.44 -63.53
C LEU B 466 -6.86 14.48 -64.01
N ASP B 467 -7.74 15.15 -63.23
CA ASP B 467 -9.16 15.34 -63.57
C ASP B 467 -9.31 16.19 -64.85
N GLN B 468 -10.46 16.11 -65.55
CA GLN B 468 -10.70 16.88 -66.77
C GLN B 468 -10.46 18.41 -66.60
N ARG B 469 -10.50 18.89 -65.35
CA ARG B 469 -10.23 20.30 -65.07
C ARG B 469 -8.71 20.52 -65.07
N GLY B 470 -7.98 19.63 -64.40
CA GLY B 470 -6.52 19.69 -64.32
C GLY B 470 -5.79 19.28 -65.58
N GLU B 471 -6.49 18.62 -66.51
CA GLU B 471 -5.92 18.23 -67.79
C GLU B 471 -5.65 19.49 -68.65
N LYS B 472 -6.53 20.51 -68.53
CA LYS B 472 -6.40 21.77 -69.25
C LYS B 472 -5.40 22.74 -68.59
N LYS B 473 -5.02 22.49 -67.33
CA LYS B 473 -4.11 23.38 -66.62
C LYS B 473 -2.70 22.82 -66.44
N LEU B 474 -2.58 21.50 -66.33
CA LEU B 474 -1.30 20.87 -66.01
C LEU B 474 -1.01 19.59 -66.79
N THR B 475 0.20 19.48 -67.32
CA THR B 475 0.65 18.29 -68.02
C THR B 475 2.03 17.88 -67.50
N PHE B 476 2.23 16.58 -67.35
CA PHE B 476 3.49 16.03 -66.90
C PHE B 476 4.10 15.41 -68.14
N ASP B 477 5.21 15.97 -68.61
CA ASP B 477 5.94 15.48 -69.78
C ASP B 477 6.34 14.01 -69.59
N PRO B 478 5.81 13.12 -70.46
CA PRO B 478 6.14 11.67 -70.35
C PRO B 478 7.62 11.34 -70.60
N LYS B 479 8.38 12.28 -71.21
CA LYS B 479 9.81 12.08 -71.45
C LYS B 479 10.70 12.42 -70.23
N VAL B 480 10.11 13.02 -69.17
CA VAL B 480 10.85 13.34 -67.95
C VAL B 480 11.14 12.08 -67.15
N GLU B 481 12.41 11.88 -66.83
CA GLU B 481 12.85 10.73 -66.07
C GLU B 481 13.61 11.15 -64.80
N ILE B 482 13.17 10.67 -63.63
CA ILE B 482 13.81 10.98 -62.37
C ILE B 482 14.70 9.80 -62.00
N LYS B 483 16.03 9.98 -62.04
CA LYS B 483 16.95 8.92 -61.66
C LYS B 483 17.85 9.43 -60.53
N ASP B 484 17.36 9.26 -59.32
CA ASP B 484 17.94 9.62 -58.03
C ASP B 484 19.26 8.84 -57.80
N PRO B 485 20.27 9.44 -57.13
CA PRO B 485 21.51 8.67 -56.85
C PRO B 485 21.33 7.53 -55.84
N TYR B 486 20.21 7.51 -55.08
CA TYR B 486 19.92 6.52 -54.05
C TYR B 486 19.09 5.33 -54.49
N GLY B 487 18.67 5.30 -55.74
CA GLY B 487 17.85 4.19 -56.21
C GLY B 487 16.53 4.52 -56.86
N VAL B 488 15.89 5.67 -56.48
CA VAL B 488 14.63 6.12 -57.11
C VAL B 488 14.80 6.21 -58.64
N GLN B 489 13.90 5.55 -59.40
CA GLN B 489 13.99 5.58 -60.84
C GLN B 489 12.59 5.57 -61.41
N VAL B 490 12.07 6.74 -61.77
CA VAL B 490 10.71 6.85 -62.29
C VAL B 490 10.63 7.70 -63.58
N ARG B 491 9.54 7.56 -64.30
CA ARG B 491 9.29 8.31 -65.52
C ARG B 491 7.87 8.86 -65.33
N PHE B 492 7.62 10.09 -65.83
CA PHE B 492 6.30 10.70 -65.68
C PHE B 492 5.27 10.03 -66.60
N LYS C 38 48.78 23.39 22.14
CA LYS C 38 49.26 22.75 20.91
C LYS C 38 49.35 21.27 21.04
N THR C 39 48.55 20.60 20.25
CA THR C 39 48.44 19.17 20.29
C THR C 39 49.56 18.51 19.49
N VAL C 40 50.04 17.37 19.99
CA VAL C 40 51.11 16.62 19.34
C VAL C 40 50.65 16.16 17.93
N GLN C 41 51.56 16.21 16.95
CA GLN C 41 51.22 15.95 15.55
C GLN C 41 51.14 14.49 15.19
N ILE C 42 50.17 14.17 14.33
CA ILE C 42 50.00 12.80 13.82
C ILE C 42 50.59 12.77 12.42
N PRO C 43 51.62 11.93 12.20
CA PRO C 43 52.26 11.90 10.89
C PRO C 43 51.41 11.36 9.75
N ASP C 44 51.71 11.80 8.52
CA ASP C 44 51.00 11.36 7.32
C ASP C 44 51.22 9.87 7.10
N GLY C 45 50.15 9.15 6.79
CA GLY C 45 50.23 7.71 6.56
C GLY C 45 50.24 6.85 7.80
N GLU C 46 50.06 7.47 8.98
CA GLU C 46 50.01 6.72 10.23
C GLU C 46 48.60 6.12 10.43
N VAL C 47 48.47 4.80 10.25
CA VAL C 47 47.23 4.06 10.39
C VAL C 47 46.93 3.71 11.86
N ASP C 48 47.98 3.46 12.67
CA ASP C 48 47.83 3.05 14.07
C ASP C 48 47.03 4.01 14.93
N PRO C 49 45.81 3.59 15.35
CA PRO C 49 44.98 4.46 16.21
C PRO C 49 45.62 4.78 17.56
N ALA C 50 46.56 3.94 18.05
CA ALA C 50 47.27 4.18 19.30
C ALA C 50 48.16 5.44 19.15
N VAL C 51 48.69 5.69 17.94
CA VAL C 51 49.49 6.90 17.69
C VAL C 51 48.57 8.12 17.76
N TRP C 52 47.40 8.08 17.10
CA TRP C 52 46.40 9.17 17.14
C TRP C 52 45.92 9.39 18.58
N GLY C 53 45.79 8.30 19.34
CA GLY C 53 45.37 8.30 20.74
C GLY C 53 46.33 9.01 21.69
N LYS C 54 47.59 9.22 21.28
CA LYS C 54 48.51 9.99 22.11
C LYS C 54 48.16 11.50 22.06
N ALA C 55 47.52 11.96 20.95
CA ALA C 55 47.07 13.34 20.80
C ALA C 55 45.63 13.49 21.29
N TYR C 56 44.80 12.47 21.04
CA TYR C 56 43.38 12.50 21.41
C TYR C 56 43.01 11.26 22.22
N PRO C 57 43.40 11.20 23.49
CA PRO C 57 43.13 9.99 24.29
C PRO C 57 41.66 9.73 24.59
N THR C 58 40.84 10.77 24.70
CA THR C 58 39.41 10.59 25.01
C THR C 58 38.70 9.86 23.88
N GLU C 59 38.90 10.34 22.63
CA GLU C 59 38.29 9.75 21.44
C GLU C 59 38.79 8.34 21.19
N TYR C 60 40.06 8.09 21.48
CA TYR C 60 40.69 6.80 21.34
C TYR C 60 40.08 5.78 22.32
N GLU C 61 39.91 6.14 23.62
CA GLU C 61 39.32 5.20 24.58
C GLU C 61 37.85 4.91 24.25
N MET C 62 37.10 5.93 23.78
CA MET C 62 35.70 5.70 23.38
C MET C 62 35.69 4.77 22.16
N TRP C 63 36.54 5.07 21.18
CA TRP C 63 36.66 4.31 19.95
C TRP C 63 36.94 2.82 20.17
N LYS C 64 37.89 2.48 21.06
CA LYS C 64 38.21 1.06 21.32
C LYS C 64 37.13 0.33 22.14
N LYS C 65 36.16 1.08 22.72
CA LYS C 65 34.99 0.64 23.51
C LYS C 65 35.35 0.52 25.00
N LYS C 78 14.93 -4.81 18.49
CA LYS C 78 14.24 -5.01 17.21
C LYS C 78 15.13 -4.65 16.02
N ARG C 79 15.39 -5.63 15.14
CA ARG C 79 16.26 -5.43 13.98
C ARG C 79 15.76 -6.18 12.73
N GLY C 80 16.30 -5.82 11.57
CA GLY C 80 15.96 -6.52 10.33
C GLY C 80 16.94 -7.68 10.16
N PHE C 81 17.39 -7.93 8.92
CA PHE C 81 18.39 -8.97 8.70
C PHE C 81 19.72 -8.33 8.28
N ASP C 82 20.81 -9.07 8.44
CA ASP C 82 22.12 -8.61 7.98
C ASP C 82 22.23 -9.14 6.56
N ALA C 83 22.17 -8.26 5.55
CA ALA C 83 22.16 -8.70 4.15
C ALA C 83 23.28 -9.62 3.73
N ASP C 84 24.51 -9.43 4.22
CA ASP C 84 25.61 -10.32 3.87
C ASP C 84 25.81 -11.50 4.81
N HIS C 85 24.90 -11.68 5.78
CA HIS C 85 24.97 -12.80 6.72
C HIS C 85 23.57 -13.12 7.24
N VAL C 86 22.75 -13.77 6.41
CA VAL C 86 21.39 -14.15 6.78
C VAL C 86 21.49 -15.30 7.78
N THR C 87 20.88 -15.16 8.96
CA THR C 87 20.97 -16.20 9.98
C THR C 87 19.71 -17.01 10.14
N TYR C 88 19.82 -18.23 10.71
CA TYR C 88 18.65 -19.06 11.00
C TYR C 88 17.70 -18.37 11.97
N ASP C 89 18.24 -17.56 12.90
CA ASP C 89 17.46 -16.77 13.85
C ASP C 89 16.55 -15.79 13.12
N LYS C 90 17.05 -15.12 12.07
CA LYS C 90 16.22 -14.20 11.29
C LYS C 90 15.20 -14.93 10.44
N LEU C 91 15.53 -16.13 9.92
CA LEU C 91 14.57 -16.93 9.16
C LEU C 91 13.40 -17.32 10.05
N SER C 92 13.68 -17.63 11.30
CA SER C 92 12.65 -17.99 12.28
C SER C 92 11.69 -16.81 12.58
N GLU C 93 12.22 -15.59 12.51
CA GLU C 93 11.51 -14.35 12.79
C GLU C 93 10.71 -13.88 11.57
N PHE C 94 11.26 -14.08 10.37
CA PHE C 94 10.64 -13.69 9.10
C PHE C 94 10.62 -14.94 8.21
N PRO C 95 9.66 -15.85 8.47
CA PRO C 95 9.67 -17.14 7.76
C PRO C 95 9.70 -17.10 6.24
N TYR C 96 9.15 -16.05 5.60
CA TYR C 96 9.17 -15.93 4.14
C TYR C 96 10.61 -15.88 3.58
N MET C 97 11.59 -15.44 4.42
CA MET C 97 13.00 -15.31 4.04
C MET C 97 13.65 -16.66 3.72
N ALA C 98 13.19 -17.76 4.34
CA ALA C 98 13.75 -19.08 4.05
C ALA C 98 13.51 -19.42 2.55
N LEU C 99 12.31 -19.08 2.04
CA LEU C 99 11.94 -19.31 0.65
C LEU C 99 12.62 -18.27 -0.26
N LEU C 100 12.52 -16.99 0.07
CA LEU C 100 13.06 -15.92 -0.77
C LEU C 100 14.58 -15.85 -0.85
N PHE C 101 15.28 -16.21 0.23
CA PHE C 101 16.73 -16.08 0.24
C PHE C 101 17.49 -17.36 0.09
N ASN C 102 16.81 -18.52 -0.17
CA ASN C 102 17.54 -19.76 -0.42
C ASN C 102 18.35 -19.57 -1.71
N GLY C 103 19.65 -19.82 -1.64
CA GLY C 103 20.58 -19.57 -2.74
C GLY C 103 21.57 -18.45 -2.42
N TRP C 104 21.24 -17.61 -1.42
CA TRP C 104 22.08 -16.51 -0.97
C TRP C 104 23.04 -16.96 0.15
N GLY C 105 22.65 -17.97 0.92
CA GLY C 105 23.49 -18.49 1.99
C GLY C 105 22.91 -18.19 3.36
N PHE C 106 22.80 -19.23 4.20
CA PHE C 106 22.31 -19.11 5.56
C PHE C 106 23.44 -19.46 6.51
N GLY C 107 23.41 -18.87 7.68
CA GLY C 107 24.45 -19.12 8.67
C GLY C 107 23.96 -19.00 10.10
N ILE C 108 24.86 -19.29 11.02
CA ILE C 108 24.63 -19.21 12.46
C ILE C 108 24.81 -17.76 12.88
N ALA C 109 24.00 -17.28 13.84
CA ALA C 109 24.14 -15.94 14.36
C ALA C 109 25.47 -15.82 15.13
N TYR C 110 26.36 -14.90 14.69
CA TYR C 110 27.63 -14.66 15.35
C TYR C 110 27.38 -13.60 16.44
N ASN C 111 27.20 -14.02 17.70
CA ASN C 111 26.91 -13.09 18.78
C ASN C 111 28.17 -12.46 19.38
N GLU C 112 28.92 -11.74 18.55
CA GLU C 112 30.16 -11.10 18.97
C GLU C 112 29.93 -9.61 19.26
N PRO C 113 30.84 -8.96 20.04
CA PRO C 113 30.66 -7.54 20.30
C PRO C 113 30.85 -6.71 19.04
N ARG C 114 29.77 -6.12 18.53
CA ARG C 114 29.87 -5.26 17.37
C ARG C 114 30.55 -3.94 17.75
N GLY C 115 31.24 -3.36 16.79
CA GLY C 115 32.00 -2.13 16.99
C GLY C 115 32.94 -1.88 15.83
N HIS C 116 33.43 -0.65 15.69
CA HIS C 116 34.32 -0.30 14.60
C HIS C 116 35.75 -0.74 14.84
N ALA C 117 36.24 -0.60 16.08
CA ALA C 117 37.63 -0.83 16.39
C ALA C 117 38.19 -2.20 15.99
N ASN C 118 37.52 -3.28 16.39
CA ASN C 118 38.05 -4.61 16.11
C ASN C 118 37.09 -5.47 15.31
N MET C 119 37.58 -6.07 14.22
CA MET C 119 36.79 -6.93 13.35
C MET C 119 37.52 -8.23 13.07
N VAL C 120 37.10 -9.32 13.71
CA VAL C 120 37.73 -10.63 13.51
C VAL C 120 37.46 -11.14 12.07
N ARG C 121 38.46 -11.81 11.50
CA ARG C 121 38.44 -12.26 10.11
C ARG C 121 38.06 -13.70 9.87
N ASP C 122 38.01 -14.53 10.93
CA ASP C 122 37.72 -15.96 10.84
C ASP C 122 36.46 -16.31 9.99
N GLN C 123 35.29 -15.76 10.32
CA GLN C 123 34.06 -16.01 9.56
C GLN C 123 34.03 -15.30 8.20
N LEU C 124 34.64 -14.12 8.10
CA LEU C 124 34.69 -13.38 6.83
C LEU C 124 35.55 -14.10 5.79
N GLU C 125 36.53 -14.93 6.23
CA GLU C 125 37.38 -15.70 5.33
C GLU C 125 36.57 -16.84 4.71
N ILE C 126 35.89 -17.62 5.57
CA ILE C 126 35.10 -18.77 5.12
C ILE C 126 33.91 -18.33 4.26
N ASP C 127 33.33 -17.15 4.55
CA ASP C 127 32.21 -16.65 3.75
C ASP C 127 32.69 -16.22 2.37
N SER C 128 33.84 -15.52 2.30
CA SER C 128 34.47 -15.02 1.07
C SER C 128 34.89 -16.14 0.11
N ALA C 129 35.32 -17.28 0.66
CA ALA C 129 35.70 -18.42 -0.19
C ALA C 129 34.47 -19.10 -0.82
N ARG C 130 33.32 -19.05 -0.15
CA ARG C 130 32.09 -19.64 -0.68
C ARG C 130 31.57 -18.79 -1.83
N LEU C 131 31.53 -17.47 -1.65
CA LEU C 131 31.04 -16.54 -2.66
C LEU C 131 32.10 -16.14 -3.71
N LYS C 132 33.36 -16.56 -3.54
CA LYS C 132 34.47 -16.18 -4.42
C LYS C 132 34.60 -14.65 -4.54
N SER C 133 34.34 -13.94 -3.40
CA SER C 133 34.34 -12.48 -3.31
C SER C 133 35.72 -11.90 -3.48
N GLY C 134 36.70 -12.54 -2.87
CA GLY C 134 38.11 -12.16 -2.91
C GLY C 134 38.44 -10.69 -2.78
N GLY C 135 38.71 -10.23 -1.56
CA GLY C 135 39.08 -8.84 -1.34
C GLY C 135 37.94 -7.87 -1.15
N VAL C 136 36.84 -8.02 -1.92
CA VAL C 136 35.67 -7.12 -1.84
C VAL C 136 35.15 -6.92 -0.43
N CYS C 137 35.00 -7.99 0.35
CA CYS C 137 34.47 -7.90 1.71
C CYS C 137 35.41 -7.19 2.70
N LEU C 138 36.62 -6.79 2.28
CA LEU C 138 37.50 -5.96 3.13
C LEU C 138 37.28 -4.45 2.85
N THR C 139 36.59 -4.08 1.76
CA THR C 139 36.39 -2.69 1.33
C THR C 139 35.98 -1.74 2.44
N CYS C 140 35.06 -2.16 3.30
CA CYS C 140 34.55 -1.35 4.40
C CYS C 140 35.00 -1.82 5.77
N LYS C 141 36.03 -2.69 5.84
CA LYS C 141 36.41 -3.33 7.09
C LYS C 141 37.90 -3.32 7.40
N THR C 142 38.69 -2.49 6.72
CA THR C 142 40.11 -2.32 7.02
C THR C 142 40.57 -0.97 6.49
N PRO C 143 41.32 -0.18 7.30
CA PRO C 143 41.82 1.11 6.78
C PRO C 143 42.84 0.96 5.63
N TYR C 144 43.31 -0.28 5.38
CA TYR C 144 44.20 -0.62 4.30
C TYR C 144 43.48 -0.79 2.96
N ALA C 145 42.13 -0.89 2.95
CA ALA C 145 41.38 -1.10 1.70
C ALA C 145 41.66 -0.07 0.58
N PRO C 146 41.66 1.26 0.84
CA PRO C 146 41.96 2.21 -0.25
C PRO C 146 43.39 2.03 -0.82
N LYS C 147 44.35 1.67 0.03
CA LYS C 147 45.74 1.43 -0.39
C LYS C 147 45.86 0.14 -1.20
N LEU C 148 45.24 -0.95 -0.73
CA LEU C 148 45.27 -2.24 -1.40
C LEU C 148 44.59 -2.15 -2.76
N GLU C 149 43.46 -1.43 -2.89
CA GLU C 149 42.78 -1.30 -4.18
C GLU C 149 43.57 -0.43 -5.15
N LYS C 150 44.26 0.61 -4.65
CA LYS C 150 45.05 1.48 -5.51
C LYS C 150 46.27 0.73 -6.06
N GLU C 151 46.95 -0.04 -5.21
CA GLU C 151 48.12 -0.78 -5.64
C GLU C 151 47.81 -2.04 -6.44
N MET C 152 46.75 -2.79 -6.08
CA MET C 152 46.40 -4.02 -6.78
C MET C 152 45.48 -3.82 -7.99
N GLY C 153 44.70 -2.74 -7.99
CA GLY C 153 43.76 -2.48 -9.07
C GLY C 153 42.68 -3.53 -9.16
N ILE C 154 42.50 -4.09 -10.38
CA ILE C 154 41.53 -5.15 -10.63
C ILE C 154 41.86 -6.42 -9.80
N ASP C 155 43.13 -6.62 -9.46
CA ASP C 155 43.55 -7.79 -8.70
C ASP C 155 43.09 -7.75 -7.24
N TYR C 156 42.72 -6.59 -6.71
CA TYR C 156 42.16 -6.49 -5.36
C TYR C 156 40.80 -7.30 -5.29
N PHE C 157 40.02 -7.24 -6.35
CA PHE C 157 38.73 -7.92 -6.42
C PHE C 157 38.87 -9.39 -6.84
N LYS C 158 39.82 -9.70 -7.74
CA LYS C 158 40.03 -11.06 -8.25
C LYS C 158 40.85 -11.97 -7.35
N THR C 159 41.79 -11.41 -6.58
CA THR C 159 42.66 -12.18 -5.69
C THR C 159 41.88 -12.73 -4.51
N PRO C 160 42.05 -14.03 -4.18
CA PRO C 160 41.31 -14.59 -3.03
C PRO C 160 41.52 -13.82 -1.73
N PHE C 161 40.47 -13.74 -0.89
CA PHE C 161 40.46 -13.02 0.39
C PHE C 161 41.70 -13.25 1.24
N LYS C 162 42.11 -14.52 1.40
CA LYS C 162 43.26 -14.88 2.21
C LYS C 162 44.54 -14.24 1.72
N ASP C 163 44.69 -14.10 0.40
CA ASP C 163 45.89 -13.50 -0.17
C ASP C 163 45.89 -11.97 -0.09
N VAL C 164 44.70 -11.35 0.00
CA VAL C 164 44.57 -9.90 0.16
C VAL C 164 44.84 -9.56 1.63
N LEU C 165 44.26 -10.35 2.55
CA LEU C 165 44.45 -10.15 3.99
C LEU C 165 45.92 -10.36 4.37
N ALA C 166 46.63 -11.29 3.69
CA ALA C 166 48.04 -11.55 3.95
C ALA C 166 48.90 -10.30 3.75
N LYS C 167 48.46 -9.36 2.89
CA LYS C 167 49.21 -8.12 2.64
C LYS C 167 49.11 -7.10 3.79
N ILE C 168 48.11 -7.25 4.69
CA ILE C 168 47.96 -6.31 5.82
C ILE C 168 48.94 -6.67 6.96
N PRO C 169 49.65 -5.69 7.57
CA PRO C 169 50.56 -6.02 8.69
C PRO C 169 49.86 -6.78 9.81
N GLU C 170 50.53 -7.78 10.40
CA GLU C 170 49.99 -8.64 11.45
C GLU C 170 49.42 -7.85 12.64
N LYS C 171 50.12 -6.80 13.05
CA LYS C 171 49.67 -5.95 14.18
C LYS C 171 48.33 -5.22 13.93
N HIS C 172 47.87 -5.18 12.67
CA HIS C 172 46.61 -4.53 12.31
C HIS C 172 45.71 -5.43 11.49
N LYS C 173 45.86 -6.75 11.58
CA LYS C 173 45.03 -7.68 10.82
C LYS C 173 43.56 -7.55 11.16
N THR C 174 43.23 -7.23 12.42
CA THR C 174 41.84 -7.12 12.84
C THR C 174 41.38 -5.64 13.11
N LEU C 175 42.17 -4.66 12.66
CA LEU C 175 41.79 -3.24 12.79
C LEU C 175 40.68 -2.98 11.78
N GLY C 176 39.49 -2.64 12.27
CA GLY C 176 38.32 -2.44 11.43
C GLY C 176 38.19 -1.08 10.79
N VAL C 177 37.68 -0.11 11.54
CA VAL C 177 37.50 1.25 11.05
C VAL C 177 38.31 2.13 11.96
N ALA C 178 39.42 2.65 11.46
CA ALA C 178 40.35 3.45 12.27
C ALA C 178 40.12 4.96 12.06
N CYS C 179 40.73 5.83 12.90
CA CYS C 179 40.64 7.29 12.81
C CYS C 179 40.85 7.79 11.37
N ILE C 180 41.91 7.30 10.71
CA ILE C 180 42.30 7.67 9.34
C ILE C 180 41.17 7.47 8.29
N ASP C 181 40.22 6.57 8.56
CA ASP C 181 39.09 6.37 7.64
C ASP C 181 38.12 7.57 7.61
N CYS C 182 38.10 8.40 8.69
CA CYS C 182 37.19 9.54 8.79
C CYS C 182 37.85 10.88 8.93
N HIS C 183 39.11 10.91 9.39
CA HIS C 183 39.80 12.16 9.69
C HIS C 183 41.04 12.44 8.89
N ASP C 184 41.26 13.71 8.59
CA ASP C 184 42.49 14.16 7.97
C ASP C 184 43.47 14.30 9.16
N ASN C 185 44.64 13.67 9.10
CA ASN C 185 45.57 13.66 10.22
C ASN C 185 46.14 15.04 10.57
N LYS C 186 46.12 15.97 9.61
CA LYS C 186 46.68 17.30 9.85
C LYS C 186 45.82 18.18 10.72
N ASP C 187 44.51 18.25 10.47
CA ASP C 187 43.63 19.13 11.26
C ASP C 187 42.40 18.47 11.88
N MET C 188 42.30 17.14 11.76
CA MET C 188 41.18 16.34 12.25
C MET C 188 39.84 16.64 11.56
N SER C 189 39.87 17.38 10.44
CA SER C 189 38.63 17.64 9.70
C SER C 189 38.17 16.31 9.04
N LEU C 190 36.87 16.17 8.82
CA LEU C 190 36.32 14.96 8.24
C LEU C 190 36.77 14.80 6.79
N ARG C 191 37.05 13.57 6.38
CA ARG C 191 37.51 13.28 5.04
C ARG C 191 36.88 12.02 4.48
N ILE C 192 36.98 11.84 3.18
CA ILE C 192 36.52 10.64 2.50
C ILE C 192 37.74 9.81 2.17
N SER C 193 37.99 8.77 2.95
CA SER C 193 39.06 7.83 2.67
C SER C 193 38.66 6.88 1.52
N ARG C 194 37.34 6.63 1.34
CA ARG C 194 36.82 5.73 0.33
C ARG C 194 36.55 6.40 -0.99
N GLY C 195 37.62 6.86 -1.64
CA GLY C 195 37.50 7.49 -2.95
C GLY C 195 37.03 6.54 -4.04
N PHE C 196 37.46 5.26 -4.00
CA PHE C 196 37.11 4.30 -5.04
C PHE C 196 35.68 3.79 -4.96
N THR C 197 34.98 4.05 -3.85
CA THR C 197 33.58 3.66 -3.69
C THR C 197 32.71 4.94 -3.54
N LEU C 198 32.78 5.63 -2.39
CA LEU C 198 31.98 6.84 -2.17
C LEU C 198 32.36 7.99 -3.09
N GLY C 199 33.65 8.22 -3.33
CA GLY C 199 34.09 9.27 -4.24
C GLY C 199 33.51 9.10 -5.63
N GLU C 200 33.50 7.86 -6.11
CA GLU C 200 32.92 7.52 -7.40
C GLU C 200 31.40 7.69 -7.40
N ALA C 201 30.74 7.29 -6.30
CA ALA C 201 29.29 7.42 -6.14
C ALA C 201 28.81 8.89 -6.10
N LEU C 202 29.61 9.78 -5.50
CA LEU C 202 29.28 11.21 -5.44
C LEU C 202 29.32 11.86 -6.82
N LYS C 203 30.22 11.40 -7.69
CA LYS C 203 30.30 11.88 -9.06
C LYS C 203 28.99 11.50 -9.80
N LYS C 204 28.42 10.30 -9.51
CA LYS C 204 27.16 9.82 -10.10
C LYS C 204 25.98 10.70 -9.68
N LEU C 205 26.01 11.20 -8.44
CA LEU C 205 24.99 12.11 -7.90
C LEU C 205 25.11 13.55 -8.43
N GLY C 206 26.22 13.86 -9.10
CA GLY C 206 26.50 15.21 -9.58
C GLY C 206 27.01 16.10 -8.46
N VAL C 207 27.66 15.51 -7.45
CA VAL C 207 28.17 16.25 -6.30
C VAL C 207 29.64 16.60 -6.46
N ASP C 208 29.96 17.90 -6.24
CA ASP C 208 31.33 18.39 -6.23
C ASP C 208 31.79 18.18 -4.78
N GLN C 209 32.67 17.20 -4.57
CA GLN C 209 33.22 16.81 -3.28
C GLN C 209 33.93 17.97 -2.56
N ALA C 210 34.50 18.92 -3.32
CA ALA C 210 35.20 20.07 -2.75
C ALA C 210 34.26 21.12 -2.15
N LYS C 211 32.99 21.14 -2.57
CA LYS C 211 32.02 22.10 -2.06
C LYS C 211 31.16 21.53 -0.91
N LEU C 212 31.49 20.35 -0.37
CA LEU C 212 30.69 19.74 0.69
C LEU C 212 30.88 20.50 2.00
N SER C 213 29.79 20.74 2.72
CA SER C 213 29.87 21.41 4.01
C SER C 213 30.21 20.42 5.14
N ARG C 214 30.58 20.92 6.34
CA ARG C 214 30.85 20.07 7.52
C ARG C 214 29.56 19.28 7.87
N GLN C 215 28.39 19.91 7.75
CA GLN C 215 27.13 19.24 8.04
C GLN C 215 26.88 18.06 7.10
N GLU C 216 27.18 18.24 5.81
CA GLU C 216 27.02 17.16 4.84
C GLU C 216 27.99 16.04 5.15
N MET C 217 29.23 16.39 5.51
CA MET C 217 30.25 15.43 5.87
C MET C 217 29.90 14.65 7.14
N ARG C 218 29.08 15.21 8.03
CA ARG C 218 28.65 14.52 9.24
C ARG C 218 27.76 13.29 8.95
N SER C 219 27.21 13.16 7.72
CA SER C 219 26.52 11.95 7.28
C SER C 219 27.36 11.23 6.20
N LEU C 220 28.01 11.96 5.29
CA LEU C 220 28.79 11.35 4.22
C LEU C 220 29.99 10.56 4.73
N VAL C 221 30.63 10.92 5.91
CA VAL C 221 31.70 10.01 6.42
C VAL C 221 31.11 8.61 6.70
N CYS C 222 29.85 8.53 7.13
CA CYS C 222 29.19 7.26 7.42
C CYS C 222 28.82 6.55 6.13
N ALA C 223 28.36 7.30 5.12
CA ALA C 223 27.98 6.82 3.77
C ALA C 223 29.18 6.21 3.01
N GLN C 224 30.40 6.25 3.58
CA GLN C 224 31.53 5.55 2.98
C GLN C 224 31.25 4.03 3.07
N CYS C 225 30.48 3.57 4.10
CA CYS C 225 30.23 2.15 4.31
C CYS C 225 28.78 1.78 4.57
N HIS C 226 28.00 2.68 5.22
CA HIS C 226 26.60 2.38 5.57
C HIS C 226 25.63 2.68 4.42
N VAL C 227 25.87 2.00 3.32
CA VAL C 227 25.12 2.16 2.06
C VAL C 227 24.99 0.81 1.36
N THR C 228 24.17 0.75 0.31
CA THR C 228 24.08 -0.45 -0.50
C THR C 228 25.20 -0.47 -1.56
N TYR C 229 25.59 -1.65 -1.97
CA TYR C 229 26.63 -1.82 -2.97
C TYR C 229 26.34 -3.06 -3.82
N ASN C 230 26.97 -3.10 -5.00
CA ASN C 230 26.84 -4.21 -5.92
C ASN C 230 28.22 -4.66 -6.36
N ILE C 231 28.36 -5.97 -6.58
CA ILE C 231 29.63 -6.54 -6.99
C ILE C 231 29.53 -7.07 -8.42
N PRO C 232 30.09 -6.31 -9.39
CA PRO C 232 30.13 -6.81 -10.77
C PRO C 232 31.03 -8.04 -10.85
N LYS C 233 30.62 -9.03 -11.60
CA LYS C 233 31.32 -10.30 -11.73
C LYS C 233 31.68 -10.58 -13.18
N ASP C 234 32.80 -11.28 -13.39
CA ASP C 234 33.17 -11.69 -14.75
C ASP C 234 32.48 -13.03 -15.11
N ALA C 235 32.75 -13.58 -16.34
CA ALA C 235 32.14 -14.83 -16.79
C ALA C 235 32.50 -16.05 -15.92
N ASP C 236 33.66 -15.98 -15.23
CA ASP C 236 34.16 -17.02 -14.35
C ASP C 236 33.66 -16.85 -12.89
N LYS C 237 32.64 -15.99 -12.65
CA LYS C 237 32.06 -15.66 -11.35
C LYS C 237 33.04 -15.03 -10.36
N LYS C 238 34.13 -14.41 -10.87
CA LYS C 238 35.08 -13.71 -10.01
C LYS C 238 34.66 -12.24 -9.90
N SER C 239 34.84 -11.64 -8.71
CA SER C 239 34.51 -10.22 -8.52
C SER C 239 35.47 -9.37 -9.35
N ILE C 240 34.94 -8.33 -10.02
CA ILE C 240 35.79 -7.42 -10.82
C ILE C 240 35.64 -5.95 -10.41
N GLY C 241 34.94 -5.69 -9.31
CA GLY C 241 34.76 -4.33 -8.79
C GLY C 241 33.73 -4.29 -7.67
N VAL C 242 33.38 -3.07 -7.27
CA VAL C 242 32.36 -2.79 -6.27
C VAL C 242 31.90 -1.37 -6.49
N TYR C 243 30.57 -1.15 -6.49
CA TYR C 243 30.04 0.20 -6.64
C TYR C 243 28.73 0.41 -5.88
N PHE C 244 28.43 1.67 -5.55
CA PHE C 244 27.16 2.02 -4.91
C PHE C 244 26.23 2.37 -6.05
N PRO C 245 25.06 1.72 -6.15
CA PRO C 245 24.15 1.95 -7.31
C PRO C 245 23.40 3.29 -7.27
N TRP C 246 24.16 4.39 -7.32
CA TRP C 246 23.64 5.74 -7.21
C TRP C 246 23.50 6.49 -8.55
N GLN C 247 23.65 5.78 -9.68
CA GLN C 247 23.46 6.33 -11.02
C GLN C 247 22.01 6.81 -11.17
N GLY C 248 21.82 8.05 -11.64
CA GLY C 248 20.49 8.62 -11.82
C GLY C 248 19.90 9.29 -10.61
N SER C 249 20.55 9.14 -9.44
CA SER C 249 20.08 9.75 -8.20
C SER C 249 20.72 11.14 -7.97
N LYS C 250 20.21 11.86 -6.98
CA LYS C 250 20.71 13.16 -6.56
C LYS C 250 20.81 13.14 -5.04
N MET C 251 21.54 14.11 -4.46
CA MET C 251 21.67 14.31 -3.02
C MET C 251 20.27 14.56 -2.44
N GLY C 252 19.94 13.83 -1.38
CA GLY C 252 18.61 13.91 -0.79
C GLY C 252 17.55 13.10 -1.50
N ASN C 253 17.93 12.33 -2.53
CA ASN C 253 16.95 11.51 -3.26
C ASN C 253 17.59 10.27 -3.94
N ILE C 254 18.14 9.36 -3.14
CA ILE C 254 18.69 8.12 -3.66
C ILE C 254 17.60 7.11 -3.38
N SER C 255 16.64 7.08 -4.28
CA SER C 255 15.45 6.27 -4.15
C SER C 255 15.65 4.80 -4.50
N VAL C 256 14.78 3.93 -3.96
CA VAL C 256 14.80 2.51 -4.28
C VAL C 256 14.47 2.32 -5.79
N GLU C 257 13.65 3.20 -6.39
CA GLU C 257 13.31 3.13 -7.82
C GLU C 257 14.62 3.24 -8.64
N ASN C 258 15.46 4.22 -8.32
CA ASN C 258 16.70 4.44 -9.04
C ASN C 258 17.71 3.33 -8.80
N ILE C 259 17.82 2.84 -7.56
CA ILE C 259 18.71 1.73 -7.22
C ILE C 259 18.30 0.47 -8.02
N ILE C 260 17.01 0.10 -7.98
CA ILE C 260 16.48 -1.06 -8.70
C ILE C 260 16.70 -0.90 -10.20
N LYS C 261 16.43 0.28 -10.76
CA LYS C 261 16.66 0.52 -12.19
C LYS C 261 18.13 0.28 -12.57
N GLN C 262 19.06 0.71 -11.71
CA GLN C 262 20.48 0.47 -11.94
C GLN C 262 20.82 -1.03 -11.90
N ILE C 263 20.39 -1.73 -10.84
CA ILE C 263 20.65 -3.17 -10.68
C ILE C 263 20.10 -3.96 -11.86
N ARG C 264 18.86 -3.67 -12.27
CA ARG C 264 18.22 -4.40 -13.38
C ARG C 264 18.82 -4.08 -14.75
N SER C 265 19.54 -2.97 -14.88
CA SER C 265 20.20 -2.63 -16.15
C SER C 265 21.62 -3.22 -16.25
N ASP C 266 22.21 -3.69 -15.14
CA ASP C 266 23.59 -4.18 -15.14
C ASP C 266 23.64 -5.70 -14.99
N ALA C 267 23.80 -6.41 -16.11
CA ALA C 267 23.85 -7.87 -16.11
C ALA C 267 25.00 -8.43 -15.29
N SER C 268 26.09 -7.66 -15.14
CA SER C 268 27.27 -8.11 -14.39
C SER C 268 27.05 -8.19 -12.88
N VAL C 269 25.98 -7.59 -12.34
CA VAL C 269 25.79 -7.63 -10.88
C VAL C 269 24.80 -8.74 -10.45
N GLY C 270 24.61 -9.76 -11.28
CA GLY C 270 23.85 -10.94 -10.91
C GLY C 270 24.77 -11.75 -10.02
N GLU C 271 24.62 -11.60 -8.71
CA GLU C 271 25.54 -12.23 -7.75
C GLU C 271 25.11 -13.59 -7.26
N TRP C 272 23.85 -13.98 -7.49
CA TRP C 272 23.37 -15.27 -6.99
C TRP C 272 22.20 -15.76 -7.80
N THR C 273 21.83 -17.03 -7.59
CA THR C 273 20.63 -17.59 -8.19
C THR C 273 19.66 -17.86 -7.03
N GLN C 274 18.46 -17.30 -7.10
CA GLN C 274 17.43 -17.55 -6.11
C GLN C 274 16.88 -18.96 -6.43
N THR C 275 17.06 -19.91 -5.52
CA THR C 275 16.66 -21.31 -5.73
C THR C 275 15.20 -21.57 -6.05
N VAL C 276 14.22 -20.94 -5.35
CA VAL C 276 12.82 -21.23 -5.62
C VAL C 276 12.39 -20.90 -7.09
N THR C 277 12.93 -19.81 -7.65
CA THR C 277 12.54 -19.39 -9.01
C THR C 277 13.56 -19.74 -10.10
N GLY C 278 14.81 -19.98 -9.68
CA GLY C 278 15.91 -20.15 -10.60
C GLY C 278 16.41 -18.84 -11.22
N PHE C 279 15.93 -17.68 -10.74
CA PHE C 279 16.34 -16.38 -11.29
C PHE C 279 17.69 -15.88 -10.80
N LYS C 280 18.51 -15.32 -11.71
CA LYS C 280 19.77 -14.70 -11.33
C LYS C 280 19.42 -13.27 -10.88
N LEU C 281 19.75 -12.94 -9.63
CA LEU C 281 19.38 -11.65 -9.07
C LEU C 281 20.59 -10.92 -8.50
N GLY C 282 20.41 -9.63 -8.28
CA GLY C 282 21.34 -8.80 -7.56
C GLY C 282 20.92 -8.80 -6.09
N PHE C 283 21.51 -7.93 -5.29
CA PHE C 283 21.17 -7.84 -3.87
C PHE C 283 21.32 -6.41 -3.38
N ILE C 284 20.69 -6.11 -2.24
CA ILE C 284 20.76 -4.82 -1.60
C ILE C 284 21.23 -5.03 -0.15
N ARG C 285 22.12 -4.16 0.34
CA ARG C 285 22.68 -4.29 1.66
C ARG C 285 22.49 -3.01 2.41
N HIS C 286 22.23 -3.06 3.72
CA HIS C 286 22.17 -1.89 4.62
C HIS C 286 22.16 -0.48 3.97
N PRO C 287 21.08 -0.06 3.27
CA PRO C 287 21.10 1.26 2.62
C PRO C 287 20.73 2.37 3.60
N GLU C 288 21.48 2.48 4.69
CA GLU C 288 21.17 3.43 5.74
C GLU C 288 21.23 4.88 5.29
N TYR C 289 22.30 5.29 4.61
CA TYR C 289 22.40 6.66 4.11
C TYR C 289 21.30 6.96 3.06
N GLU C 290 21.07 6.04 2.11
CA GLU C 290 20.03 6.21 1.09
C GLU C 290 18.66 6.35 1.73
N LEU C 291 18.30 5.49 2.71
CA LEU C 291 16.98 5.60 3.35
C LEU C 291 16.87 6.89 4.18
N PHE C 292 17.86 7.13 5.06
CA PHE C 292 17.87 8.32 5.90
C PHE C 292 17.80 9.63 5.09
N SER C 293 18.67 9.78 4.08
CA SER C 293 18.75 11.06 3.35
C SER C 293 17.62 11.29 2.35
N ASN C 294 16.70 10.32 2.18
CA ASN C 294 15.62 10.48 1.23
C ASN C 294 14.48 11.31 1.80
N ASN C 295 14.76 12.59 2.08
CA ASN C 295 13.77 13.51 2.60
C ASN C 295 13.09 13.02 3.90
N SER C 296 13.83 12.30 4.76
CA SER C 296 13.25 11.81 6.00
C SER C 296 12.96 12.99 6.97
N VAL C 297 12.18 12.73 8.02
CA VAL C 297 11.87 13.73 9.04
C VAL C 297 13.16 14.35 9.63
N HIS C 298 14.09 13.52 10.08
CA HIS C 298 15.33 14.01 10.68
C HIS C 298 16.30 14.61 9.67
N TRP C 299 16.33 14.12 8.43
CA TRP C 299 17.14 14.72 7.39
C TRP C 299 16.66 16.15 7.11
N LYS C 300 15.32 16.35 6.94
CA LYS C 300 14.70 17.66 6.71
C LYS C 300 14.92 18.60 7.89
N ALA C 301 14.92 18.04 9.13
CA ALA C 301 15.17 18.80 10.38
C ALA C 301 16.64 19.23 10.54
N GLY C 302 17.52 18.80 9.64
CA GLY C 302 18.93 19.17 9.68
C GLY C 302 19.80 18.26 10.52
N ALA C 303 19.27 17.10 10.95
CA ALA C 303 20.11 16.16 11.72
C ALA C 303 21.06 15.37 10.79
N ALA C 304 22.24 15.06 11.32
CA ALA C 304 23.23 14.23 10.63
C ALA C 304 23.26 12.85 11.35
N CYS C 305 23.92 11.80 10.79
CA CYS C 305 24.06 10.50 11.48
C CYS C 305 24.63 10.73 12.91
N THR C 306 25.58 11.66 13.00
CA THR C 306 26.33 11.99 14.21
C THR C 306 25.48 12.54 15.33
N ASP C 307 24.38 13.22 15.00
CA ASP C 307 23.49 13.76 16.01
C ASP C 307 22.91 12.64 16.89
N CYS C 308 22.64 11.46 16.31
CA CYS C 308 22.11 10.34 17.09
C CYS C 308 23.14 9.29 17.45
N HIS C 309 24.11 9.03 16.58
CA HIS C 309 25.07 7.96 16.83
C HIS C 309 26.39 8.43 17.39
N MET C 310 26.69 9.74 17.35
CA MET C 310 27.91 10.27 17.99
C MET C 310 27.55 11.53 18.77
N PRO C 311 26.62 11.45 19.75
CA PRO C 311 26.22 12.68 20.45
C PRO C 311 27.36 13.25 21.29
N TYR C 312 27.32 14.55 21.53
CA TYR C 312 28.30 15.19 22.40
C TYR C 312 28.08 14.73 23.82
N THR C 313 29.17 14.47 24.52
CA THR C 313 29.22 14.12 25.93
C THR C 313 30.29 15.04 26.58
N ARG C 314 30.16 15.35 27.87
CA ARG C 314 31.08 16.24 28.56
C ARG C 314 32.21 15.47 29.23
N VAL C 315 33.45 15.82 28.90
CA VAL C 315 34.61 15.15 29.49
C VAL C 315 35.44 16.22 30.10
N GLY C 316 35.40 16.28 31.43
CA GLY C 316 36.04 17.33 32.21
C GLY C 316 35.20 18.59 32.03
N ALA C 317 35.52 19.38 30.99
CA ALA C 317 34.80 20.60 30.63
C ALA C 317 34.75 20.79 29.11
N PHE C 318 34.97 19.72 28.33
CA PHE C 318 34.93 19.79 26.89
C PHE C 318 33.78 19.00 26.36
N LYS C 319 33.15 19.50 25.29
CA LYS C 319 32.08 18.77 24.63
C LYS C 319 32.80 17.89 23.62
N VAL C 320 32.71 16.57 23.78
CA VAL C 320 33.41 15.59 22.97
C VAL C 320 32.41 14.67 22.26
N SER C 321 32.55 14.45 20.93
CA SER C 321 31.64 13.57 20.18
C SER C 321 31.86 12.15 20.62
N ASP C 322 30.80 11.46 21.03
CA ASP C 322 30.88 10.10 21.53
C ASP C 322 31.29 9.12 20.43
N HIS C 323 32.53 8.58 20.52
CA HIS C 323 33.08 7.63 19.54
C HIS C 323 32.78 6.16 19.84
N ARG C 324 31.90 5.89 20.81
CA ARG C 324 31.57 4.51 21.16
C ARG C 324 30.64 3.82 20.18
N VAL C 325 29.87 4.60 19.38
CA VAL C 325 28.89 4.15 18.39
C VAL C 325 28.00 2.96 18.92
N MET C 326 27.34 3.20 20.04
CA MET C 326 26.36 2.29 20.60
C MET C 326 24.93 2.78 20.21
N SER C 327 23.91 1.95 20.48
CA SER C 327 22.54 2.25 20.11
C SER C 327 21.96 3.52 20.74
N PRO C 328 21.25 4.34 19.95
CA PRO C 328 20.63 5.54 20.53
C PRO C 328 19.64 5.20 21.64
N LEU C 329 18.94 4.05 21.54
CA LEU C 329 18.00 3.64 22.58
C LEU C 329 18.76 3.08 23.78
N LYS C 330 19.74 2.19 23.53
CA LYS C 330 20.62 1.61 24.55
C LYS C 330 21.39 2.73 25.35
N ASN C 331 21.46 3.95 24.80
CA ASN C 331 22.13 5.06 25.46
C ASN C 331 21.07 5.95 26.17
N ASP C 332 20.04 5.32 26.78
CA ASP C 332 18.96 5.96 27.57
C ASP C 332 18.29 7.21 26.95
N MET C 333 18.23 7.26 25.61
CA MET C 333 17.68 8.34 24.79
C MET C 333 18.43 9.67 24.92
N LYS C 334 19.69 9.66 25.43
CA LYS C 334 20.53 10.84 25.63
C LYS C 334 20.73 11.68 24.37
N ALA C 335 20.96 11.04 23.21
CA ALA C 335 21.18 11.78 21.98
C ALA C 335 19.92 12.58 21.59
N CYS C 336 18.75 11.93 21.72
CA CYS C 336 17.43 12.48 21.41
C CYS C 336 17.13 13.71 22.26
N ILE C 337 17.43 13.64 23.59
CA ILE C 337 17.08 14.68 24.53
C ILE C 337 17.96 15.96 24.41
N GLN C 338 18.97 15.96 23.54
CA GLN C 338 19.72 17.17 23.22
C GLN C 338 18.86 18.10 22.32
N CYS C 339 17.84 17.53 21.58
CA CYS C 339 16.91 18.33 20.78
C CYS C 339 15.50 18.32 21.39
N HIS C 340 15.00 17.11 21.67
CA HIS C 340 13.65 16.88 22.18
C HIS C 340 13.41 17.21 23.61
N THR C 341 12.27 17.85 23.87
CA THR C 341 11.85 18.13 25.23
C THR C 341 10.90 17.08 25.74
N GLU C 342 10.39 16.17 24.88
CA GLU C 342 9.48 15.12 25.29
C GLU C 342 10.20 14.11 26.21
N LYS C 343 9.43 13.39 27.06
CA LYS C 343 9.99 12.38 27.98
C LYS C 343 10.73 11.29 27.20
N PRO C 344 11.88 10.81 27.70
CA PRO C 344 12.60 9.73 26.99
C PRO C 344 11.73 8.47 26.78
N GLU C 345 10.77 8.23 27.68
CA GLU C 345 9.83 7.13 27.56
C GLU C 345 8.93 7.35 26.34
N TRP C 346 8.45 8.58 26.14
CA TRP C 346 7.62 8.92 24.99
C TRP C 346 8.41 8.71 23.70
N LEU C 347 9.69 9.09 23.70
CA LEU C 347 10.56 8.93 22.54
C LEU C 347 10.77 7.44 22.23
N ARG C 348 10.99 6.62 23.27
CA ARG C 348 11.20 5.18 23.16
C ARG C 348 9.94 4.51 22.61
N ASP C 349 8.76 4.93 23.11
CA ASP C 349 7.46 4.43 22.62
C ASP C 349 7.24 4.76 21.14
N GLN C 350 7.74 5.91 20.66
CA GLN C 350 7.58 6.32 19.27
C GLN C 350 8.44 5.45 18.35
N VAL C 351 9.64 5.09 18.80
CA VAL C 351 10.54 4.24 18.03
C VAL C 351 9.94 2.85 17.92
N ILE C 352 9.44 2.28 19.04
CA ILE C 352 8.81 0.97 19.10
C ILE C 352 7.57 0.91 18.19
N ALA C 353 6.75 1.97 18.16
CA ALA C 353 5.57 2.00 17.28
C ALA C 353 5.96 2.01 15.79
N ILE C 354 7.05 2.73 15.44
CA ILE C 354 7.53 2.80 14.06
C ILE C 354 8.09 1.43 13.65
N GLN C 355 8.91 0.84 14.52
CA GLN C 355 9.52 -0.45 14.25
C GLN C 355 8.48 -1.59 14.17
N ASP C 356 7.45 -1.57 15.01
CA ASP C 356 6.39 -2.58 14.97
C ASP C 356 5.59 -2.46 13.66
N ARG C 357 5.35 -1.23 13.20
CA ARG C 357 4.63 -0.94 11.96
C ARG C 357 5.47 -1.46 10.78
N THR C 358 6.78 -1.22 10.81
CA THR C 358 7.66 -1.66 9.72
C THR C 358 7.73 -3.17 9.67
N VAL C 359 7.82 -3.85 10.83
CA VAL C 359 7.86 -5.30 10.90
C VAL C 359 6.56 -5.90 10.33
N SER C 360 5.43 -5.27 10.67
CA SER C 360 4.12 -5.65 10.19
C SER C 360 4.07 -5.61 8.65
N LEU C 361 4.58 -4.54 8.04
CA LEU C 361 4.60 -4.40 6.58
C LEU C 361 5.63 -5.33 5.92
N MET C 362 6.70 -5.68 6.63
CA MET C 362 7.72 -6.60 6.14
C MET C 362 7.13 -7.98 5.98
N LEU C 363 6.29 -8.41 6.95
CA LEU C 363 5.63 -9.71 6.89
C LEU C 363 4.59 -9.72 5.80
N ARG C 364 3.80 -8.65 5.70
CA ARG C 364 2.78 -8.55 4.66
C ARG C 364 3.41 -8.65 3.26
N SER C 365 4.39 -7.78 2.94
CA SER C 365 5.07 -7.75 1.64
C SER C 365 5.92 -8.98 1.36
N GLY C 366 6.51 -9.53 2.40
CA GLY C 366 7.34 -10.72 2.32
C GLY C 366 6.54 -11.96 2.01
N TYR C 367 5.40 -12.15 2.69
CA TYR C 367 4.53 -13.30 2.40
C TYR C 367 3.87 -13.15 1.03
N ALA C 368 3.60 -11.89 0.58
CA ALA C 368 3.03 -11.69 -0.75
C ALA C 368 4.06 -12.03 -1.83
N THR C 369 5.32 -11.62 -1.63
CA THR C 369 6.42 -11.88 -2.55
C THR C 369 6.77 -13.36 -2.56
N ALA C 370 6.72 -14.02 -1.40
CA ALA C 370 7.01 -15.47 -1.33
C ALA C 370 5.92 -16.24 -2.09
N THR C 371 4.66 -15.77 -2.05
CA THR C 371 3.56 -16.41 -2.79
C THR C 371 3.88 -16.40 -4.30
N VAL C 372 4.32 -15.26 -4.83
CA VAL C 372 4.69 -15.15 -6.23
C VAL C 372 5.83 -16.09 -6.60
N ALA C 373 6.89 -16.11 -5.80
CA ALA C 373 8.03 -17.02 -6.02
C ALA C 373 7.57 -18.49 -6.06
N LYS C 374 6.67 -18.86 -5.14
CA LYS C 374 6.14 -20.22 -5.10
C LYS C 374 5.30 -20.54 -6.37
N LEU C 375 4.60 -19.54 -6.91
CA LEU C 375 3.84 -19.70 -8.13
C LEU C 375 4.74 -19.81 -9.37
N PHE C 376 5.91 -19.17 -9.36
CA PHE C 376 6.91 -19.34 -10.43
C PHE C 376 7.41 -20.78 -10.41
N GLU C 377 7.67 -21.33 -9.22
CA GLU C 377 8.07 -22.74 -9.07
C GLU C 377 7.00 -23.68 -9.66
N LYS C 378 5.69 -23.40 -9.43
CA LYS C 378 4.59 -24.18 -10.01
C LYS C 378 4.51 -23.99 -11.52
N ALA C 379 4.74 -22.76 -12.02
CA ALA C 379 4.72 -22.48 -13.45
C ALA C 379 5.85 -23.25 -14.16
N HIS C 380 7.04 -23.32 -13.54
CA HIS C 380 8.16 -24.07 -14.11
C HIS C 380 7.89 -25.55 -14.12
N ALA C 381 7.24 -26.08 -13.07
CA ALA C 381 6.87 -27.51 -13.05
C ALA C 381 5.85 -27.80 -14.15
N ALA C 382 4.94 -26.85 -14.43
CA ALA C 382 3.95 -27.03 -15.51
C ALA C 382 4.65 -27.04 -16.87
N GLN C 383 5.62 -26.14 -17.08
CA GLN C 383 6.40 -26.14 -18.32
C GLN C 383 7.19 -27.42 -18.49
N ALA C 384 7.76 -27.98 -17.40
CA ALA C 384 8.51 -29.25 -17.46
C ALA C 384 7.63 -30.44 -17.88
N GLN C 385 6.30 -30.32 -17.70
CA GLN C 385 5.32 -31.32 -18.13
C GLN C 385 4.83 -31.08 -19.56
N GLY C 386 5.37 -30.08 -20.26
CA GLY C 386 4.95 -29.77 -21.62
C GLY C 386 3.74 -28.86 -21.70
N LYS C 387 3.30 -28.29 -20.56
CA LYS C 387 2.17 -27.38 -20.58
C LYS C 387 2.71 -26.00 -20.98
N GLN C 388 1.94 -25.27 -21.78
CA GLN C 388 2.33 -23.93 -22.22
C GLN C 388 1.89 -22.93 -21.21
N ILE C 389 2.84 -22.14 -20.70
CA ILE C 389 2.53 -21.06 -19.79
C ILE C 389 2.59 -19.80 -20.66
N ASP C 390 1.51 -19.00 -20.66
CA ASP C 390 1.39 -17.79 -21.46
C ASP C 390 2.58 -16.85 -21.21
N LYS C 391 3.38 -16.61 -22.25
CA LYS C 391 4.58 -15.80 -22.23
C LYS C 391 4.34 -14.36 -21.77
N ALA C 392 3.28 -13.73 -22.28
CA ALA C 392 2.96 -12.34 -21.92
C ALA C 392 2.66 -12.21 -20.42
N LEU C 393 1.91 -13.16 -19.86
CA LEU C 393 1.55 -13.16 -18.45
C LEU C 393 2.77 -13.42 -17.61
N TYR C 394 3.59 -14.41 -18.01
CA TYR C 394 4.81 -14.77 -17.29
C TYR C 394 5.83 -13.61 -17.27
N ASP C 395 6.12 -13.00 -18.42
CA ASP C 395 7.10 -11.91 -18.48
C ASP C 395 6.70 -10.72 -17.64
N ARG C 396 5.41 -10.35 -17.67
CA ARG C 396 4.91 -9.22 -16.90
C ARG C 396 4.99 -9.54 -15.41
N ALA C 397 4.60 -10.76 -15.02
CA ALA C 397 4.69 -11.21 -13.63
C ALA C 397 6.16 -11.18 -13.12
N LYS C 398 7.12 -11.59 -13.96
CA LYS C 398 8.53 -11.61 -13.55
C LYS C 398 9.04 -10.20 -13.32
N ASP C 399 8.70 -9.30 -14.21
CA ASP C 399 9.09 -7.90 -14.14
C ASP C 399 8.52 -7.26 -12.83
N LEU C 400 7.26 -7.50 -12.52
CA LEU C 400 6.62 -7.00 -11.31
C LEU C 400 7.20 -7.65 -10.05
N TYR C 401 7.48 -8.95 -10.11
CA TYR C 401 8.05 -9.74 -9.01
C TYR C 401 9.41 -9.18 -8.57
N GLU C 402 10.29 -8.85 -9.52
CA GLU C 402 11.59 -8.30 -9.21
C GLU C 402 11.45 -6.93 -8.54
N GLU C 403 10.45 -6.13 -8.94
CA GLU C 403 10.17 -4.84 -8.32
C GLU C 403 9.77 -5.04 -6.85
N ALA C 404 8.97 -6.08 -6.57
CA ALA C 404 8.53 -6.42 -5.21
C ALA C 404 9.71 -6.95 -4.35
N PHE C 405 10.49 -7.90 -4.91
CA PHE C 405 11.57 -8.56 -4.23
C PHE C 405 12.65 -7.55 -3.76
N TYR C 406 13.15 -6.69 -4.66
CA TYR C 406 14.18 -5.73 -4.28
C TYR C 406 13.70 -4.74 -3.22
N ARG C 407 12.40 -4.40 -3.18
CA ARG C 407 11.83 -3.52 -2.16
C ARG C 407 11.76 -4.19 -0.79
N CYS C 408 11.48 -5.52 -0.74
CA CYS C 408 11.48 -6.32 0.49
C CYS C 408 12.89 -6.30 1.07
N VAL C 409 13.89 -6.54 0.23
CA VAL C 409 15.30 -6.56 0.63
C VAL C 409 15.74 -5.17 1.08
N PHE C 410 15.39 -4.12 0.33
CA PHE C 410 15.76 -2.74 0.66
C PHE C 410 15.38 -2.34 2.11
N ILE C 411 14.10 -2.52 2.51
CA ILE C 411 13.69 -2.14 3.86
C ILE C 411 14.13 -3.20 4.89
N GLY C 412 14.05 -4.47 4.51
CA GLY C 412 14.44 -5.56 5.39
C GLY C 412 15.88 -5.55 5.84
N ALA C 413 16.79 -5.15 4.94
CA ALA C 413 18.25 -5.05 5.15
C ALA C 413 18.67 -3.79 5.93
N GLU C 414 17.78 -2.79 6.04
CA GLU C 414 18.05 -1.54 6.72
C GLU C 414 17.72 -1.73 8.22
N ASN C 415 18.73 -1.62 9.08
CA ASN C 415 18.60 -2.05 10.47
C ASN C 415 18.11 -1.01 11.49
N SER C 416 17.58 0.14 11.01
CA SER C 416 16.83 1.03 11.90
C SER C 416 15.35 0.56 11.96
N VAL C 417 14.93 -0.45 11.11
CA VAL C 417 13.59 -1.01 11.07
C VAL C 417 12.56 0.11 10.88
N GLY C 418 12.80 0.93 9.87
CA GLY C 418 11.92 2.04 9.52
C GLY C 418 12.23 3.36 10.21
N PHE C 419 12.89 3.36 11.38
CA PHE C 419 13.13 4.62 12.11
C PHE C 419 13.87 5.69 11.29
N HIS C 420 14.82 5.32 10.43
CA HIS C 420 15.57 6.31 9.65
C HIS C 420 14.72 7.11 8.70
N ASN C 421 13.59 6.55 8.26
CA ASN C 421 12.66 7.25 7.37
C ASN C 421 11.32 6.47 7.41
N PRO C 422 10.52 6.70 8.48
CA PRO C 422 9.26 5.94 8.63
C PRO C 422 8.31 6.02 7.44
N THR C 423 8.11 7.23 6.88
CA THR C 423 7.22 7.44 5.75
C THR C 423 7.71 6.69 4.50
N GLU C 424 9.03 6.71 4.24
CA GLU C 424 9.57 6.03 3.07
C GLU C 424 9.55 4.52 3.27
N ALA C 425 9.78 4.03 4.50
CA ALA C 425 9.68 2.60 4.78
C ALA C 425 8.23 2.11 4.48
N MET C 426 7.21 2.92 4.80
CA MET C 426 5.82 2.53 4.51
C MET C 426 5.54 2.58 3.04
N ARG C 427 6.03 3.61 2.33
CA ARG C 427 5.76 3.76 0.89
C ARG C 427 6.34 2.57 0.12
N VAL C 428 7.60 2.22 0.39
CA VAL C 428 8.33 1.16 -0.27
C VAL C 428 7.72 -0.23 0.00
N LEU C 429 7.35 -0.53 1.25
CA LEU C 429 6.73 -1.81 1.55
C LEU C 429 5.28 -1.90 1.05
N GLY C 430 4.59 -0.76 0.98
CA GLY C 430 3.25 -0.74 0.41
C GLY C 430 3.33 -1.01 -1.08
N ASP C 431 4.35 -0.46 -1.76
CA ASP C 431 4.57 -0.68 -3.18
C ASP C 431 4.98 -2.11 -3.44
N ALA C 432 5.82 -2.72 -2.56
CA ALA C 432 6.20 -4.13 -2.71
C ALA C 432 4.96 -5.03 -2.72
N THR C 433 4.01 -4.80 -1.82
CA THR C 433 2.78 -5.57 -1.78
C THR C 433 1.96 -5.40 -3.06
N ALA C 434 1.89 -4.17 -3.59
CA ALA C 434 1.13 -3.92 -4.80
C ALA C 434 1.74 -4.65 -6.00
N PHE C 435 3.08 -4.58 -6.13
CA PHE C 435 3.79 -5.26 -7.20
C PHE C 435 3.61 -6.77 -7.08
N ALA C 436 3.72 -7.32 -5.87
CA ALA C 436 3.62 -8.77 -5.67
C ALA C 436 2.19 -9.26 -5.96
N THR C 437 1.18 -8.54 -5.48
CA THR C 437 -0.20 -8.99 -5.67
C THR C 437 -0.58 -8.96 -7.16
N LYS C 438 -0.03 -8.04 -7.94
CA LYS C 438 -0.29 -7.97 -9.37
C LYS C 438 0.40 -9.14 -10.09
N ALA C 439 1.62 -9.50 -9.65
CA ALA C 439 2.33 -10.64 -10.24
C ALA C 439 1.59 -11.94 -9.90
N GLU C 440 1.05 -12.04 -8.67
CA GLU C 440 0.24 -13.20 -8.26
C GLU C 440 -0.99 -13.33 -9.15
N ALA C 441 -1.63 -12.20 -9.51
CA ALA C 441 -2.81 -12.19 -10.37
C ALA C 441 -2.51 -12.82 -11.74
N LEU C 442 -1.38 -12.48 -12.33
CA LEU C 442 -1.00 -12.94 -13.66
C LEU C 442 -0.52 -14.38 -13.65
N LEU C 443 0.13 -14.81 -12.56
CA LEU C 443 0.57 -16.19 -12.42
C LEU C 443 -0.60 -17.12 -12.10
N ARG C 444 -1.58 -16.65 -11.27
CA ARG C 444 -2.78 -17.46 -10.97
C ARG C 444 -3.57 -17.68 -12.25
N GLN C 445 -3.65 -16.68 -13.11
CA GLN C 445 -4.33 -16.77 -14.38
C GLN C 445 -3.60 -17.69 -15.36
N ALA C 446 -2.27 -17.54 -15.50
CA ALA C 446 -1.45 -18.36 -16.40
C ALA C 446 -1.53 -19.83 -16.02
N LEU C 447 -1.47 -20.10 -14.72
CA LEU C 447 -1.56 -21.48 -14.23
C LEU C 447 -2.96 -22.05 -14.51
N ALA C 448 -4.03 -21.28 -14.25
CA ALA C 448 -5.40 -21.73 -14.52
C ALA C 448 -5.61 -22.03 -16.00
N LYS C 449 -5.05 -21.18 -16.88
CA LYS C 449 -5.15 -21.37 -18.32
C LYS C 449 -4.46 -22.69 -18.75
N ALA C 450 -3.36 -23.05 -18.07
CA ALA C 450 -2.64 -24.27 -18.33
C ALA C 450 -3.24 -25.51 -17.62
N GLY C 451 -4.37 -25.36 -16.94
CA GLY C 451 -5.00 -26.48 -16.24
C GLY C 451 -4.58 -26.70 -14.81
N VAL C 452 -3.81 -25.76 -14.21
CA VAL C 452 -3.33 -25.87 -12.83
C VAL C 452 -4.07 -24.87 -11.95
N ASP C 453 -4.91 -25.36 -11.04
CA ASP C 453 -5.69 -24.49 -10.16
C ASP C 453 -5.01 -24.23 -8.82
N VAL C 454 -4.64 -22.99 -8.57
CA VAL C 454 -3.98 -22.61 -7.33
C VAL C 454 -5.05 -22.42 -6.25
N PRO C 455 -4.90 -23.06 -5.09
CA PRO C 455 -5.88 -22.85 -4.01
C PRO C 455 -5.83 -21.42 -3.46
N LEU C 456 -6.83 -21.03 -2.66
CA LEU C 456 -6.85 -19.69 -2.03
C LEU C 456 -5.66 -19.54 -1.10
N THR C 457 -5.34 -20.59 -0.33
CA THR C 457 -4.18 -20.55 0.57
C THR C 457 -3.04 -21.26 -0.14
N VAL C 458 -1.93 -20.56 -0.35
CA VAL C 458 -0.78 -21.14 -1.04
C VAL C 458 0.15 -21.79 -0.04
N ASN C 459 0.42 -23.08 -0.23
CA ASN C 459 1.33 -23.84 0.62
C ASN C 459 2.76 -23.46 0.22
N LEU C 460 3.48 -22.77 1.09
CA LEU C 460 4.84 -22.34 0.80
C LEU C 460 5.88 -23.47 0.94
N GLU C 461 5.59 -24.50 1.75
CA GLU C 461 6.51 -25.63 2.00
C GLU C 461 7.89 -25.11 2.45
N LEU C 462 7.92 -24.17 3.40
CA LEU C 462 9.13 -23.51 3.88
C LEU C 462 10.28 -24.46 4.30
N ASN C 463 9.95 -25.63 4.87
CA ASN C 463 10.95 -26.61 5.30
C ASN C 463 11.80 -27.15 4.16
N LYS C 464 11.25 -27.17 2.94
CA LYS C 464 12.01 -27.65 1.79
C LYS C 464 13.13 -26.64 1.41
N TYR C 465 13.08 -25.39 1.91
CA TYR C 465 14.11 -24.39 1.61
C TYR C 465 15.14 -24.23 2.74
N LEU C 466 15.20 -25.17 3.69
CA LEU C 466 16.16 -25.08 4.77
C LEU C 466 17.31 -25.98 4.43
N ASP C 467 18.58 -25.47 4.53
CA ASP C 467 19.75 -26.33 4.28
C ASP C 467 19.82 -27.50 5.30
N GLN C 468 20.66 -28.53 5.05
CA GLN C 468 20.78 -29.67 5.97
C GLN C 468 21.16 -29.22 7.40
N ARG C 469 21.96 -28.14 7.51
CA ARG C 469 22.36 -27.58 8.80
C ARG C 469 21.16 -26.91 9.49
N GLY C 470 20.36 -26.19 8.71
CA GLY C 470 19.17 -25.50 9.19
C GLY C 470 18.01 -26.41 9.58
N GLU C 471 17.92 -27.59 8.95
CA GLU C 471 16.87 -28.58 9.28
C GLU C 471 16.98 -28.99 10.77
N LYS C 472 18.21 -29.13 11.28
CA LYS C 472 18.42 -29.52 12.68
C LYS C 472 18.21 -28.36 13.67
N LYS C 473 18.21 -27.11 13.19
CA LYS C 473 18.09 -25.94 14.07
C LYS C 473 16.71 -25.29 14.00
N LEU C 474 15.97 -25.47 12.90
CA LEU C 474 14.72 -24.77 12.70
C LEU C 474 13.71 -25.57 11.88
N THR C 475 12.46 -25.53 12.31
CA THR C 475 11.35 -26.16 11.62
C THR C 475 10.18 -25.19 11.52
N PHE C 476 9.51 -25.18 10.38
CA PHE C 476 8.35 -24.35 10.17
C PHE C 476 7.17 -25.32 10.17
N ASP C 477 6.30 -25.23 11.18
CA ASP C 477 5.12 -26.09 11.31
C ASP C 477 4.22 -25.97 10.05
N PRO C 478 4.03 -27.08 9.31
CA PRO C 478 3.18 -27.04 8.11
C PRO C 478 1.71 -26.72 8.36
N LYS C 479 1.25 -26.82 9.60
CA LYS C 479 -0.13 -26.50 9.96
C LYS C 479 -0.35 -24.98 10.21
N VAL C 480 0.72 -24.18 10.30
CA VAL C 480 0.60 -22.75 10.53
C VAL C 480 0.07 -22.05 9.28
N GLU C 481 -0.99 -21.26 9.44
CA GLU C 481 -1.60 -20.56 8.34
C GLU C 481 -1.64 -19.05 8.58
N ILE C 482 -1.13 -18.26 7.64
CA ILE C 482 -1.14 -16.80 7.72
C ILE C 482 -2.27 -16.31 6.80
N LYS C 483 -3.32 -15.74 7.39
CA LYS C 483 -4.46 -15.22 6.64
C LYS C 483 -4.66 -13.76 6.99
N ASP C 484 -3.90 -12.91 6.33
CA ASP C 484 -3.84 -11.46 6.45
C ASP C 484 -5.20 -10.79 6.07
N PRO C 485 -5.57 -9.63 6.65
CA PRO C 485 -6.88 -9.03 6.30
C PRO C 485 -6.96 -8.44 4.89
N TYR C 486 -5.81 -8.17 4.25
CA TYR C 486 -5.71 -7.57 2.91
C TYR C 486 -5.63 -8.54 1.75
N GLY C 487 -5.60 -9.83 2.02
CA GLY C 487 -5.55 -10.80 0.95
C GLY C 487 -4.47 -11.86 1.03
N VAL C 488 -3.37 -11.63 1.79
CA VAL C 488 -2.32 -12.66 1.95
C VAL C 488 -2.92 -13.93 2.59
N GLN C 489 -2.71 -15.07 1.94
CA GLN C 489 -3.23 -16.34 2.42
C GLN C 489 -2.22 -17.41 2.10
N VAL C 490 -1.40 -17.76 3.10
CA VAL C 490 -0.33 -18.74 2.94
C VAL C 490 -0.34 -19.78 4.07
N ARG C 491 0.31 -20.91 3.83
CA ARG C 491 0.49 -21.94 4.82
C ARG C 491 2.00 -22.28 4.79
N PHE C 492 2.61 -22.58 5.95
CA PHE C 492 4.04 -22.90 6.00
C PHE C 492 4.34 -24.24 5.30
N LYS D 38 25.91 0.09 53.48
CA LYS D 38 26.25 -0.47 54.80
C LYS D 38 26.07 -2.00 54.91
N THR D 39 25.01 -2.60 54.29
CA THR D 39 24.78 -4.05 54.38
C THR D 39 25.86 -4.81 53.64
N VAL D 40 26.27 -5.96 54.18
CA VAL D 40 27.29 -6.79 53.55
C VAL D 40 26.83 -7.25 52.14
N GLN D 41 27.74 -7.19 51.16
CA GLN D 41 27.37 -7.48 49.78
C GLN D 41 27.32 -8.95 49.43
N ILE D 42 26.33 -9.32 48.61
CA ILE D 42 26.18 -10.70 48.14
C ILE D 42 26.80 -10.79 46.75
N PRO D 43 27.82 -11.64 46.59
CA PRO D 43 28.53 -11.69 45.30
C PRO D 43 27.70 -12.23 44.15
N ASP D 44 28.05 -11.84 42.91
CA ASP D 44 27.35 -12.30 41.72
C ASP D 44 27.57 -13.79 41.53
N GLY D 45 26.49 -14.51 41.22
CA GLY D 45 26.59 -15.95 41.03
C GLY D 45 26.53 -16.77 42.30
N GLU D 46 26.31 -16.11 43.46
CA GLU D 46 26.18 -16.84 44.72
C GLU D 46 24.74 -17.36 44.87
N VAL D 47 24.57 -18.68 44.72
CA VAL D 47 23.29 -19.38 44.82
C VAL D 47 22.94 -19.70 46.29
N ASP D 48 23.96 -19.95 47.14
CA ASP D 48 23.76 -20.34 48.54
C ASP D 48 22.95 -19.36 49.35
N PRO D 49 21.71 -19.73 49.75
CA PRO D 49 20.88 -18.83 50.56
C PRO D 49 21.49 -18.50 51.92
N ALA D 50 22.37 -19.37 52.46
CA ALA D 50 23.05 -19.10 53.72
C ALA D 50 23.98 -17.88 53.60
N VAL D 51 24.56 -17.66 52.40
CA VAL D 51 25.39 -16.48 52.15
C VAL D 51 24.53 -15.24 52.16
N TRP D 52 23.38 -15.27 51.47
CA TRP D 52 22.41 -14.15 51.46
C TRP D 52 21.88 -13.89 52.89
N GLY D 53 21.69 -14.95 53.66
CA GLY D 53 21.23 -14.92 55.05
C GLY D 53 22.15 -14.21 56.02
N LYS D 54 23.45 -14.04 55.64
CA LYS D 54 24.36 -13.29 56.50
C LYS D 54 24.05 -11.76 56.39
N ALA D 55 23.47 -11.32 55.26
CA ALA D 55 23.08 -9.92 55.06
C ALA D 55 21.62 -9.73 55.52
N TYR D 56 20.75 -10.73 55.26
CA TYR D 56 19.30 -10.68 55.55
C TYR D 56 18.86 -11.91 56.37
N PRO D 57 19.22 -11.95 57.66
CA PRO D 57 18.87 -13.14 58.46
C PRO D 57 17.39 -13.38 58.71
N THR D 58 16.59 -12.32 58.79
CA THR D 58 15.14 -12.47 59.04
C THR D 58 14.43 -13.22 57.90
N GLU D 59 14.66 -12.77 56.66
CA GLU D 59 14.07 -13.37 55.47
C GLU D 59 14.59 -14.79 55.26
N TYR D 60 15.84 -15.03 55.59
CA TYR D 60 16.46 -16.34 55.49
C TYR D 60 15.81 -17.34 56.49
N GLU D 61 15.60 -16.95 57.77
CA GLU D 61 14.98 -17.88 58.73
C GLU D 61 13.52 -18.16 58.37
N MET D 62 12.80 -17.14 57.86
CA MET D 62 11.42 -17.33 57.40
C MET D 62 11.41 -18.28 56.21
N TRP D 63 12.33 -18.06 55.28
CA TRP D 63 12.43 -18.83 54.05
C TRP D 63 12.66 -20.32 54.30
N LYS D 64 13.52 -20.69 55.27
CA LYS D 64 13.79 -22.11 55.52
C LYS D 64 12.69 -22.83 56.32
N LYS D 65 11.80 -22.07 56.98
CA LYS D 65 10.70 -22.66 57.74
C LYS D 65 9.66 -23.31 56.83
N THR D 66 9.05 -24.40 57.32
CA THR D 66 8.01 -25.09 56.53
C THR D 66 6.84 -25.57 57.41
N LYS D 78 -10.47 -26.95 51.46
CA LYS D 78 -10.60 -27.69 50.20
C LYS D 78 -9.45 -27.45 49.23
N ARG D 79 -9.06 -28.52 48.49
CA ARG D 79 -8.04 -28.41 47.46
C ARG D 79 -8.48 -29.10 46.15
N GLY D 80 -7.84 -28.75 45.06
CA GLY D 80 -8.10 -29.42 43.79
C GLY D 80 -7.13 -30.60 43.68
N PHE D 81 -6.74 -30.94 42.45
CA PHE D 81 -5.74 -31.99 42.28
C PHE D 81 -4.39 -31.37 41.92
N ASP D 82 -3.32 -32.12 42.11
CA ASP D 82 -1.99 -31.69 41.72
C ASP D 82 -1.82 -32.25 40.31
N ALA D 83 -1.84 -31.39 39.28
CA ALA D 83 -1.81 -31.85 37.89
C ALA D 83 -0.68 -32.82 37.53
N ASP D 84 0.54 -32.61 38.08
CA ASP D 84 1.63 -33.51 37.77
C ASP D 84 1.77 -34.68 38.76
N HIS D 85 0.84 -34.84 39.70
CA HIS D 85 0.86 -35.94 40.66
C HIS D 85 -0.56 -36.23 41.13
N VAL D 86 -1.36 -36.90 40.27
CA VAL D 86 -2.73 -37.25 40.58
C VAL D 86 -2.70 -38.39 41.61
N THR D 87 -3.35 -38.22 42.76
CA THR D 87 -3.31 -39.24 43.82
C THR D 87 -4.61 -40.02 43.94
N TYR D 88 -4.54 -41.23 44.51
CA TYR D 88 -5.74 -42.04 44.76
C TYR D 88 -6.69 -41.32 45.69
N ASP D 89 -6.17 -40.49 46.64
CA ASP D 89 -6.97 -39.70 47.56
C ASP D 89 -7.83 -38.72 46.79
N LYS D 90 -7.27 -38.09 45.74
CA LYS D 90 -8.03 -37.16 44.93
C LYS D 90 -9.05 -37.85 44.06
N LEU D 91 -8.72 -39.03 43.52
CA LEU D 91 -9.68 -39.82 42.74
C LEU D 91 -10.88 -40.19 43.60
N SER D 92 -10.66 -40.49 44.87
CA SER D 92 -11.73 -40.81 45.81
C SER D 92 -12.67 -39.61 46.04
N GLU D 93 -12.13 -38.41 45.99
CA GLU D 93 -12.85 -37.16 46.22
C GLU D 93 -13.61 -36.70 44.94
N PHE D 94 -13.01 -36.92 43.77
CA PHE D 94 -13.58 -36.55 42.49
C PHE D 94 -13.59 -37.81 41.63
N PRO D 95 -14.54 -38.72 41.87
CA PRO D 95 -14.51 -40.03 41.19
C PRO D 95 -14.43 -40.00 39.66
N TYR D 96 -14.95 -38.95 39.00
CA TYR D 96 -14.87 -38.86 37.54
C TYR D 96 -13.43 -38.83 37.02
N MET D 97 -12.48 -38.39 37.88
CA MET D 97 -11.06 -38.29 37.56
C MET D 97 -10.42 -39.65 37.27
N ALA D 98 -10.91 -40.74 37.89
CA ALA D 98 -10.34 -42.08 37.63
C ALA D 98 -10.54 -42.44 36.15
N LEU D 99 -11.72 -42.13 35.61
CA LEU D 99 -12.04 -42.34 34.23
C LEU D 99 -11.28 -41.34 33.33
N LEU D 100 -11.41 -40.03 33.59
CA LEU D 100 -10.83 -39.00 32.75
C LEU D 100 -9.31 -38.95 32.73
N PHE D 101 -8.65 -39.30 33.85
CA PHE D 101 -7.20 -39.18 33.91
C PHE D 101 -6.45 -40.47 33.79
N ASN D 102 -7.14 -41.62 33.55
CA ASN D 102 -6.43 -42.88 33.32
C ASN D 102 -5.59 -42.73 32.03
N GLY D 103 -4.30 -43.00 32.14
CA GLY D 103 -3.32 -42.80 31.07
C GLY D 103 -2.33 -41.68 31.43
N TRP D 104 -2.67 -40.85 32.41
CA TRP D 104 -1.82 -39.75 32.89
C TRP D 104 -0.90 -40.21 34.03
N GLY D 105 -1.35 -41.19 34.82
CA GLY D 105 -0.55 -41.70 35.92
C GLY D 105 -1.15 -41.37 37.28
N PHE D 106 -1.32 -42.39 38.11
CA PHE D 106 -1.86 -42.24 39.47
C PHE D 106 -0.77 -42.61 40.48
N GLY D 107 -0.82 -41.99 41.64
CA GLY D 107 0.15 -42.25 42.68
C GLY D 107 -0.39 -42.10 44.08
N ILE D 108 0.46 -42.39 45.06
CA ILE D 108 0.13 -42.26 46.46
C ILE D 108 0.38 -40.82 46.90
N ALA D 109 -0.44 -40.32 47.82
CA ALA D 109 -0.29 -38.98 48.35
C ALA D 109 1.02 -38.86 49.12
N TYR D 110 1.86 -37.89 48.71
CA TYR D 110 3.14 -37.60 49.36
C TYR D 110 2.83 -36.67 50.55
N ASN D 111 2.80 -37.20 51.79
CA ASN D 111 2.51 -36.36 52.95
C ASN D 111 3.77 -35.66 53.50
N GLU D 112 4.55 -35.03 52.61
CA GLU D 112 5.80 -34.36 52.99
C GLU D 112 5.59 -32.85 53.32
N PRO D 113 6.56 -32.21 54.01
CA PRO D 113 6.42 -30.78 54.32
C PRO D 113 6.59 -29.90 53.09
N ARG D 114 5.51 -29.27 52.62
CA ARG D 114 5.59 -28.40 51.46
C ARG D 114 6.30 -27.09 51.82
N GLY D 115 6.99 -26.54 50.84
CA GLY D 115 7.77 -25.31 51.02
C GLY D 115 8.73 -25.07 49.88
N HIS D 116 9.21 -23.85 49.73
CA HIS D 116 10.15 -23.52 48.66
C HIS D 116 11.58 -23.95 48.96
N ALA D 117 12.03 -23.78 50.20
CA ALA D 117 13.43 -24.02 50.57
C ALA D 117 13.97 -25.40 50.20
N ASN D 118 13.28 -26.49 50.59
CA ASN D 118 13.80 -27.82 50.36
C ASN D 118 12.86 -28.71 49.55
N MET D 119 13.38 -29.31 48.49
CA MET D 119 12.58 -30.17 47.63
C MET D 119 13.31 -31.49 47.39
N VAL D 120 12.88 -32.58 48.05
CA VAL D 120 13.51 -33.89 47.87
C VAL D 120 13.26 -34.42 46.43
N ARG D 121 14.25 -35.12 45.88
CA ARG D 121 14.26 -35.56 44.50
C ARG D 121 13.86 -37.00 44.26
N ASP D 122 13.78 -37.81 45.31
CA ASP D 122 13.49 -39.25 45.23
C ASP D 122 12.26 -39.61 44.36
N GLN D 123 11.08 -39.06 44.68
CA GLN D 123 9.89 -39.36 43.91
C GLN D 123 9.86 -38.66 42.54
N LEU D 124 10.49 -37.49 42.45
CA LEU D 124 10.55 -36.71 41.20
C LEU D 124 11.40 -37.43 40.12
N GLU D 125 12.43 -38.18 40.55
CA GLU D 125 13.28 -38.98 39.66
C GLU D 125 12.50 -40.16 39.11
N ILE D 126 11.73 -40.83 39.98
CA ILE D 126 10.93 -41.97 39.59
C ILE D 126 9.86 -41.51 38.61
N ASP D 127 9.21 -40.34 38.87
CA ASP D 127 8.21 -39.78 37.98
C ASP D 127 8.82 -39.41 36.62
N SER D 128 9.96 -38.72 36.63
CA SER D 128 10.68 -38.30 35.42
C SER D 128 11.16 -39.45 34.53
N ALA D 129 11.78 -40.50 35.11
CA ALA D 129 12.26 -41.61 34.29
C ALA D 129 11.15 -42.50 33.69
N ARG D 130 9.92 -42.38 34.22
CA ARG D 130 8.78 -43.11 33.69
C ARG D 130 8.19 -42.31 32.52
N LEU D 131 8.04 -40.99 32.69
CA LEU D 131 7.51 -40.06 31.67
C LEU D 131 8.54 -39.77 30.55
N LYS D 132 9.83 -40.11 30.76
CA LYS D 132 10.93 -39.77 29.84
C LYS D 132 11.04 -38.22 29.65
N SER D 133 10.61 -37.44 30.68
CA SER D 133 10.60 -35.98 30.62
C SER D 133 11.98 -35.31 30.67
N GLY D 134 13.04 -36.07 30.95
CA GLY D 134 14.37 -35.51 30.99
C GLY D 134 14.52 -34.52 32.11
N GLY D 135 15.12 -33.36 31.81
CA GLY D 135 15.31 -32.31 32.82
C GLY D 135 14.15 -31.36 33.02
N VAL D 136 13.02 -31.52 32.28
CA VAL D 136 11.84 -30.64 32.37
C VAL D 136 11.36 -30.39 33.81
N CYS D 137 11.15 -31.44 34.60
CA CYS D 137 10.61 -31.29 35.94
C CYS D 137 11.53 -30.56 36.92
N LEU D 138 12.76 -30.23 36.54
CA LEU D 138 13.64 -29.41 37.39
C LEU D 138 13.46 -27.90 37.09
N THR D 139 12.81 -27.52 35.96
CA THR D 139 12.63 -26.14 35.51
C THR D 139 12.20 -25.16 36.60
N CYS D 140 11.26 -25.56 37.44
CA CYS D 140 10.73 -24.72 38.50
C CYS D 140 11.12 -25.20 39.89
N LYS D 141 12.11 -26.09 40.00
CA LYS D 141 12.44 -26.71 41.27
C LYS D 141 13.92 -26.69 41.65
N THR D 142 14.74 -25.88 40.96
CA THR D 142 16.17 -25.71 41.31
C THR D 142 16.65 -24.38 40.78
N PRO D 143 17.39 -23.59 41.59
CA PRO D 143 17.91 -22.32 41.07
C PRO D 143 18.95 -22.50 39.94
N TYR D 144 19.42 -23.73 39.74
CA TYR D 144 20.36 -24.09 38.69
C TYR D 144 19.68 -24.28 37.33
N ALA D 145 18.34 -24.37 37.27
CA ALA D 145 17.63 -24.60 36.00
C ALA D 145 17.98 -23.58 34.88
N PRO D 146 17.96 -22.25 35.11
CA PRO D 146 18.32 -21.33 34.01
C PRO D 146 19.76 -21.53 33.49
N LYS D 147 20.70 -21.87 34.39
CA LYS D 147 22.10 -22.12 34.02
C LYS D 147 22.22 -23.42 33.23
N LEU D 148 21.58 -24.50 33.70
CA LEU D 148 21.63 -25.79 33.04
C LEU D 148 21.01 -25.72 31.65
N GLU D 149 19.89 -24.99 31.43
CA GLU D 149 19.32 -24.96 30.08
C GLU D 149 20.12 -24.04 29.16
N LYS D 150 20.78 -22.99 29.71
CA LYS D 150 21.61 -22.14 28.86
C LYS D 150 22.82 -22.93 28.37
N GLU D 151 23.45 -23.71 29.26
CA GLU D 151 24.64 -24.46 28.87
C GLU D 151 24.34 -25.75 28.11
N MET D 152 23.24 -26.45 28.42
CA MET D 152 22.91 -27.70 27.72
C MET D 152 22.01 -27.50 26.52
N GLY D 153 21.28 -26.41 26.44
CA GLY D 153 20.36 -26.16 25.34
C GLY D 153 19.24 -27.17 25.27
N ILE D 154 19.02 -27.75 24.07
CA ILE D 154 17.99 -28.77 23.91
C ILE D 154 18.34 -30.09 24.65
N ASP D 155 19.62 -30.28 25.02
CA ASP D 155 20.02 -31.45 25.79
C ASP D 155 19.52 -31.39 27.24
N TYR D 156 19.15 -30.21 27.75
CA TYR D 156 18.57 -30.08 29.09
C TYR D 156 17.22 -30.85 29.14
N PHE D 157 16.45 -30.82 28.04
CA PHE D 157 15.16 -31.47 27.96
C PHE D 157 15.27 -32.95 27.58
N LYS D 158 16.23 -33.31 26.71
CA LYS D 158 16.41 -34.69 26.22
C LYS D 158 17.20 -35.59 27.16
N THR D 159 18.12 -35.02 27.95
CA THR D 159 18.98 -35.79 28.86
C THR D 159 18.16 -36.32 30.03
N PRO D 160 18.32 -37.61 30.39
CA PRO D 160 17.57 -38.16 31.52
C PRO D 160 17.76 -37.35 32.82
N PHE D 161 16.68 -37.23 33.62
CA PHE D 161 16.65 -36.51 34.88
C PHE D 161 17.87 -36.75 35.77
N LYS D 162 18.27 -38.01 35.97
CA LYS D 162 19.38 -38.39 36.83
C LYS D 162 20.69 -37.71 36.37
N ASP D 163 20.88 -37.62 35.05
CA ASP D 163 22.09 -37.02 34.49
C ASP D 163 22.09 -35.49 34.56
N VAL D 164 20.91 -34.86 34.60
CA VAL D 164 20.80 -33.42 34.75
C VAL D 164 21.01 -33.06 36.23
N LEU D 165 20.39 -33.83 37.13
CA LEU D 165 20.53 -33.62 38.57
C LEU D 165 21.99 -33.83 39.01
N ALA D 166 22.71 -34.77 38.36
CA ALA D 166 24.12 -35.03 38.67
C ALA D 166 24.99 -33.78 38.48
N LYS D 167 24.59 -32.86 37.59
CA LYS D 167 25.34 -31.63 37.36
C LYS D 167 25.21 -30.60 38.48
N ILE D 168 24.20 -30.73 39.35
CA ILE D 168 24.01 -29.77 40.46
C ILE D 168 24.94 -30.12 41.64
N PRO D 169 25.63 -29.14 42.26
CA PRO D 169 26.50 -29.47 43.42
C PRO D 169 25.76 -30.23 44.52
N GLU D 170 26.41 -31.21 45.15
CA GLU D 170 25.80 -32.06 46.19
C GLU D 170 25.21 -31.26 47.36
N LYS D 171 25.90 -30.20 47.78
CA LYS D 171 25.43 -29.34 48.87
C LYS D 171 24.12 -28.60 48.57
N HIS D 172 23.70 -28.58 47.29
CA HIS D 172 22.47 -27.91 46.87
C HIS D 172 21.58 -28.81 46.03
N LYS D 173 21.70 -30.13 46.15
CA LYS D 173 20.89 -31.05 45.36
C LYS D 173 19.40 -30.88 45.63
N THR D 174 19.03 -30.55 46.88
CA THR D 174 17.62 -30.41 47.24
C THR D 174 17.19 -28.94 47.48
N LEU D 175 18.00 -27.96 47.06
CA LEU D 175 17.64 -26.55 47.15
C LEU D 175 16.56 -26.29 46.09
N GLY D 176 15.36 -25.94 46.53
CA GLY D 176 14.22 -25.75 45.65
C GLY D 176 14.13 -24.39 45.00
N VAL D 177 13.58 -23.44 45.73
CA VAL D 177 13.42 -22.06 45.27
C VAL D 177 14.24 -21.19 46.24
N ALA D 178 15.35 -20.62 45.77
CA ALA D 178 16.23 -19.80 46.61
C ALA D 178 16.12 -18.28 46.28
N CYS D 179 16.78 -17.41 47.08
CA CYS D 179 16.76 -15.97 46.91
C CYS D 179 17.07 -15.52 45.47
N ILE D 180 18.07 -16.10 44.84
CA ILE D 180 18.48 -15.75 43.48
C ILE D 180 17.39 -15.94 42.42
N ASP D 181 16.40 -16.80 42.69
CA ASP D 181 15.29 -17.01 41.75
C ASP D 181 14.35 -15.78 41.66
N CYS D 182 14.31 -14.94 42.72
CA CYS D 182 13.41 -13.78 42.78
C CYS D 182 14.10 -12.45 42.92
N HIS D 183 15.36 -12.44 43.41
CA HIS D 183 16.07 -11.21 43.72
C HIS D 183 17.33 -10.98 42.94
N ASP D 184 17.60 -9.72 42.63
CA ASP D 184 18.87 -9.31 42.04
C ASP D 184 19.79 -9.17 43.27
N ASN D 185 20.96 -9.85 43.26
CA ASN D 185 21.87 -9.84 44.40
C ASN D 185 22.46 -8.46 44.73
N LYS D 186 22.49 -7.55 43.76
CA LYS D 186 23.09 -6.24 43.97
C LYS D 186 22.22 -5.30 44.79
N ASP D 187 20.92 -5.21 44.52
CA ASP D 187 20.05 -4.30 45.27
C ASP D 187 18.78 -4.92 45.86
N MET D 188 18.66 -6.25 45.76
CA MET D 188 17.50 -7.02 46.25
C MET D 188 16.18 -6.70 45.51
N SER D 189 16.25 -5.98 44.38
CA SER D 189 15.05 -5.71 43.60
C SER D 189 14.57 -7.03 42.95
N LEU D 190 13.26 -7.15 42.68
CA LEU D 190 12.71 -8.34 42.07
C LEU D 190 13.19 -8.54 40.65
N ARG D 191 13.45 -9.78 40.28
CA ARG D 191 13.96 -10.10 38.96
C ARG D 191 13.30 -11.36 38.42
N ILE D 192 13.43 -11.56 37.11
CA ILE D 192 12.96 -12.77 36.44
C ILE D 192 14.18 -13.63 36.17
N SER D 193 14.37 -14.66 36.97
CA SER D 193 15.45 -15.63 36.74
C SER D 193 15.05 -16.58 35.60
N ARG D 194 13.75 -16.80 35.38
CA ARG D 194 13.25 -17.72 34.39
C ARG D 194 13.04 -17.06 33.02
N GLY D 195 14.13 -16.64 32.40
CA GLY D 195 14.06 -16.04 31.08
C GLY D 195 13.61 -17.02 30.00
N PHE D 196 14.04 -18.30 30.09
CA PHE D 196 13.69 -19.30 29.06
C PHE D 196 12.23 -19.78 29.10
N THR D 197 11.51 -19.47 30.19
CA THR D 197 10.11 -19.82 30.32
C THR D 197 9.26 -18.55 30.42
N LEU D 198 9.30 -17.81 31.55
CA LEU D 198 8.52 -16.59 31.71
C LEU D 198 8.95 -15.48 30.76
N GLY D 199 10.26 -15.27 30.55
CA GLY D 199 10.75 -14.25 29.63
C GLY D 199 10.21 -14.46 28.22
N GLU D 200 10.19 -15.73 27.77
CA GLU D 200 9.62 -16.08 26.48
C GLU D 200 8.09 -15.90 26.43
N ALA D 201 7.40 -16.25 27.51
CA ALA D 201 5.97 -16.10 27.60
C ALA D 201 5.53 -14.62 27.58
N LEU D 202 6.30 -13.73 28.21
CA LEU D 202 5.99 -12.30 28.24
C LEU D 202 6.10 -11.68 26.84
N LYS D 203 7.02 -12.17 26.02
CA LYS D 203 7.15 -11.73 24.63
C LYS D 203 5.88 -12.09 23.87
N LYS D 204 5.28 -13.28 24.14
CA LYS D 204 4.03 -13.74 23.52
C LYS D 204 2.85 -12.85 23.89
N LEU D 205 2.82 -12.34 25.13
CA LEU D 205 1.80 -11.40 25.62
C LEU D 205 1.97 -9.98 25.05
N GLY D 206 3.10 -9.70 24.39
CA GLY D 206 3.42 -8.37 23.90
C GLY D 206 3.83 -7.45 25.04
N VAL D 207 4.44 -8.02 26.09
CA VAL D 207 4.84 -7.27 27.28
C VAL D 207 6.27 -6.78 27.16
N ASP D 208 6.48 -5.50 27.46
CA ASP D 208 7.81 -4.94 27.45
C ASP D 208 8.29 -5.14 28.89
N GLN D 209 9.21 -6.08 29.10
CA GLN D 209 9.77 -6.44 30.41
C GLN D 209 10.44 -5.25 31.11
N ALA D 210 10.96 -4.29 30.34
CA ALA D 210 11.62 -3.09 30.88
C ALA D 210 10.64 -2.06 31.47
N LYS D 211 9.37 -2.10 31.04
CA LYS D 211 8.37 -1.17 31.56
C LYS D 211 7.54 -1.74 32.72
N LEU D 212 7.93 -2.92 33.28
CA LEU D 212 7.15 -3.54 34.35
C LEU D 212 7.32 -2.76 35.64
N SER D 213 6.22 -2.54 36.35
CA SER D 213 6.27 -1.83 37.63
C SER D 213 6.63 -2.83 38.77
N ARG D 214 6.96 -2.30 39.94
CA ARG D 214 7.26 -3.11 41.13
C ARG D 214 6.02 -3.94 41.54
N GLN D 215 4.82 -3.36 41.38
CA GLN D 215 3.54 -4.01 41.66
C GLN D 215 3.30 -5.18 40.71
N GLU D 216 3.61 -5.01 39.41
CA GLU D 216 3.48 -6.09 38.45
C GLU D 216 4.45 -7.21 38.79
N MET D 217 5.68 -6.85 39.15
CA MET D 217 6.69 -7.82 39.56
C MET D 217 6.30 -8.61 40.82
N ARG D 218 5.47 -8.03 41.69
CA ARG D 218 5.01 -8.69 42.90
C ARG D 218 4.08 -9.92 42.61
N SER D 219 3.58 -10.06 41.37
CA SER D 219 2.89 -11.27 40.92
C SER D 219 3.74 -12.00 39.87
N LEU D 220 4.43 -11.28 38.96
CA LEU D 220 5.24 -11.92 37.91
C LEU D 220 6.39 -12.73 38.46
N VAL D 221 6.92 -12.37 39.63
CA VAL D 221 7.98 -13.15 40.26
C VAL D 221 7.46 -14.59 40.58
N CYS D 222 6.17 -14.71 40.94
CA CYS D 222 5.47 -15.97 41.21
C CYS D 222 5.10 -16.69 39.93
N ALA D 223 4.70 -15.93 38.89
CA ALA D 223 4.35 -16.40 37.55
C ALA D 223 5.52 -17.07 36.83
N GLN D 224 6.75 -17.04 37.43
CA GLN D 224 7.87 -17.79 36.86
C GLN D 224 7.55 -19.30 36.95
N CYS D 225 6.73 -19.73 37.96
CA CYS D 225 6.48 -21.16 38.18
C CYS D 225 5.02 -21.50 38.41
N HIS D 226 4.24 -20.57 38.99
CA HIS D 226 2.83 -20.85 39.33
C HIS D 226 1.92 -20.54 38.17
N VAL D 227 2.14 -21.25 37.07
CA VAL D 227 1.47 -21.10 35.78
C VAL D 227 1.31 -22.47 35.11
N THR D 228 0.53 -22.52 34.01
CA THR D 228 0.45 -23.72 33.22
C THR D 228 1.58 -23.78 32.20
N TYR D 229 1.97 -24.98 31.83
CA TYR D 229 3.04 -25.18 30.87
C TYR D 229 2.75 -26.43 30.01
N ASN D 230 3.43 -26.50 28.87
CA ASN D 230 3.32 -27.62 27.95
C ASN D 230 4.69 -28.11 27.58
N ILE D 231 4.82 -29.42 27.40
CA ILE D 231 6.09 -30.03 27.02
C ILE D 231 6.04 -30.56 25.60
N PRO D 232 6.64 -29.82 24.64
CA PRO D 232 6.73 -30.35 23.27
C PRO D 232 7.63 -31.59 23.24
N LYS D 233 7.22 -32.60 22.47
CA LYS D 233 7.91 -33.87 22.37
C LYS D 233 8.31 -34.17 20.94
N ASP D 234 9.45 -34.87 20.76
CA ASP D 234 9.85 -35.30 19.41
C ASP D 234 9.19 -36.65 19.05
N ALA D 235 9.52 -37.23 17.88
CA ALA D 235 8.94 -38.50 17.43
C ALA D 235 9.28 -39.68 18.34
N ASP D 236 10.43 -39.61 19.05
CA ASP D 236 10.86 -40.65 19.97
C ASP D 236 10.38 -40.43 21.42
N LYS D 237 9.31 -39.60 21.59
CA LYS D 237 8.65 -39.21 22.84
C LYS D 237 9.60 -38.56 23.87
N LYS D 238 10.70 -37.96 23.40
CA LYS D 238 11.60 -37.24 24.30
C LYS D 238 11.15 -35.77 24.41
N SER D 239 11.45 -35.13 25.54
CA SER D 239 11.08 -33.73 25.74
C SER D 239 12.05 -32.88 24.96
N ILE D 240 11.51 -31.90 24.21
CA ILE D 240 12.38 -31.01 23.43
C ILE D 240 12.25 -29.54 23.82
N GLY D 241 11.52 -29.25 24.88
CA GLY D 241 11.32 -27.90 25.38
C GLY D 241 10.25 -27.84 26.44
N VAL D 242 9.91 -26.62 26.83
CA VAL D 242 8.86 -26.32 27.79
C VAL D 242 8.42 -24.88 27.52
N TYR D 243 7.11 -24.63 27.48
CA TYR D 243 6.63 -23.27 27.29
C TYR D 243 5.29 -23.02 27.99
N PHE D 244 4.99 -21.76 28.31
CA PHE D 244 3.70 -21.38 28.89
C PHE D 244 2.82 -21.02 27.69
N PRO D 245 1.65 -21.66 27.57
CA PRO D 245 0.79 -21.45 26.37
C PRO D 245 0.04 -20.10 26.35
N TRP D 246 0.83 -19.01 26.31
CA TRP D 246 0.32 -17.65 26.38
C TRP D 246 0.22 -16.94 25.02
N GLN D 247 0.42 -17.66 23.92
CA GLN D 247 0.26 -17.14 22.55
C GLN D 247 -1.17 -16.63 22.35
N GLY D 248 -1.32 -15.40 21.85
CA GLY D 248 -2.63 -14.81 21.61
C GLY D 248 -3.26 -14.10 22.79
N SER D 249 -2.59 -14.14 23.94
CA SER D 249 -3.09 -13.54 25.16
C SER D 249 -2.45 -12.18 25.44
N LYS D 250 -3.02 -11.44 26.39
CA LYS D 250 -2.50 -10.15 26.82
C LYS D 250 -2.44 -10.17 28.35
N MET D 251 -1.71 -9.20 28.94
CA MET D 251 -1.61 -8.99 30.39
C MET D 251 -3.01 -8.71 30.93
N GLY D 252 -3.40 -9.42 31.98
CA GLY D 252 -4.74 -9.27 32.54
C GLY D 252 -5.80 -10.08 31.79
N ASN D 253 -5.40 -10.89 30.79
CA ASN D 253 -6.36 -11.70 30.05
C ASN D 253 -5.74 -12.94 29.40
N ILE D 254 -5.23 -13.86 30.22
CA ILE D 254 -4.68 -15.12 29.73
C ILE D 254 -5.80 -16.12 30.00
N SER D 255 -6.75 -16.15 29.08
CA SER D 255 -7.95 -16.94 29.18
C SER D 255 -7.77 -18.41 28.83
N VAL D 256 -8.65 -19.26 29.36
CA VAL D 256 -8.66 -20.68 29.05
C VAL D 256 -8.94 -20.89 27.54
N GLU D 257 -9.73 -20.02 26.89
CA GLU D 257 -10.03 -20.09 25.47
C GLU D 257 -8.71 -20.02 24.67
N ASN D 258 -7.85 -19.04 25.02
CA ASN D 258 -6.58 -18.85 24.34
C ASN D 258 -5.61 -19.97 24.63
N ILE D 259 -5.54 -20.44 25.88
CA ILE D 259 -4.68 -21.56 26.27
C ILE D 259 -5.09 -22.83 25.48
N ILE D 260 -6.38 -23.18 25.51
CA ILE D 260 -6.90 -24.36 24.78
C ILE D 260 -6.63 -24.24 23.28
N LYS D 261 -6.86 -23.05 22.69
CA LYS D 261 -6.58 -22.84 21.27
C LYS D 261 -5.10 -23.13 20.96
N GLN D 262 -4.20 -22.70 21.83
CA GLN D 262 -2.77 -22.96 21.67
C GLN D 262 -2.45 -24.48 21.76
N ILE D 263 -2.93 -25.15 22.82
CA ILE D 263 -2.71 -26.58 23.01
C ILE D 263 -3.23 -27.39 21.83
N ARG D 264 -4.46 -27.10 21.36
CA ARG D 264 -5.07 -27.83 20.25
C ARG D 264 -4.41 -27.53 18.90
N SER D 265 -3.66 -26.43 18.78
CA SER D 265 -2.96 -26.12 17.54
C SER D 265 -1.53 -26.70 17.50
N ASP D 266 -1.00 -27.19 18.62
CA ASP D 266 0.37 -27.69 18.67
C ASP D 266 0.40 -29.21 18.83
N ALA D 267 0.57 -29.95 17.72
CA ALA D 267 0.59 -31.41 17.76
C ALA D 267 1.73 -31.98 18.62
N SER D 268 2.82 -31.22 18.79
CA SER D 268 3.96 -31.68 19.57
C SER D 268 3.70 -31.74 21.08
N VAL D 269 2.64 -31.08 21.59
CA VAL D 269 2.39 -31.11 23.03
C VAL D 269 1.36 -32.21 23.43
N GLY D 270 1.18 -33.22 22.59
CA GLY D 270 0.38 -34.39 22.94
C GLY D 270 1.25 -35.20 23.87
N GLU D 271 1.07 -35.03 25.17
CA GLU D 271 1.95 -35.66 26.17
C GLU D 271 1.47 -37.01 26.65
N TRP D 272 0.21 -37.38 26.38
CA TRP D 272 -0.31 -38.64 26.89
C TRP D 272 -1.46 -39.12 26.03
N THR D 273 -1.86 -40.38 26.24
CA THR D 273 -3.04 -40.92 25.61
C THR D 273 -4.05 -41.15 26.72
N GLN D 274 -5.24 -40.58 26.60
CA GLN D 274 -6.30 -40.80 27.56
C GLN D 274 -6.86 -42.20 27.25
N THR D 275 -6.74 -43.15 28.18
CA THR D 275 -7.12 -44.54 27.97
C THR D 275 -8.58 -44.79 27.58
N VAL D 276 -9.58 -44.16 28.23
CA VAL D 276 -10.97 -44.42 27.91
C VAL D 276 -11.33 -44.08 26.44
N THR D 277 -10.78 -43.00 25.89
CA THR D 277 -11.12 -42.59 24.52
C THR D 277 -10.07 -42.95 23.47
N GLY D 278 -8.84 -43.20 23.91
CA GLY D 278 -7.71 -43.41 23.03
C GLY D 278 -7.18 -42.11 22.44
N PHE D 279 -7.65 -40.93 22.91
CA PHE D 279 -7.22 -39.64 22.37
C PHE D 279 -5.88 -39.16 22.89
N LYS D 280 -5.06 -38.62 21.98
CA LYS D 280 -3.78 -38.05 22.35
C LYS D 280 -4.09 -36.62 22.81
N LEU D 281 -3.79 -36.29 24.07
CA LEU D 281 -4.16 -34.98 24.61
C LEU D 281 -2.96 -34.26 25.21
N GLY D 282 -3.12 -32.97 25.41
CA GLY D 282 -2.18 -32.15 26.16
C GLY D 282 -2.66 -32.13 27.61
N PHE D 283 -2.08 -31.25 28.43
CA PHE D 283 -2.50 -31.13 29.84
C PHE D 283 -2.32 -29.69 30.31
N ILE D 284 -2.96 -29.35 31.42
CA ILE D 284 -2.89 -28.04 32.06
C ILE D 284 -2.48 -28.23 33.52
N ARG D 285 -1.56 -27.39 34.03
CA ARG D 285 -1.07 -27.52 35.39
C ARG D 285 -1.25 -26.24 36.08
N HIS D 286 -1.62 -26.25 37.37
CA HIS D 286 -1.69 -25.08 38.27
C HIS D 286 -1.66 -23.68 37.59
N PRO D 287 -2.74 -23.28 36.88
CA PRO D 287 -2.72 -21.98 36.20
C PRO D 287 -3.07 -20.80 37.12
N GLU D 288 -2.38 -20.68 38.24
CA GLU D 288 -2.67 -19.67 39.26
C GLU D 288 -2.55 -18.23 38.79
N TYR D 289 -1.43 -17.87 38.15
CA TYR D 289 -1.28 -16.50 37.65
C TYR D 289 -2.33 -16.22 36.56
N GLU D 290 -2.57 -17.17 35.65
CA GLU D 290 -3.56 -17.00 34.59
C GLU D 290 -4.99 -16.83 35.14
N LEU D 291 -5.37 -17.65 36.14
CA LEU D 291 -6.70 -17.49 36.73
C LEU D 291 -6.80 -16.17 37.53
N PHE D 292 -5.84 -15.93 38.42
CA PHE D 292 -5.83 -14.73 39.25
C PHE D 292 -5.84 -13.45 38.45
N SER D 293 -4.96 -13.33 37.44
CA SER D 293 -4.83 -12.08 36.70
C SER D 293 -5.90 -11.83 35.66
N ASN D 294 -6.82 -12.77 35.47
CA ASN D 294 -7.87 -12.61 34.48
C ASN D 294 -9.00 -11.77 34.98
N ASN D 295 -8.69 -10.49 35.26
CA ASN D 295 -9.69 -9.51 35.72
C ASN D 295 -10.41 -9.96 36.99
N SER D 296 -9.73 -10.69 37.89
CA SER D 296 -10.37 -11.17 39.12
C SER D 296 -10.69 -9.97 40.06
N VAL D 297 -11.51 -10.20 41.10
CA VAL D 297 -11.83 -9.12 42.05
C VAL D 297 -10.54 -8.58 42.72
N HIS D 298 -9.65 -9.45 43.19
CA HIS D 298 -8.45 -9.00 43.85
C HIS D 298 -7.40 -8.41 42.89
N TRP D 299 -7.34 -8.88 41.65
CA TRP D 299 -6.48 -8.31 40.63
C TRP D 299 -6.92 -6.88 40.33
N LYS D 300 -8.22 -6.63 40.15
CA LYS D 300 -8.77 -5.29 39.89
C LYS D 300 -8.60 -4.38 41.09
N ALA D 301 -8.69 -4.92 42.30
CA ALA D 301 -8.46 -4.19 43.55
C ALA D 301 -6.98 -3.78 43.75
N GLY D 302 -6.08 -4.24 42.88
CA GLY D 302 -4.67 -3.90 42.99
C GLY D 302 -3.86 -4.83 43.86
N ALA D 303 -4.42 -6.00 44.25
CA ALA D 303 -3.64 -6.95 45.03
C ALA D 303 -2.66 -7.74 44.15
N ALA D 304 -1.52 -8.07 44.69
CA ALA D 304 -0.52 -8.92 44.05
C ALA D 304 -0.49 -10.24 44.84
N CYS D 305 0.14 -11.31 44.32
CA CYS D 305 0.25 -12.60 45.06
C CYS D 305 0.77 -12.37 46.49
N THR D 306 1.77 -11.50 46.62
CA THR D 306 2.44 -11.17 47.87
C THR D 306 1.55 -10.53 48.93
N ASP D 307 0.51 -9.83 48.54
CA ASP D 307 -0.44 -9.25 49.49
C ASP D 307 -1.10 -10.34 50.34
N CYS D 308 -1.34 -11.53 49.74
CA CYS D 308 -1.94 -12.61 50.51
C CYS D 308 -0.97 -13.67 50.95
N HIS D 309 0.04 -13.94 50.14
CA HIS D 309 0.96 -15.04 50.42
C HIS D 309 2.29 -14.61 51.06
N MET D 310 2.68 -13.34 50.97
CA MET D 310 3.89 -12.80 51.65
C MET D 310 3.53 -11.49 52.37
N PRO D 311 2.52 -11.51 53.27
CA PRO D 311 2.13 -10.25 53.93
C PRO D 311 3.25 -9.65 54.75
N TYR D 312 3.16 -8.35 55.04
CA TYR D 312 4.14 -7.72 55.91
C TYR D 312 3.89 -8.20 57.32
N THR D 313 4.97 -8.46 58.04
CA THR D 313 4.97 -8.82 59.45
C THR D 313 6.05 -7.94 60.14
N ARG D 314 5.86 -7.62 61.41
CA ARG D 314 6.79 -6.73 62.13
C ARG D 314 7.87 -7.47 62.86
N VAL D 315 9.14 -7.17 62.57
CA VAL D 315 10.24 -7.83 63.25
C VAL D 315 11.07 -6.75 63.87
N GLY D 316 10.97 -6.64 65.19
CA GLY D 316 11.62 -5.59 65.96
C GLY D 316 10.82 -4.32 65.72
N ALA D 317 11.26 -3.54 64.70
CA ALA D 317 10.55 -2.33 64.24
C ALA D 317 10.56 -2.20 62.71
N PHE D 318 10.83 -3.30 62.00
CA PHE D 318 10.84 -3.30 60.55
C PHE D 318 9.67 -4.08 59.99
N LYS D 319 9.08 -3.56 58.90
CA LYS D 319 8.02 -4.26 58.21
C LYS D 319 8.72 -5.21 57.25
N VAL D 320 8.57 -6.51 57.46
CA VAL D 320 9.24 -7.52 56.67
C VAL D 320 8.21 -8.37 55.92
N SER D 321 8.37 -8.58 54.60
CA SER D 321 7.49 -9.47 53.84
C SER D 321 7.72 -10.88 54.32
N ASP D 322 6.66 -11.54 54.77
CA ASP D 322 6.74 -12.89 55.28
C ASP D 322 7.17 -13.89 54.17
N HIS D 323 8.40 -14.44 54.33
CA HIS D 323 8.97 -15.41 53.37
C HIS D 323 8.56 -16.84 53.67
N ARG D 324 7.71 -17.08 54.69
CA ARG D 324 7.15 -18.42 54.93
C ARG D 324 6.06 -18.62 53.87
N VAL D 325 5.95 -19.81 53.28
CA VAL D 325 4.90 -20.08 52.28
C VAL D 325 3.59 -20.53 52.94
N MET D 326 3.19 -19.83 54.01
CA MET D 326 1.98 -20.07 54.80
C MET D 326 0.69 -19.86 53.98
N SER D 327 -0.35 -20.57 54.39
CA SER D 327 -1.64 -20.49 53.75
C SER D 327 -2.35 -19.26 54.28
N PRO D 328 -2.93 -18.41 53.41
CA PRO D 328 -3.61 -17.21 53.91
C PRO D 328 -4.70 -17.49 54.93
N LEU D 329 -5.31 -18.68 54.87
CA LEU D 329 -6.33 -19.05 55.83
C LEU D 329 -5.66 -19.57 57.08
N LYS D 330 -4.75 -20.58 56.95
CA LYS D 330 -3.98 -21.17 58.05
C LYS D 330 -3.25 -20.11 58.90
N ASN D 331 -2.97 -18.94 58.31
CA ASN D 331 -2.34 -17.86 59.04
C ASN D 331 -3.40 -16.95 59.70
N ASP D 332 -4.53 -17.53 60.16
CA ASP D 332 -5.62 -16.86 60.89
C ASP D 332 -6.19 -15.57 60.22
N MET D 333 -6.21 -15.53 58.88
CA MET D 333 -6.68 -14.42 58.04
C MET D 333 -5.88 -13.15 58.19
N LYS D 334 -4.67 -13.20 58.77
CA LYS D 334 -3.86 -11.99 59.02
C LYS D 334 -3.57 -11.16 57.77
N ALA D 335 -3.27 -11.82 56.65
CA ALA D 335 -3.01 -11.17 55.37
C ALA D 335 -4.24 -10.36 54.91
N CYS D 336 -5.44 -10.92 55.09
CA CYS D 336 -6.72 -10.38 54.66
C CYS D 336 -7.06 -9.13 55.42
N ILE D 337 -6.85 -9.14 56.75
CA ILE D 337 -7.24 -8.06 57.62
C ILE D 337 -6.31 -6.83 57.55
N GLN D 338 -5.26 -6.85 56.72
CA GLN D 338 -4.49 -5.65 56.44
C GLN D 338 -5.30 -4.70 55.50
N CYS D 339 -6.31 -5.24 54.75
CA CYS D 339 -7.20 -4.46 53.89
C CYS D 339 -8.62 -4.47 54.48
N HIS D 340 -9.13 -5.67 54.79
CA HIS D 340 -10.49 -5.90 55.28
C HIS D 340 -10.70 -5.58 56.74
N THR D 341 -11.81 -4.86 57.01
CA THR D 341 -12.25 -4.55 58.37
C THR D 341 -13.29 -5.58 58.85
N GLU D 342 -13.67 -6.58 58.02
CA GLU D 342 -14.60 -7.61 58.40
C GLU D 342 -13.91 -8.60 59.32
N LYS D 343 -14.70 -9.29 60.16
CA LYS D 343 -14.21 -10.32 61.06
C LYS D 343 -13.53 -11.45 60.28
N PRO D 344 -12.42 -12.01 60.78
CA PRO D 344 -11.79 -13.14 60.11
C PRO D 344 -12.74 -14.32 59.87
N GLU D 345 -13.70 -14.54 60.77
CA GLU D 345 -14.66 -15.62 60.61
C GLU D 345 -15.60 -15.34 59.44
N TRP D 346 -15.96 -14.06 59.21
CA TRP D 346 -16.77 -13.70 58.05
C TRP D 346 -15.96 -14.00 56.75
N LEU D 347 -14.69 -13.60 56.72
CA LEU D 347 -13.82 -13.81 55.58
C LEU D 347 -13.66 -15.31 55.30
N ARG D 348 -13.50 -16.12 56.36
CA ARG D 348 -13.37 -17.58 56.29
C ARG D 348 -14.60 -18.21 55.65
N ASP D 349 -15.79 -17.80 56.10
CA ASP D 349 -17.05 -18.27 55.58
C ASP D 349 -17.26 -17.90 54.11
N GLN D 350 -16.73 -16.77 53.66
CA GLN D 350 -16.85 -16.37 52.26
C GLN D 350 -15.97 -17.27 51.37
N VAL D 351 -14.75 -17.61 51.84
CA VAL D 351 -13.82 -18.50 51.12
C VAL D 351 -14.45 -19.86 50.99
N ILE D 352 -15.03 -20.38 52.08
CA ILE D 352 -15.69 -21.68 52.09
C ILE D 352 -16.86 -21.72 51.13
N ALA D 353 -17.69 -20.66 51.08
CA ALA D 353 -18.81 -20.60 50.16
C ALA D 353 -18.35 -20.60 48.69
N ILE D 354 -17.24 -19.95 48.39
CA ILE D 354 -16.70 -19.90 47.03
C ILE D 354 -16.17 -21.30 46.66
N GLN D 355 -15.41 -21.91 47.58
CA GLN D 355 -14.82 -23.21 47.35
C GLN D 355 -15.91 -24.31 47.23
N ASP D 356 -16.98 -24.26 48.03
CA ASP D 356 -18.07 -25.22 47.95
C ASP D 356 -18.80 -25.09 46.60
N ARG D 357 -18.98 -23.85 46.10
CA ARG D 357 -19.61 -23.57 44.82
C ARG D 357 -18.73 -24.15 43.70
N THR D 358 -17.39 -23.94 43.80
CA THR D 358 -16.48 -24.43 42.77
C THR D 358 -16.45 -25.95 42.75
N VAL D 359 -16.43 -26.60 43.92
CA VAL D 359 -16.43 -28.06 44.02
C VAL D 359 -17.72 -28.64 43.40
N SER D 360 -18.85 -27.98 43.66
CA SER D 360 -20.15 -28.35 43.14
C SER D 360 -20.12 -28.35 41.59
N LEU D 361 -19.55 -27.28 40.99
CA LEU D 361 -19.46 -27.20 39.54
C LEU D 361 -18.41 -28.15 38.95
N MET D 362 -17.37 -28.49 39.72
CA MET D 362 -16.35 -29.45 39.30
C MET D 362 -16.97 -30.83 39.15
N LEU D 363 -17.86 -31.22 40.08
CA LEU D 363 -18.52 -32.52 40.01
C LEU D 363 -19.53 -32.56 38.88
N ARG D 364 -20.28 -31.47 38.69
CA ARG D 364 -21.26 -31.38 37.63
C ARG D 364 -20.59 -31.50 36.27
N SER D 365 -19.56 -30.67 35.99
CA SER D 365 -18.85 -30.67 34.73
C SER D 365 -18.01 -31.94 34.53
N GLY D 366 -17.45 -32.46 35.61
CA GLY D 366 -16.62 -33.66 35.60
C GLY D 366 -17.39 -34.92 35.28
N TYR D 367 -18.58 -35.09 35.91
CA TYR D 367 -19.42 -36.23 35.60
C TYR D 367 -20.02 -36.12 34.20
N ALA D 368 -20.27 -34.88 33.72
CA ALA D 368 -20.78 -34.68 32.36
C ALA D 368 -19.69 -35.05 31.34
N THR D 369 -18.43 -34.65 31.61
CA THR D 369 -17.31 -34.91 30.72
C THR D 369 -16.95 -36.41 30.74
N ALA D 370 -17.04 -37.07 31.91
CA ALA D 370 -16.81 -38.52 32.00
C ALA D 370 -17.87 -39.28 31.21
N THR D 371 -19.14 -38.79 31.21
CA THR D 371 -20.22 -39.42 30.44
C THR D 371 -19.86 -39.45 28.94
N VAL D 372 -19.38 -38.34 28.41
CA VAL D 372 -18.98 -38.23 27.02
C VAL D 372 -17.85 -39.19 26.70
N ALA D 373 -16.81 -39.22 27.54
CA ALA D 373 -15.68 -40.13 27.34
C ALA D 373 -16.15 -41.59 27.32
N LYS D 374 -17.09 -41.94 28.20
CA LYS D 374 -17.64 -43.31 28.23
C LYS D 374 -18.42 -43.62 26.94
N LEU D 375 -19.09 -42.61 26.37
CA LEU D 375 -19.83 -42.77 25.13
C LEU D 375 -18.90 -42.90 23.93
N PHE D 376 -17.71 -42.26 23.96
CA PHE D 376 -16.70 -42.43 22.92
C PHE D 376 -16.21 -43.87 22.95
N GLU D 377 -15.98 -44.44 24.16
CA GLU D 377 -15.59 -45.85 24.32
C GLU D 377 -16.67 -46.78 23.69
N LYS D 378 -17.98 -46.49 23.90
CA LYS D 378 -19.07 -47.27 23.29
C LYS D 378 -19.10 -47.09 21.77
N ALA D 379 -18.85 -45.86 21.29
CA ALA D 379 -18.85 -45.59 19.85
C ALA D 379 -17.71 -46.35 19.17
N HIS D 380 -16.52 -46.44 19.82
CA HIS D 380 -15.39 -47.19 19.28
C HIS D 380 -15.67 -48.68 19.27
N ALA D 381 -16.36 -49.20 20.29
CA ALA D 381 -16.73 -50.63 20.30
C ALA D 381 -17.74 -50.91 19.18
N ALA D 382 -18.64 -49.95 18.87
CA ALA D 382 -19.60 -50.12 17.77
C ALA D 382 -18.86 -50.12 16.43
N GLN D 383 -17.89 -49.24 16.24
CA GLN D 383 -17.07 -49.22 15.03
C GLN D 383 -16.29 -50.51 14.87
N ALA D 384 -15.77 -51.09 15.96
CA ALA D 384 -15.02 -52.37 15.91
C ALA D 384 -15.89 -53.55 15.45
N GLN D 385 -17.22 -53.43 15.62
CA GLN D 385 -18.21 -54.40 15.17
C GLN D 385 -18.66 -54.16 13.72
N GLY D 386 -18.11 -53.16 13.04
CA GLY D 386 -18.49 -52.84 11.68
C GLY D 386 -19.69 -51.92 11.58
N LYS D 387 -20.16 -51.34 12.70
CA LYS D 387 -21.28 -50.42 12.68
C LYS D 387 -20.73 -49.05 12.27
N GLN D 388 -21.49 -48.32 11.47
CA GLN D 388 -21.08 -47.00 11.03
C GLN D 388 -21.52 -45.98 12.03
N ILE D 389 -20.57 -45.21 12.54
CA ILE D 389 -20.89 -44.13 13.44
C ILE D 389 -20.79 -42.89 12.57
N ASP D 390 -21.88 -42.09 12.50
CA ASP D 390 -21.96 -40.86 11.71
C ASP D 390 -20.75 -39.94 11.98
N LYS D 391 -19.91 -39.73 10.96
CA LYS D 391 -18.69 -38.93 11.03
C LYS D 391 -18.92 -37.48 11.48
N ALA D 392 -19.97 -36.83 10.94
CA ALA D 392 -20.27 -35.45 11.29
C ALA D 392 -20.60 -35.32 12.78
N LEU D 393 -21.40 -36.24 13.31
CA LEU D 393 -21.79 -36.25 14.72
C LEU D 393 -20.59 -36.54 15.60
N TYR D 394 -19.78 -37.52 15.23
CA TYR D 394 -18.58 -37.89 15.97
C TYR D 394 -17.55 -36.77 16.02
N ASP D 395 -17.23 -36.14 14.86
CA ASP D 395 -16.22 -35.08 14.83
C ASP D 395 -16.63 -33.87 15.65
N ARG D 396 -17.92 -33.50 15.59
CA ARG D 396 -18.41 -32.36 16.33
C ARG D 396 -18.36 -32.67 17.83
N ALA D 397 -18.77 -33.89 18.21
CA ALA D 397 -18.71 -34.33 19.60
C ALA D 397 -17.27 -34.30 20.13
N LYS D 398 -16.29 -34.73 19.33
CA LYS D 398 -14.89 -34.76 19.79
C LYS D 398 -14.36 -33.37 20.02
N ASP D 399 -14.68 -32.46 19.12
CA ASP D 399 -14.27 -31.06 19.20
C ASP D 399 -14.86 -30.41 20.49
N LEU D 400 -16.14 -30.63 20.77
CA LEU D 400 -16.80 -30.13 21.95
C LEU D 400 -16.26 -30.77 23.23
N TYR D 401 -15.99 -32.08 23.19
CA TYR D 401 -15.47 -32.88 24.30
C TYR D 401 -14.12 -32.33 24.76
N GLU D 402 -13.21 -32.03 23.83
CA GLU D 402 -11.91 -31.49 24.18
C GLU D 402 -12.05 -30.11 24.83
N GLU D 403 -13.02 -29.30 24.40
CA GLU D 403 -13.29 -28.01 25.00
C GLU D 403 -13.74 -28.17 26.45
N ALA D 404 -14.56 -29.18 26.73
CA ALA D 404 -15.06 -29.50 28.08
C ALA D 404 -13.93 -30.04 28.98
N PHE D 405 -13.15 -31.02 28.46
CA PHE D 405 -12.09 -31.68 29.18
C PHE D 405 -11.03 -30.70 29.68
N TYR D 406 -10.48 -29.86 28.79
CA TYR D 406 -9.44 -28.91 29.19
C TYR D 406 -9.94 -27.89 30.22
N ARG D 407 -11.24 -27.55 30.21
CA ARG D 407 -11.84 -26.64 31.20
C ARG D 407 -11.95 -27.29 32.59
N CYS D 408 -12.26 -28.59 32.64
CA CYS D 408 -12.32 -29.39 33.88
C CYS D 408 -10.92 -29.38 34.50
N VAL D 409 -9.88 -29.66 33.70
CA VAL D 409 -8.49 -29.70 34.13
C VAL D 409 -8.02 -28.30 34.59
N PHE D 410 -8.30 -27.25 33.81
CA PHE D 410 -7.95 -25.89 34.11
C PHE D 410 -8.37 -25.46 35.54
N ILE D 411 -9.66 -25.60 35.89
CA ILE D 411 -10.12 -25.19 37.21
C ILE D 411 -9.73 -26.22 38.27
N GLY D 412 -9.85 -27.50 37.93
CA GLY D 412 -9.53 -28.59 38.83
C GLY D 412 -8.10 -28.60 39.35
N ALA D 413 -7.10 -28.27 38.51
CA ALA D 413 -5.66 -28.24 38.83
C ALA D 413 -5.22 -26.95 39.59
N GLU D 414 -6.09 -25.95 39.67
CA GLU D 414 -5.89 -24.67 40.30
C GLU D 414 -6.31 -24.81 41.79
N ASN D 415 -5.32 -24.76 42.68
CA ASN D 415 -5.51 -25.12 44.07
C ASN D 415 -6.06 -24.03 45.03
N SER D 416 -6.52 -22.88 44.50
CA SER D 416 -7.30 -21.95 45.32
C SER D 416 -8.81 -22.38 45.33
N VAL D 417 -9.22 -23.40 44.48
CA VAL D 417 -10.57 -23.92 44.39
C VAL D 417 -11.57 -22.77 44.13
N GLY D 418 -11.25 -21.97 43.13
CA GLY D 418 -12.08 -20.85 42.75
C GLY D 418 -11.76 -19.53 43.41
N PHE D 419 -11.13 -19.53 44.61
CA PHE D 419 -10.89 -18.26 45.33
C PHE D 419 -10.08 -17.22 44.53
N HIS D 420 -9.11 -17.62 43.71
CA HIS D 420 -8.30 -16.65 42.96
C HIS D 420 -9.11 -15.83 41.96
N ASN D 421 -10.23 -16.39 41.47
CA ASN D 421 -11.11 -15.69 40.55
C ASN D 421 -12.46 -16.43 40.55
N PRO D 422 -13.30 -16.17 41.59
CA PRO D 422 -14.57 -16.90 41.70
C PRO D 422 -15.48 -16.83 40.48
N THR D 423 -15.63 -15.65 39.87
CA THR D 423 -16.52 -15.53 38.72
C THR D 423 -15.96 -16.26 37.53
N GLU D 424 -14.64 -16.23 37.31
CA GLU D 424 -14.06 -16.94 36.18
C GLU D 424 -14.14 -18.46 36.39
N ALA D 425 -13.99 -18.94 37.66
CA ALA D 425 -14.15 -20.37 37.94
C ALA D 425 -15.56 -20.83 37.58
N MET D 426 -16.59 -19.99 37.88
CA MET D 426 -17.96 -20.34 37.51
C MET D 426 -18.17 -20.30 36.01
N ARG D 427 -17.66 -19.28 35.32
CA ARG D 427 -17.85 -19.15 33.88
C ARG D 427 -17.24 -20.37 33.13
N VAL D 428 -16.01 -20.72 33.49
CA VAL D 428 -15.25 -21.81 32.89
C VAL D 428 -15.92 -23.15 33.12
N LEU D 429 -16.34 -23.47 34.35
CA LEU D 429 -17.01 -24.73 34.64
C LEU D 429 -18.45 -24.79 34.08
N GLY D 430 -19.10 -23.64 33.97
CA GLY D 430 -20.43 -23.59 33.36
C GLY D 430 -20.31 -23.88 31.88
N ASP D 431 -19.26 -23.35 31.23
CA ASP D 431 -18.99 -23.62 29.83
C ASP D 431 -18.58 -25.09 29.63
N ALA D 432 -17.81 -25.69 30.54
CA ALA D 432 -17.45 -27.12 30.43
C ALA D 432 -18.71 -28.00 30.39
N THR D 433 -19.70 -27.70 31.26
CA THR D 433 -20.93 -28.46 31.27
C THR D 433 -21.70 -28.31 29.97
N ALA D 434 -21.71 -27.10 29.40
CA ALA D 434 -22.44 -26.87 28.18
C ALA D 434 -21.79 -27.63 27.02
N PHE D 435 -20.45 -27.57 26.93
CA PHE D 435 -19.70 -28.29 25.90
C PHE D 435 -19.93 -29.81 26.05
N ALA D 436 -19.84 -30.33 27.28
CA ALA D 436 -19.98 -31.78 27.49
C ALA D 436 -21.39 -32.26 27.17
N THR D 437 -22.40 -31.52 27.61
CA THR D 437 -23.78 -31.95 27.40
C THR D 437 -24.13 -31.96 25.89
N LYS D 438 -23.54 -31.04 25.11
CA LYS D 438 -23.76 -31.00 23.69
C LYS D 438 -23.07 -32.18 23.01
N ALA D 439 -21.86 -32.55 23.47
CA ALA D 439 -21.15 -33.71 22.91
C ALA D 439 -21.92 -35.01 23.24
N GLU D 440 -22.48 -35.10 24.45
CA GLU D 440 -23.29 -36.24 24.87
C GLU D 440 -24.53 -36.35 23.94
N ALA D 441 -25.16 -35.20 23.58
CA ALA D 441 -26.32 -35.20 22.69
C ALA D 441 -26.00 -35.83 21.33
N LEU D 442 -24.84 -35.50 20.76
CA LEU D 442 -24.44 -35.97 19.45
C LEU D 442 -23.99 -37.41 19.47
N LEU D 443 -23.37 -37.84 20.57
CA LEU D 443 -22.95 -39.24 20.71
C LEU D 443 -24.13 -40.15 21.01
N ARG D 444 -25.10 -39.70 21.83
CA ARG D 444 -26.32 -40.48 22.09
C ARG D 444 -27.10 -40.67 20.79
N GLN D 445 -27.16 -39.65 19.94
CA GLN D 445 -27.84 -39.73 18.66
C GLN D 445 -27.08 -40.67 17.70
N ALA D 446 -25.76 -40.53 17.59
CA ALA D 446 -24.93 -41.36 16.70
C ALA D 446 -25.04 -42.83 17.09
N LEU D 447 -24.99 -43.12 18.39
CA LEU D 447 -25.12 -44.48 18.89
C LEU D 447 -26.51 -45.03 18.57
N ALA D 448 -27.59 -44.26 18.82
CA ALA D 448 -28.96 -44.70 18.53
C ALA D 448 -29.15 -44.99 17.05
N LYS D 449 -28.57 -44.16 16.18
CA LYS D 449 -28.65 -44.35 14.72
C LYS D 449 -27.97 -45.68 14.31
N ALA D 450 -26.88 -46.04 15.01
CA ALA D 450 -26.15 -47.26 14.77
C ALA D 450 -26.75 -48.50 15.47
N GLY D 451 -27.90 -48.35 16.13
CA GLY D 451 -28.57 -49.46 16.82
C GLY D 451 -28.15 -49.68 18.26
N VAL D 452 -27.41 -48.74 18.86
CA VAL D 452 -26.95 -48.85 20.25
C VAL D 452 -27.71 -47.83 21.12
N ASP D 453 -28.57 -48.31 22.02
CA ASP D 453 -29.35 -47.43 22.87
C ASP D 453 -28.69 -47.16 24.22
N VAL D 454 -28.36 -45.90 24.47
CA VAL D 454 -27.72 -45.51 25.71
C VAL D 454 -28.81 -45.31 26.77
N PRO D 455 -28.68 -45.96 27.95
CA PRO D 455 -29.70 -45.75 29.00
C PRO D 455 -29.68 -44.33 29.56
N LEU D 456 -30.69 -43.95 30.35
CA LEU D 456 -30.71 -42.62 30.97
C LEU D 456 -29.54 -42.46 31.93
N THR D 457 -29.25 -43.52 32.69
CA THR D 457 -28.11 -43.51 33.62
C THR D 457 -26.96 -44.23 32.95
N VAL D 458 -25.84 -43.54 32.76
CA VAL D 458 -24.69 -44.14 32.10
C VAL D 458 -23.78 -44.80 33.16
N ASN D 459 -23.52 -46.09 33.01
CA ASN D 459 -22.65 -46.80 33.93
C ASN D 459 -21.20 -46.46 33.56
N LEU D 460 -20.49 -45.74 34.43
CA LEU D 460 -19.12 -45.34 34.17
C LEU D 460 -18.10 -46.46 34.36
N GLU D 461 -18.43 -47.50 35.17
CA GLU D 461 -17.53 -48.62 35.47
C GLU D 461 -16.16 -48.11 35.95
N LEU D 462 -16.17 -47.16 36.91
CA LEU D 462 -14.95 -46.50 37.41
C LEU D 462 -13.84 -47.44 37.89
N ASN D 463 -14.20 -48.60 38.47
CA ASN D 463 -13.24 -49.58 38.93
C ASN D 463 -12.36 -50.14 37.84
N LYS D 464 -12.87 -50.20 36.60
CA LYS D 464 -12.06 -50.69 35.49
C LYS D 464 -10.92 -49.70 35.13
N TYR D 465 -10.98 -48.45 35.61
CA TYR D 465 -9.93 -47.46 35.33
C TYR D 465 -8.95 -47.29 36.51
N LEU D 466 -8.92 -48.24 37.44
CA LEU D 466 -8.00 -48.21 38.58
C LEU D 466 -6.96 -49.28 38.36
N ASP D 467 -5.69 -48.92 38.48
CA ASP D 467 -4.54 -49.83 38.34
C ASP D 467 -4.51 -50.91 39.46
N GLN D 468 -3.60 -51.91 39.35
CA GLN D 468 -3.48 -52.99 40.36
C GLN D 468 -3.07 -52.46 41.75
N ARG D 469 -2.35 -51.33 41.79
CA ARG D 469 -1.98 -50.68 43.04
C ARG D 469 -3.22 -49.97 43.63
N GLY D 470 -3.99 -49.31 42.76
CA GLY D 470 -5.19 -48.57 43.11
C GLY D 470 -6.37 -49.42 43.52
N GLU D 471 -6.42 -50.68 43.06
CA GLU D 471 -7.49 -51.62 43.44
C GLU D 471 -7.44 -51.92 44.95
N LYS D 472 -6.23 -52.04 45.51
CA LYS D 472 -6.06 -52.33 46.92
C LYS D 472 -6.31 -51.11 47.83
N LYS D 473 -6.18 -49.90 47.29
CA LYS D 473 -6.37 -48.67 48.08
C LYS D 473 -7.71 -47.99 47.83
N LEU D 474 -8.42 -48.32 46.73
CA LEU D 474 -9.63 -47.62 46.36
C LEU D 474 -10.60 -48.47 45.59
N THR D 475 -11.87 -48.38 45.97
CA THR D 475 -12.96 -49.04 45.27
C THR D 475 -14.10 -48.03 45.12
N PHE D 476 -14.75 -48.02 43.97
CA PHE D 476 -15.90 -47.17 43.71
C PHE D 476 -17.08 -48.13 43.73
N ASP D 477 -17.96 -47.99 44.72
CA ASP D 477 -19.14 -48.83 44.87
C ASP D 477 -20.02 -48.78 43.60
N PRO D 478 -20.19 -49.93 42.92
CA PRO D 478 -21.03 -49.95 41.70
C PRO D 478 -22.50 -49.61 41.91
N LYS D 479 -22.97 -49.64 43.16
CA LYS D 479 -24.36 -49.30 43.48
C LYS D 479 -24.57 -47.78 43.68
N VAL D 480 -23.49 -46.98 43.72
CA VAL D 480 -23.61 -45.54 43.87
C VAL D 480 -24.10 -44.91 42.56
N GLU D 481 -25.16 -44.11 42.66
CA GLU D 481 -25.74 -43.45 41.51
C GLU D 481 -25.80 -41.92 41.72
N ILE D 482 -25.23 -41.16 40.79
CA ILE D 482 -25.27 -39.70 40.83
C ILE D 482 -26.41 -39.24 39.91
N LYS D 483 -27.56 -38.84 40.49
CA LYS D 483 -28.75 -38.35 39.78
C LYS D 483 -28.96 -36.87 40.18
N ASP D 484 -28.15 -36.02 39.53
CA ASP D 484 -28.02 -34.57 39.64
C ASP D 484 -29.35 -33.85 39.33
N PRO D 485 -29.67 -32.69 39.95
CA PRO D 485 -30.92 -32.01 39.56
C PRO D 485 -30.86 -31.35 38.17
N TYR D 486 -29.63 -31.14 37.64
CA TYR D 486 -29.39 -30.48 36.33
C TYR D 486 -29.26 -31.39 35.14
N GLY D 487 -29.43 -32.69 35.31
CA GLY D 487 -29.38 -33.61 34.18
C GLY D 487 -28.39 -34.74 34.28
N VAL D 488 -27.26 -34.54 34.99
CA VAL D 488 -26.23 -35.59 35.13
C VAL D 488 -26.82 -36.86 35.77
N GLN D 489 -26.65 -38.01 35.07
CA GLN D 489 -27.18 -39.29 35.52
C GLN D 489 -26.17 -40.39 35.24
N VAL D 490 -25.41 -40.78 36.28
CA VAL D 490 -24.33 -41.75 36.15
C VAL D 490 -24.34 -42.75 37.33
N ARG D 491 -23.74 -43.92 37.11
CA ARG D 491 -23.54 -44.91 38.16
C ARG D 491 -22.05 -45.28 38.13
N PHE D 492 -21.48 -45.58 39.31
CA PHE D 492 -20.06 -45.88 39.38
C PHE D 492 -19.78 -47.24 38.78
FE HEC E . -0.46 23.57 9.21
CHA HEC E . 1.91 21.09 9.45
CHB HEC E . -0.26 23.43 5.83
CHC HEC E . -2.92 25.96 8.98
CHD HEC E . -0.37 23.99 12.64
NA HEC E . 0.55 22.38 7.87
C1A HEC E . 1.49 21.43 8.15
C2A HEC E . 2.07 20.91 6.93
C3A HEC E . 1.46 21.58 5.89
C4A HEC E . 0.52 22.51 6.50
CMA HEC E . 1.69 21.40 4.42
CAA HEC E . 3.08 19.81 6.76
CBA HEC E . 4.52 20.33 6.77
CGA HEC E . 5.54 19.27 6.48
O1A HEC E . 5.36 18.39 5.65
O2A HEC E . 6.64 19.38 7.20
NB HEC E . -1.43 24.51 7.68
C1B HEC E . -1.19 24.34 6.35
C2B HEC E . -2.05 25.19 5.55
C3B HEC E . -2.84 25.87 6.46
C4B HEC E . -2.43 25.47 7.77
CMB HEC E . -2.02 25.28 4.06
CAB HEC E . -3.94 26.79 6.15
CBB HEC E . -5.08 26.48 5.48
NC HEC E . -1.49 24.73 10.57
C1C HEC E . -2.48 25.62 10.29
C2C HEC E . -2.99 26.23 11.51
C3C HEC E . -2.21 25.70 12.53
C4C HEC E . -1.30 24.76 11.94
CMC HEC E . -4.13 27.20 11.58
CAC HEC E . -2.26 26.09 13.95
CBC HEC E . -3.30 26.16 14.79
ND HEC E . 0.56 22.70 10.76
C1D HEC E . 0.49 23.01 12.08
C2D HEC E . 1.40 22.18 12.86
C3D HEC E . 2.03 21.35 11.96
C4D HEC E . 1.50 21.69 10.65
CMD HEC E . 1.63 22.27 14.34
CAD HEC E . 3.11 20.35 12.27
CBD HEC E . 4.45 20.78 11.72
CGD HEC E . 5.62 20.23 12.48
O1D HEC E . 6.41 20.94 13.08
O2D HEC E . 5.72 18.91 12.41
FE HEC F . -25.76 17.12 0.81
CHA HEC F . -23.31 19.16 -0.37
CHB HEC F . -27.29 17.13 -2.28
CHC HEC F . -28.10 14.90 1.96
CHD HEC F . -24.46 17.41 4.03
NA HEC F . -25.43 18.07 -0.99
C1A HEC F . -24.34 18.82 -1.29
C2A HEC F . -24.39 19.22 -2.69
C3A HEC F . -25.56 18.71 -3.21
C4A HEC F . -26.19 17.96 -2.14
CMA HEC F . -26.12 18.87 -4.60
CAA HEC F . -23.32 20.01 -3.41
CBA HEC F . -23.51 21.52 -3.28
CGA HEC F . -24.27 22.13 -4.43
O1A HEC F . -23.93 21.94 -5.59
O2A HEC F . -25.32 22.85 -4.06
NB HEC F . -27.36 16.16 -0.03
C1B HEC F . -27.80 16.24 -1.31
C2B HEC F . -28.89 15.32 -1.55
C3B HEC F . -29.09 14.68 -0.35
C4B HEC F . -28.16 15.22 0.60
CMB HEC F . -29.57 15.10 -2.87
CAB HEC F . -30.01 13.58 -0.09
CBB HEC F . -29.83 12.33 -0.42
NC HEC F . -26.21 16.32 2.67
C1C HEC F . -27.20 15.44 2.93
C2C HEC F . -27.23 15.09 4.35
C3C HEC F . -26.19 15.81 4.92
C4C HEC F . -25.57 16.57 3.87
CMC HEC F . -28.22 14.16 5.00
CAC HEC F . -25.79 15.77 6.33
CBC HEC F . -25.24 14.75 7.01
ND HEC F . -24.19 18.13 1.69
C1D HEC F . -23.80 18.13 2.99
C2D HEC F . -22.59 18.92 3.17
C3D HEC F . -22.25 19.41 1.92
C4D HEC F . -23.26 18.90 0.99
CMD HEC F . -21.89 19.16 4.47
CAD HEC F . -21.08 20.30 1.59
CBD HEC F . -19.72 19.67 1.91
CGD HEC F . -19.04 19.01 0.75
O1D HEC F . -17.96 18.47 0.84
O2D HEC F . -19.70 19.05 -0.39
FE HEC G . -11.22 22.06 5.67
CHA HEC G . -11.36 22.11 2.23
CHB HEC G . -14.53 21.47 5.85
CHC HEC G . -10.86 21.32 9.03
CHD HEC G . -8.14 23.43 5.62
NA HEC G . -12.69 21.84 4.29
C1A HEC G . -12.57 21.89 2.93
C2A HEC G . -13.88 21.73 2.32
C3A HEC G . -14.79 21.62 3.35
C4A HEC G . -14.02 21.66 4.58
CMA HEC G . -16.29 21.54 3.26
CAA HEC G . -14.15 21.69 0.84
CBA HEC G . -14.39 23.07 0.29
CGA HEC G . -15.00 23.09 -1.08
O1A HEC G . -14.89 24.06 -1.83
O2A HEC G . -15.72 22.00 -1.38
NB HEC G . -12.48 21.50 7.18
C1B HEC G . -13.81 21.30 7.05
C2B HEC G . -14.38 20.79 8.28
C3B HEC G . -13.31 20.63 9.13
C4B HEC G . -12.14 21.12 8.47
CMB HEC G . -15.83 20.58 8.54
CAB HEC G . -13.33 19.95 10.42
CBB HEC G . -13.62 18.67 10.61
NC HEC G . -9.73 22.31 7.08
C1C HEC G . -9.77 21.97 8.39
C2C HEC G . -8.56 22.41 9.06
C3C HEC G . -7.79 23.04 8.09
C4C HEC G . -8.54 22.96 6.86
CMC HEC G . -8.28 22.26 10.53
CAC HEC G . -6.51 23.72 8.27
CBC HEC G . -5.36 23.25 8.77
ND HEC G . -9.92 22.54 4.15
C1D HEC G . -8.73 23.15 4.33
C2D HEC G . -8.12 23.47 3.06
C3D HEC G . -8.97 23.02 2.08
C4D HEC G . -10.14 22.48 2.79
CMD HEC G . -6.79 24.15 2.89
CAD HEC G . -8.56 22.98 0.64
CBD HEC G . -9.55 23.50 -0.38
CGD HEC G . -10.11 24.86 -0.09
O1D HEC G . -9.44 25.84 0.17
O2D HEC G . -11.43 24.90 -0.20
FE HEC H . -20.86 23.69 6.20
CHA HEC H . -20.90 24.13 2.81
CHB HEC H . -17.57 24.63 6.31
CHC HEC H . -21.00 23.73 9.63
CHD HEC H . -23.98 22.28 6.05
NA HEC H . -19.49 24.34 4.82
C1A HEC H . -19.69 24.48 3.49
C2A HEC H . -18.47 24.91 2.83
C3A HEC H . -17.51 25.00 3.81
C4A HEC H . -18.17 24.64 5.05
CMA HEC H . -16.07 25.41 3.66
CAA HEC H . -18.30 25.18 1.36
CBA HEC H . -18.02 23.88 0.62
CGA HEC H . -18.23 23.94 -0.88
O1A HEC H . -18.94 23.14 -1.45
O2A HEC H . -17.54 24.86 -1.52
NB HEC H . -19.53 24.13 7.70
C1B HEC H . -18.21 24.43 7.55
C2B HEC H . -17.56 24.57 8.84
C3B HEC H . -18.55 24.37 9.78
C4B HEC H . -19.78 24.08 9.06
CMB HEC H . -16.10 24.85 9.05
CAB HEC H . -18.44 24.50 11.23
CBB HEC H . -18.20 25.63 11.95
NC HEC H . -22.26 23.15 7.59
C1C HEC H . -22.17 23.28 8.94
C2C HEC H . -23.39 22.84 9.58
C3C HEC H . -24.20 22.40 8.57
C4C HEC H . -23.51 22.60 7.33
CMC HEC H . -23.67 22.94 11.06
CAC HEC H . -25.53 21.80 8.72
CBC HEC H . -26.60 22.35 9.31
ND HEC H . -22.18 23.24 4.70
C1D HEC H . -23.35 22.57 4.81
C2D HEC H . -23.94 22.35 3.50
C3D HEC H . -23.09 22.94 2.59
C4D HEC H . -21.98 23.49 3.36
CMD HEC H . -25.18 21.55 3.24
CAD HEC H . -23.31 23.10 1.11
CBD HEC H . -24.05 24.39 0.80
CGD HEC H . -24.48 24.53 -0.64
O1D HEC H . -24.23 25.50 -1.28
O2D HEC H . -25.20 23.54 -1.10
FE HEC I . -21.42 32.31 14.86
CHA HEC I . -18.78 32.82 16.99
CHB HEC I . -22.84 35.28 15.91
CHC HEC I . -23.97 31.86 12.62
CHD HEC I . -20.36 29.07 14.32
NA HEC I . -20.88 33.83 16.15
C1A HEC I . -19.80 33.81 16.98
C2A HEC I . -19.86 34.92 17.92
C3A HEC I . -21.01 35.63 17.61
C4A HEC I . -21.64 34.93 16.51
CMA HEC I . -21.54 36.87 18.27
CAA HEC I . -18.94 35.23 19.07
CBA HEC I . -17.48 35.36 18.66
CGA HEC I . -17.28 36.20 17.42
O1A HEC I . -16.81 35.79 16.40
O2A HEC I . -17.72 37.42 17.56
NB HEC I . -23.11 33.37 14.38
C1B HEC I . -23.51 34.58 14.88
C2B HEC I . -24.70 35.06 14.19
C3B HEC I . -24.98 34.10 13.24
C4B HEC I . -24.01 33.05 13.35
CMB HEC I . -25.40 36.35 14.48
CAB HEC I . -26.08 34.09 12.26
CBB HEC I . -26.45 35.05 11.42
NC HEC I . -22.02 30.76 13.64
C1C HEC I . -23.09 30.76 12.81
C2C HEC I . -23.27 29.46 12.19
C3C HEC I . -22.29 28.65 12.73
C4C HEC I . -21.49 29.48 13.61
CMC HEC I . -24.30 29.12 11.16
CAC HEC I . -22.11 27.21 12.51
CBC HEC I . -21.79 26.59 11.38
ND HEC I . -19.84 31.17 15.49
C1D HEC I . -19.55 29.89 15.16
C2D HEC I . -18.31 29.45 15.77
C3D HEC I . -17.84 30.53 16.49
C4D HEC I . -18.81 31.60 16.32
CMD HEC I . -17.71 28.08 15.64
CAD HEC I . -16.61 30.56 17.37
CBD HEC I . -16.95 30.27 18.81
CGD HEC I . -15.76 30.14 19.73
O1D HEC I . -15.55 29.15 20.39
O2D HEC I . -15.01 31.21 19.80
S SO4 J . -25.80 -8.50 -3.70
O1 SO4 J . -26.24 -8.93 -2.35
O2 SO4 J . -24.53 -7.77 -3.50
O3 SO4 J . -26.81 -7.63 -4.32
O4 SO4 J . -25.58 -9.69 -4.55
S SO4 K . -25.40 -3.74 2.30
O1 SO4 K . -25.37 -2.36 2.80
O2 SO4 K . -25.26 -4.68 3.42
O3 SO4 K . -26.69 -4.00 1.62
O4 SO4 K . -24.32 -3.99 1.32
S SO4 L . -11.86 -8.64 4.77
O1 SO4 L . -13.19 -8.59 5.38
O2 SO4 L . -11.06 -7.49 5.22
O3 SO4 L . -11.20 -9.92 5.15
O4 SO4 L . -12.01 -8.63 3.31
FE HEC M . -8.14 24.55 -42.52
CHA HEC M . -5.69 26.62 -43.67
CHB HEC M . -9.64 24.56 -45.61
CHC HEC M . -10.54 22.43 -41.34
CHD HEC M . -6.79 24.82 -39.31
NA HEC M . -7.81 25.54 -44.29
C1A HEC M . -6.70 26.27 -44.59
C2A HEC M . -6.70 26.65 -46.00
C3A HEC M . -7.87 26.10 -46.54
C4A HEC M . -8.54 25.38 -45.47
CMA HEC M . -8.41 26.25 -47.94
CAA HEC M . -5.55 27.38 -46.62
CBA HEC M . -5.85 28.40 -47.73
CGA HEC M . -6.86 29.45 -47.40
O1A HEC M . -7.79 29.73 -48.15
O2A HEC M . -6.66 30.10 -46.28
NB HEC M . -9.80 23.67 -43.32
C1B HEC M . -10.21 23.72 -44.62
C2B HEC M . -11.31 22.80 -44.85
C3B HEC M . -11.54 22.18 -43.63
C4B HEC M . -10.62 22.75 -42.68
CMB HEC M . -12.01 22.61 -46.16
CAB HEC M . -12.50 21.11 -43.35
CBB HEC M . -12.48 19.90 -43.83
NC HEC M . -8.59 23.76 -40.66
C1C HEC M . -9.60 22.90 -40.38
C2C HEC M . -9.61 22.55 -38.98
C3C HEC M . -8.55 23.23 -38.41
C4C HEC M . -7.92 23.98 -39.46
CMC HEC M . -10.61 21.63 -38.33
CAC HEC M . -8.12 23.20 -37.01
CBC HEC M . -7.70 22.14 -36.28
ND HEC M . -6.56 25.58 -41.65
C1D HEC M . -6.13 25.54 -40.34
C2D HEC M . -4.90 26.29 -40.18
C3D HEC M . -4.59 26.80 -41.42
C4D HEC M . -5.63 26.33 -42.33
CMD HEC M . -4.14 26.47 -38.90
CAD HEC M . -3.45 27.75 -41.73
CBD HEC M . -2.47 27.23 -42.78
CGD HEC M . -1.42 26.28 -42.28
O1D HEC M . -0.87 25.49 -43.00
O2D HEC M . -1.11 26.39 -41.01
FE HEC N . 6.50 29.00 -37.69
CHA HEC N . 6.37 29.12 -41.10
CHB HEC N . 3.11 28.60 -37.52
CHC HEC N . 6.80 28.27 -34.36
CHD HEC N . 9.71 30.24 -37.74
NA HEC N . 5.00 28.85 -39.07
C1A HEC N . 5.14 28.92 -40.42
C2A HEC N . 3.85 28.86 -41.07
C3A HEC N . 2.90 28.77 -40.06
C4A HEC N . 3.65 28.76 -38.81
CMA HEC N . 1.41 28.69 -40.19
CAA HEC N . 3.60 28.85 -42.55
CBA HEC N . 3.45 30.23 -43.14
CGA HEC N . 3.92 30.33 -44.57
O1A HEC N . 4.89 29.71 -45.02
O2A HEC N . 3.20 31.17 -45.31
NB HEC N . 5.18 28.55 -36.18
C1B HEC N . 3.84 28.39 -36.31
C2B HEC N . 3.27 27.87 -35.09
C3B HEC N . 4.35 27.66 -34.24
C4B HEC N . 5.53 28.12 -34.91
CMB HEC N . 1.81 27.73 -34.79
CAB HEC N . 4.30 26.98 -32.94
CBB HEC N . 3.92 25.72 -32.70
NC HEC N . 7.98 29.23 -36.28
C1C HEC N . 7.92 28.91 -34.97
C2C HEC N . 9.13 29.33 -34.28
C3C HEC N . 9.91 29.92 -35.25
C4C HEC N . 9.22 29.84 -36.49
CMC HEC N . 9.41 29.13 -32.82
CAC HEC N . 11.20 30.60 -35.06
CBC HEC N . 12.36 30.04 -34.81
ND HEC N . 7.80 29.59 -39.16
C1D HEC N . 9.07 30.04 -39.01
C2D HEC N . 9.73 30.21 -40.30
C3D HEC N . 8.81 29.80 -41.25
C4D HEC N . 7.59 29.46 -40.53
CMD HEC N . 11.09 30.79 -40.52
CAD HEC N . 9.10 29.58 -42.71
CBD HEC N . 9.14 30.85 -43.55
CGD HEC N . 7.80 31.52 -43.68
O1D HEC N . 7.42 32.39 -42.94
O2D HEC N . 7.08 31.08 -44.68
FE HEC O . 17.18 30.37 -33.91
CHA HEC O . 19.51 27.85 -33.69
CHB HEC O . 17.39 30.30 -37.30
CHC HEC O . 14.71 32.78 -34.13
CHD HEC O . 17.24 30.74 -30.50
NA HEC O . 18.24 29.25 -35.26
C1A HEC O . 19.10 28.24 -34.99
C2A HEC O . 19.59 27.65 -36.23
C3A HEC O . 18.99 28.35 -37.26
C4A HEC O . 18.15 29.35 -36.64
CMA HEC O . 19.19 28.18 -38.73
CAA HEC O . 20.62 26.58 -36.40
CBA HEC O . 22.03 27.14 -36.45
CGA HEC O . 23.06 26.08 -36.70
O1A HEC O . 22.82 25.02 -37.27
O2A HEC O . 24.24 26.39 -36.24
NB HEC O . 16.23 31.36 -35.44
C1B HEC O . 16.48 31.22 -36.76
C2B HEC O . 15.65 32.09 -37.55
C3B HEC O . 14.85 32.76 -36.65
C4B HEC O . 15.22 32.31 -35.33
CMB HEC O . 15.70 32.21 -39.04
CAB HEC O . 13.76 33.68 -36.97
CBB HEC O . 12.56 33.37 -37.43
NC HEC O . 16.16 31.54 -32.56
C1C HEC O . 15.16 32.43 -32.82
C2C HEC O . 14.64 33.00 -31.60
C3C HEC O . 15.39 32.44 -30.59
C4C HEC O . 16.33 31.53 -31.17
CMC HEC O . 13.50 33.97 -31.52
CAC HEC O . 15.36 32.77 -29.16
CBC HEC O . 14.35 32.75 -28.30
ND HEC O . 18.21 29.48 -32.37
C1D HEC O . 18.12 29.78 -31.04
C2D HEC O . 19.00 28.93 -30.26
C3D HEC O . 19.60 28.06 -31.15
C4D HEC O . 19.11 28.43 -32.48
CMD HEC O . 19.30 29.08 -28.80
CAD HEC O . 20.50 26.94 -30.71
CBD HEC O . 21.56 26.53 -31.72
CGD HEC O . 22.94 27.02 -31.40
O1D HEC O . 23.20 27.87 -30.57
O2D HEC O . 23.84 26.41 -32.13
FE HEC P . -3.13 30.88 -37.02
CHA HEC P . -3.19 31.39 -40.41
CHB HEC P . 0.16 31.77 -36.91
CHC HEC P . -3.26 30.84 -33.60
CHD HEC P . -6.28 29.50 -37.18
NA HEC P . -1.76 31.51 -38.41
C1A HEC P . -1.97 31.68 -39.73
C2A HEC P . -0.76 32.13 -40.39
C3A HEC P . 0.22 32.20 -39.41
C4A HEC P . -0.43 31.81 -38.17
CMA HEC P . 1.65 32.59 -39.55
CAA HEC P . -0.59 32.45 -41.85
CBA HEC P . -0.35 31.18 -42.65
CGA HEC P . -0.54 31.33 -44.14
O1A HEC P . -1.34 30.65 -44.75
O2A HEC P . 0.24 32.25 -44.72
NB HEC P . -1.79 31.25 -35.52
C1B HEC P . -0.47 31.52 -35.68
C2B HEC P . 0.19 31.63 -34.40
C3B HEC P . -0.81 31.42 -33.45
C4B HEC P . -2.03 31.17 -34.16
CMB HEC P . 1.66 31.88 -34.20
CAB HEC P . -0.67 31.55 -32.00
CBB HEC P . -0.38 32.67 -31.28
NC HEC P . -4.55 30.31 -35.64
C1C HEC P . -4.44 30.43 -34.29
C2C HEC P . -5.66 30.00 -33.64
C3C HEC P . -6.49 29.59 -34.66
C4C HEC P . -5.80 29.79 -35.90
CMC HEC P . -5.93 30.08 -32.17
CAC HEC P . -7.84 29.01 -34.51
CBC HEC P . -8.91 29.55 -33.87
ND HEC P . -4.46 30.46 -38.53
C1D HEC P . -5.66 29.83 -38.41
C2D HEC P . -6.27 29.67 -39.72
C3D HEC P . -5.41 30.27 -40.63
C4D HEC P . -4.28 30.76 -39.86
CMD HEC P . -7.54 28.94 -40.00
CAD HEC P . -5.64 30.46 -42.10
CBD HEC P . -6.34 31.77 -42.37
CGD HEC P . -6.74 31.96 -43.81
O1D HEC P . -6.44 32.95 -44.43
O2D HEC P . -7.48 30.99 -44.31
FE HEC Q . -3.45 39.31 -28.22
CHA HEC Q . -0.78 39.72 -26.12
CHB HEC Q . -4.80 42.29 -27.10
CHC HEC Q . -6.04 38.96 -30.44
CHD HEC Q . -2.49 36.06 -28.83
NA HEC Q . -2.87 40.78 -26.90
C1A HEC Q . -1.77 40.75 -26.09
C2A HEC Q . -1.78 41.86 -25.17
C3A HEC Q . -2.93 42.58 -25.42
C4A HEC Q . -3.60 41.90 -26.51
CMA HEC Q . -3.41 43.80 -24.72
CAA HEC Q . -0.76 42.20 -24.11
CBA HEC Q . 0.25 43.23 -24.57
CGA HEC Q . 0.99 42.83 -25.81
O1A HEC Q . 0.81 43.35 -26.89
O2A HEC Q . 1.86 41.84 -25.64
NB HEC Q . -5.12 40.42 -28.67
C1B HEC Q . -5.49 41.62 -28.14
C2B HEC Q . -6.66 42.15 -28.82
C3B HEC Q . -6.99 41.20 -29.78
C4B HEC Q . -6.03 40.14 -29.68
CMB HEC Q . -7.36 43.43 -28.46
CAB HEC Q . -8.09 41.22 -30.75
CBB HEC Q . -8.47 42.20 -31.58
NC HEC Q . -4.10 37.80 -29.46
C1C HEC Q . -5.18 37.83 -30.29
C2C HEC Q . -5.40 36.55 -30.92
C3C HEC Q . -4.43 35.72 -30.39
C4C HEC Q . -3.61 36.50 -29.51
CMC HEC Q . -6.45 36.24 -31.94
CAC HEC Q . -4.28 34.28 -30.65
CBC HEC Q . -3.98 33.68 -31.80
ND HEC Q . -1.89 38.13 -27.62
C1D HEC Q . -1.65 36.84 -27.97
C2D HEC Q . -0.42 36.36 -27.37
C3D HEC Q . 0.09 37.41 -26.64
C4D HEC Q . -0.85 38.51 -26.79
CMD HEC Q . 0.14 34.97 -27.53
CAD HEC Q . 1.32 37.38 -25.78
CBD HEC Q . 0.97 37.13 -24.32
CGD HEC Q . 2.16 36.97 -23.41
O1D HEC Q . 2.32 35.99 -22.71
O2D HEC Q . 2.99 37.99 -23.41
S SO4 R . -8.32 -0.90 -47.43
O1 SO4 R . -8.90 -1.23 -46.11
O2 SO4 R . -7.05 -0.18 -47.22
O3 SO4 R . -9.26 -0.04 -48.17
O4 SO4 R . -8.21 -2.12 -48.24
S SO4 S . -8.23 3.99 -41.59
O1 SO4 S . -8.45 5.32 -41.00
O2 SO4 S . -7.75 3.06 -40.56
O3 SO4 S . -9.43 3.41 -42.23
O4 SO4 S . -7.23 4.16 -42.66
S SO4 T . 4.92 -1.42 -38.88
O1 SO4 T . 6.17 -0.72 -38.51
O2 SO4 T . 3.81 -0.78 -38.14
O3 SO4 T . 5.02 -2.84 -38.50
O4 SO4 T . 4.69 -1.36 -40.33
S SO4 U . -0.13 -9.99 -70.53
O1 SO4 U . 0.02 -8.59 -70.99
O2 SO4 U . -0.95 -10.02 -69.30
O3 SO4 U . 1.19 -10.56 -70.23
O4 SO4 U . -0.78 -10.83 -71.55
FE HEC V . 13.70 13.70 16.57
CHA HEC V . 10.89 14.67 14.94
CHB HEC V . 12.12 10.88 17.66
CHC HEC V . 16.64 12.59 17.86
CHD HEC V . 15.13 16.81 15.98
NA HEC V . 11.82 12.90 16.36
C1A HEC V . 10.81 13.44 15.61
C2A HEC V . 9.65 12.55 15.63
C3A HEC V . 10.01 11.46 16.41
C4A HEC V . 11.36 11.72 16.87
CMA HEC V . 9.20 10.24 16.73
CAA HEC V . 8.32 12.74 14.96
CBA HEC V . 7.25 13.28 15.91
CGA HEC V . 7.43 14.72 16.31
O1A HEC V . 7.37 15.65 15.49
O2A HEC V . 7.64 14.91 17.61
NB HEC V . 14.29 12.00 17.54
C1B HEC V . 13.50 10.98 17.95
C2B HEC V . 14.26 9.99 18.69
C3B HEC V . 15.57 10.46 18.67
C4B HEC V . 15.57 11.71 17.98
CMB HEC V . 13.69 8.76 19.31
CAB HEC V . 16.75 9.72 19.13
CBB HEC V . 17.07 8.45 18.71
NC HEC V . 15.54 14.56 16.89
C1C HEC V . 16.63 13.91 17.38
C2C HEC V . 17.78 14.80 17.39
C3C HEC V . 17.33 16.01 16.91
C4C HEC V . 15.94 15.84 16.58
CMC HEC V . 19.15 14.43 17.89
CAC HEC V . 18.07 17.28 16.80
CBC HEC V . 18.94 17.57 15.86
ND HEC V . 13.13 15.42 15.61
C1D HEC V . 13.81 16.59 15.50
C2D HEC V . 13.01 17.59 14.81
C3D HEC V . 11.83 16.96 14.47
C4D HEC V . 11.92 15.61 14.99
CMD HEC V . 13.37 19.03 14.63
CAD HEC V . 10.60 17.61 13.92
CBD HEC V . 9.81 18.18 15.08
CGD HEC V . 8.58 18.93 14.68
O1D HEC V . 8.36 20.06 15.06
O2D HEC V . 7.77 18.21 13.94
FE HEC W . 20.72 5.35 12.88
CHA HEC W . 19.83 2.28 14.11
CHB HEC W . 23.42 4.00 11.32
CHC HEC W . 21.14 8.28 11.22
CHD HEC W . 18.60 6.88 15.12
NA HEC W . 21.52 3.46 12.76
C1A HEC W . 21.02 2.33 13.31
C2A HEC W . 21.87 1.19 13.01
C3A HEC W . 22.91 1.68 12.23
C4A HEC W . 22.67 3.11 12.07
CMA HEC W . 24.08 0.93 11.66
CAA HEC W . 21.71 -0.23 13.49
CBA HEC W . 22.25 -0.37 14.91
CGA HEC W . 21.67 -1.53 15.67
O1A HEC W . 20.50 -1.92 15.54
O2A HEC W . 22.52 -2.07 16.50
NB HEC W . 22.12 6.07 11.58
C1B HEC W . 23.12 5.35 11.01
C2B HEC W . 23.73 6.09 9.92
C3B HEC W . 22.98 7.26 9.83
C4B HEC W . 22.00 7.26 10.88
CMB HEC W . 24.93 5.65 9.14
CAB HEC W . 23.05 8.27 8.76
CBB HEC W . 22.91 8.04 7.44
NC HEC W . 20.02 7.26 13.15
C1C HEC W . 20.32 8.33 12.39
C2C HEC W . 19.73 9.54 12.95
C3C HEC W . 19.05 9.13 14.08
C4C HEC W . 19.21 7.71 14.19
CMC HEC W . 19.92 10.92 12.42
CAC HEC W . 18.35 9.99 15.04
CBC HEC W . 17.29 10.79 14.85
ND HEC W . 19.41 4.69 14.31
C1D HEC W . 18.60 5.44 15.11
C2D HEC W . 17.73 4.60 15.91
C3D HEC W . 18.01 3.30 15.54
C4D HEC W . 19.09 3.37 14.57
CMD HEC W . 16.78 5.08 16.96
CAD HEC W . 17.27 2.06 15.97
CBD HEC W . 17.40 1.77 17.44
CGD HEC W . 18.49 0.79 17.74
O1D HEC W . 19.58 0.82 17.19
O2D HEC W . 18.15 -0.12 18.66
FE HEC X . 29.52 -6.05 5.56
CHA HEC X . 28.03 -5.73 8.61
CHB HEC X . 29.77 -9.48 6.07
CHC HEC X . 30.79 -6.44 2.44
CHD HEC X . 29.43 -2.62 5.13
NA HEC X . 29.00 -7.37 7.06
C1A HEC X . 28.40 -7.03 8.23
C2A HEC X . 28.21 -8.22 9.07
C3A HEC X . 28.75 -9.28 8.36
C4A HEC X . 29.22 -8.74 7.10
CMA HEC X . 28.88 -10.70 8.81
CAA HEC X . 27.56 -8.27 10.42
CBA HEC X . 28.51 -7.85 11.54
CGA HEC X . 29.06 -9.00 12.33
O1A HEC X . 28.41 -10.00 12.59
O2A HEC X . 30.30 -8.81 12.74
NB HEC X . 30.18 -7.67 4.48
C1B HEC X . 30.18 -9.00 4.82
C2B HEC X . 30.59 -9.83 3.71
C3B HEC X . 30.84 -8.95 2.67
C4B HEC X . 30.60 -7.62 3.16
CMB HEC X . 30.73 -11.31 3.75
CAB HEC X . 31.21 -9.33 1.31
CBB HEC X . 30.44 -9.97 0.40
NC HEC X . 30.04 -4.74 4.07
C1C HEC X . 30.58 -5.10 2.87
C2C HEC X . 30.89 -3.92 2.07
C3C HEC X . 30.49 -2.85 2.84
C4C HEC X . 29.95 -3.35 4.08
CMC HEC X . 31.53 -3.95 0.71
CAC HEC X . 30.64 -1.44 2.46
CBC HEC X . 29.94 -0.78 1.53
ND HEC X . 28.93 -4.44 6.69
C1D HEC X . 28.93 -3.13 6.36
C2D HEC X . 28.27 -2.32 7.38
C3D HEC X . 27.85 -3.21 8.35
C4D HEC X . 28.26 -4.53 7.91
CMD HEC X . 28.12 -0.84 7.36
CAD HEC X . 27.19 -2.83 9.65
CBD HEC X . 25.73 -3.31 9.82
CGD HEC X . 24.69 -2.47 9.14
O1D HEC X . 23.65 -2.95 8.69
O2D HEC X . 24.95 -1.20 9.06
FE HEC Y . 29.82 2.08 11.00
CHA HEC Y . 29.00 -0.84 12.56
CHB HEC Y . 27.50 3.76 12.88
CHC HEC Y . 30.98 5.06 9.77
CHD HEC Y . 31.82 0.37 8.79
NA HEC Y . 28.54 1.59 12.52
C1A HEC Y . 28.35 0.34 13.03
C2A HEC Y . 27.29 0.36 14.03
C3A HEC Y . 26.84 1.66 14.09
C4A HEC Y . 27.62 2.42 13.14
CMA HEC Y . 25.68 2.20 14.89
CAA HEC Y . 26.70 -0.83 14.72
CBA HEC Y . 25.73 -1.50 13.78
CGA HEC Y . 25.09 -2.75 14.29
O1A HEC Y . 25.60 -3.50 15.09
O2A HEC Y . 23.92 -2.92 13.73
NB HEC Y . 29.35 4.07 11.30
C1B HEC Y . 28.32 4.55 12.05
C2B HEC Y . 28.22 5.99 11.93
C3B HEC Y . 29.26 6.36 11.09
C4B HEC Y . 29.94 5.15 10.68
CMB HEC Y . 27.17 6.84 12.59
CAB HEC Y . 29.64 7.72 10.70
CBB HEC Y . 30.14 8.70 11.53
NC HEC Y . 31.19 2.63 9.57
C1C HEC Y . 31.58 3.87 9.25
C2C HEC Y . 32.63 3.85 8.24
C3C HEC Y . 32.82 2.52 7.95
C4C HEC Y . 31.94 1.76 8.78
CMC HEC Y . 33.35 5.05 7.72
CAC HEC Y . 33.73 1.96 6.93
CBC HEC Y . 35.04 2.18 6.80
ND HEC Y . 30.28 0.12 10.70
C1D HEC Y . 31.03 -0.40 9.69
C2D HEC Y . 31.03 -1.85 9.76
C3D HEC Y . 30.30 -2.19 10.88
C4D HEC Y . 29.82 -0.94 11.45
CMD HEC Y . 31.67 -2.76 8.76
CAD HEC Y . 30.11 -3.57 11.45
CBD HEC Y . 31.19 -3.90 12.46
CGD HEC Y . 31.17 -5.32 12.95
O1D HEC Y . 31.15 -5.61 14.12
O2D HEC Y . 31.23 -6.21 12.01
FE HEC Z . 36.66 11.14 15.32
CHA HEC Z . 35.23 14.19 16.00
CHB HEC Z . 39.41 12.01 17.16
CHC HEC Z . 37.93 7.98 14.89
CHD HEC Z . 34.18 10.47 13.04
NA HEC Z . 37.19 12.77 16.46
C1A HEC Z . 36.51 13.95 16.53
C2A HEC Z . 37.33 14.96 17.18
C3A HEC Z . 38.53 14.37 17.49
C4A HEC Z . 38.43 12.99 17.04
CMA HEC Z . 39.72 14.97 18.16
CAA HEC Z . 36.96 16.39 17.47
CBA HEC Z . 36.48 16.61 18.90
CGA HEC Z . 35.27 15.79 19.25
O1A HEC Z . 35.31 14.82 20.00
O2A HEC Z . 34.17 16.21 18.67
NB HEC Z . 38.37 10.18 15.91
C1B HEC Z . 39.38 10.69 16.67
C2B HEC Z . 40.38 9.68 16.95
C3B HEC Z . 39.94 8.54 16.33
C4B HEC Z . 38.69 8.85 15.68
CMB HEC Z . 41.65 9.90 17.74
CAB HEC Z . 40.57 7.20 16.31
CBB HEC Z . 41.07 6.50 17.32
NC HEC Z . 36.12 9.49 14.21
C1C HEC Z . 36.78 8.30 14.13
C2C HEC Z . 36.18 7.43 13.14
C3C HEC Z . 35.16 8.18 12.58
C4C HEC Z . 35.10 9.45 13.26
CMC HEC Z . 36.61 6.03 12.84
CAC HEC Z . 34.32 7.80 11.44
CBC HEC Z . 33.46 6.80 11.38
ND HEC Z . 34.97 12.12 14.69
C1D HEC Z . 34.10 11.71 13.74
C2D HEC Z . 33.04 12.70 13.55
C3D HEC Z . 33.31 13.72 14.43
C4D HEC Z . 34.53 13.36 15.13
CMD HEC Z . 31.91 12.58 12.57
CAD HEC Z . 32.53 14.99 14.57
CBD HEC Z . 33.15 16.13 13.78
CGD HEC Z . 32.35 17.39 13.76
O1D HEC Z . 32.03 17.95 12.74
O2D HEC Z . 32.06 17.87 14.96
S SO4 AA . 26.52 13.93 29.25
O1 SO4 AA . 25.86 13.71 30.56
O2 SO4 AA . 27.82 14.60 29.36
O3 SO4 AA . 25.64 14.70 28.36
O4 SO4 AA . 27.01 12.67 28.68
S SO4 BA . -7.98 -22.90 1.19
O1 SO4 BA . -7.96 -21.69 2.01
O2 SO4 BA . -7.14 -22.81 -0.03
O3 SO4 BA . -9.40 -22.98 0.80
O4 SO4 BA . -7.54 -24.05 1.99
S SO4 CA . 17.23 -14.86 -15.20
O1 SO4 CA . 16.56 -14.18 -14.08
O2 SO4 CA . 18.43 -14.12 -15.60
O3 SO4 CA . 17.62 -16.23 -14.82
O4 SO4 CA . 16.37 -14.92 -16.39
FE HEC DA . 12.72 -12.02 49.23
CHA HEC DA . 11.39 -8.92 49.82
CHB HEC DA . 15.42 -11.25 51.11
CHC HEC DA . 13.95 -15.23 48.85
CHD HEC DA . 10.31 -12.66 46.94
NA HEC DA . 13.29 -10.39 50.31
C1A HEC DA . 12.65 -9.19 50.36
C2A HEC DA . 13.49 -8.22 51.05
C3A HEC DA . 14.65 -8.88 51.41
C4A HEC DA . 14.49 -10.25 50.94
CMA HEC DA . 15.86 -8.33 52.07
CAA HEC DA . 13.15 -6.79 51.35
CBA HEC DA . 12.61 -6.59 52.75
CGA HEC DA . 11.33 -7.33 53.01
O1A HEC DA . 10.24 -6.91 52.67
O2A HEC DA . 11.50 -8.46 53.64
NB HEC DA . 14.38 -13.06 49.87
C1B HEC DA . 15.37 -12.56 50.65
C2B HEC DA . 16.36 -13.57 50.98
C3B HEC DA . 15.90 -14.72 50.37
C4B HEC DA . 14.68 -14.39 49.66
CMB HEC DA . 17.62 -13.34 51.77
CAB HEC DA . 16.53 -16.05 50.43
CBB HEC DA . 16.73 -16.74 51.53
NC HEC DA . 12.16 -13.69 48.17
C1C HEC DA . 12.82 -14.88 48.10
C2C HEC DA . 12.24 -15.72 47.06
C3C HEC DA . 11.24 -14.95 46.49
C4C HEC DA . 11.19 -13.70 47.20
CMC HEC DA . 12.66 -17.13 46.78
CAC HEC DA . 10.39 -15.30 45.33
CBC HEC DA . 9.63 -16.40 45.18
ND HEC DA . 11.08 -11.01 48.57
C1D HEC DA . 10.22 -11.42 47.61
C2D HEC DA . 9.20 -10.41 47.35
C3D HEC DA . 9.48 -9.37 48.20
C4D HEC DA . 10.67 -9.75 48.95
CMD HEC DA . 8.09 -10.52 46.35
CAD HEC DA . 8.75 -8.05 48.26
CBD HEC DA . 9.57 -6.94 47.62
CGD HEC DA . 8.81 -5.66 47.42
O1D HEC DA . 8.46 -5.27 46.33
O2D HEC DA . 8.60 -4.99 48.51
FE HEC EA . -10.28 -9.18 49.70
CHA HEC EA . -13.11 -8.26 47.98
CHB HEC EA . -11.81 -11.95 50.82
CHC HEC EA . -7.31 -10.27 51.09
CHD HEC EA . -8.86 -6.13 49.04
NA HEC EA . -12.13 -9.97 49.44
C1A HEC EA . -13.13 -9.51 48.65
C2A HEC EA . -14.25 -10.43 48.67
C3A HEC EA . -13.89 -11.47 49.49
C4A HEC EA . -12.56 -11.16 49.98
CMA HEC EA . -14.66 -12.71 49.83
CAA HEC EA . -15.57 -10.28 47.97
CBA HEC EA . -16.68 -10.07 49.00
CGA HEC EA . -17.50 -8.83 48.75
O1A HEC EA . -18.67 -8.89 48.39
O2A HEC EA . -16.84 -7.71 48.98
NB HEC EA . -9.65 -10.82 50.77
C1B HEC EA . -10.45 -11.83 51.14
C2B HEC EA . -9.70 -12.85 51.86
C3B HEC EA . -8.40 -12.38 51.88
C4B HEC EA . -8.38 -11.12 51.22
CMB HEC EA . -10.27 -14.10 52.46
CAB HEC EA . -7.23 -13.06 52.44
CBB HEC EA . -6.71 -14.21 51.98
NC HEC EA . -8.41 -8.36 50.02
C1C HEC EA . -7.32 -8.96 50.58
C2C HEC EA . -6.19 -8.05 50.62
C3C HEC EA . -6.66 -6.87 50.07
C4C HEC EA . -8.04 -7.07 49.69
CMC HEC EA . -4.82 -8.39 51.13
CAC HEC EA . -5.91 -5.62 49.91
CBC HEC EA . -4.95 -5.44 49.03
ND HEC EA . -10.92 -7.47 48.76
C1D HEC EA . -10.21 -6.32 48.61
C2D HEC EA . -10.99 -5.33 47.89
C3D HEC EA . -12.20 -5.92 47.57
C4D HEC EA . -12.14 -7.27 48.13
CMD HEC EA . -10.55 -3.93 47.59
CAD HEC EA . -13.22 -5.27 46.69
CBD HEC EA . -14.66 -5.28 47.18
CGD HEC EA . -14.85 -4.96 48.63
O1D HEC EA . -15.27 -5.80 49.43
O2D HEC EA . -14.59 -3.72 48.96
FE HEC FA . -3.26 -17.62 46.40
CHA HEC FA . -4.30 -20.66 47.57
CHB HEC FA . -0.54 -19.05 44.94
CHC HEC FA . -2.70 -14.72 44.66
CHD HEC FA . -5.40 -16.02 48.52
NA HEC FA . -2.54 -19.53 46.23
C1A HEC FA . -3.11 -20.64 46.76
C2A HEC FA . -2.27 -21.80 46.47
C3A HEC FA . -1.15 -21.32 45.80
C4A HEC FA . -1.35 -19.90 45.64
CMA HEC FA . 0.07 -22.09 45.37
CAA HEC FA . -2.48 -23.19 46.97
CBA HEC FA . -1.84 -23.33 48.33
CGA HEC FA . -2.16 -24.64 49.01
O1A HEC FA . -2.28 -25.68 48.38
O2A HEC FA . -2.30 -24.51 50.31
NB HEC FA . -1.82 -16.96 45.09
C1B HEC FA . -0.81 -17.72 44.58
C2B HEC FA . -0.14 -17.01 43.51
C3B HEC FA . -0.84 -15.82 43.36
C4B HEC FA . -1.86 -15.78 44.37
CMB HEC FA . 1.11 -17.49 42.82
CAB HEC FA . -0.69 -14.82 42.31
CBB HEC FA . -0.86 -15.03 40.98
NC HEC FA . -3.97 -15.72 46.53
C1C HEC FA . -3.60 -14.65 45.78
C2C HEC FA . -4.16 -13.43 46.31
C3C HEC FA . -4.89 -13.81 47.43
C4C HEC FA . -4.77 -15.24 47.55
CMC HEC FA . -3.91 -12.05 45.78
CAC HEC FA . -5.65 -12.97 48.38
CBC HEC FA . -6.55 -12.03 48.11
ND HEC FA . -4.64 -18.24 47.79
C1D HEC FA . -5.43 -17.44 48.54
C2D HEC FA . -6.35 -18.23 49.34
C3D HEC FA . -6.11 -19.54 49.02
C4D HEC FA . -5.00 -19.54 48.07
CMD HEC FA . -7.34 -17.69 50.32
CAD HEC FA . -6.98 -20.67 49.51
CBD HEC FA . -6.22 -21.88 49.99
CGD HEC FA . -5.88 -21.81 51.44
O1D HEC FA . -5.38 -20.85 51.97
O2D HEC FA . -6.18 -22.91 52.08
FE HEC GA . 5.83 -21.11 44.89
CHA HEC GA . 4.91 -24.02 46.46
CHB HEC GA . 3.46 -19.39 46.65
CHC HEC GA . 7.07 -18.20 43.64
CHD HEC GA . 7.84 -22.90 42.74
NA HEC GA . 4.48 -21.59 46.36
C1A HEC GA . 4.26 -22.82 46.88
C2A HEC GA . 3.18 -22.76 47.85
C3A HEC GA . 2.72 -21.46 47.86
C4A HEC GA . 3.55 -20.73 46.92
CMA HEC GA . 1.59 -20.88 48.65
CAA HEC GA . 2.64 -23.92 48.65
CBA HEC GA . 1.66 -24.69 47.79
CGA HEC GA . 1.19 -25.97 48.43
O1A HEC GA . 1.62 -26.40 49.49
O2A HEC GA . 0.25 -26.53 47.75
NB HEC GA . 5.37 -19.14 45.12
C1B HEC GA . 4.33 -18.62 45.83
C2B HEC GA . 4.26 -17.19 45.68
C3B HEC GA . 5.33 -16.85 44.89
C4B HEC GA . 6.00 -18.07 44.51
CMB HEC GA . 3.17 -16.32 46.25
CAB HEC GA . 5.79 -15.51 44.52
CBB HEC GA . 6.25 -14.53 45.39
NC HEC GA . 7.25 -20.64 43.48
C1C HEC GA . 7.66 -19.39 43.14
C2C HEC GA . 8.75 -19.45 42.18
C3C HEC GA . 8.93 -20.78 41.90
C4C HEC GA . 8.00 -21.52 42.72
CMC HEC GA . 9.54 -18.27 41.67
CAC HEC GA . 9.85 -21.36 40.91
CBC HEC GA . 11.19 -21.19 40.85
ND HEC GA . 6.26 -23.10 44.61
C1D HEC GA . 7.02 -23.66 43.64
C2D HEC GA . 7.01 -25.10 43.74
C3D HEC GA . 6.24 -25.41 44.84
C4D HEC GA . 5.76 -24.15 45.37
CMD HEC GA . 7.67 -26.05 42.78
CAD HEC GA . 6.01 -26.77 45.42
CBD HEC GA . 7.04 -27.11 46.47
CGD HEC GA . 6.95 -28.51 46.98
O1D HEC GA . 6.84 -28.77 48.15
O2D HEC GA . 7.04 -29.43 46.05
FE HEC HA . 5.51 -29.25 39.54
CHA HEC HA . 4.03 -28.81 42.57
CHB HEC HA . 5.72 -32.68 40.15
CHC HEC HA . 6.92 -29.71 36.50
CHD HEC HA . 5.65 -25.80 39.11
NA HEC HA . 5.05 -30.52 41.10
C1A HEC HA . 4.38 -30.14 42.22
C2A HEC HA . 4.06 -31.31 43.04
C3A HEC HA . 4.58 -32.40 42.39
C4A HEC HA . 5.18 -31.90 41.17
CMA HEC HA . 4.60 -33.83 42.84
CAA HEC HA . 3.21 -31.31 44.27
CBA HEC HA . 3.97 -30.92 45.51
CGA HEC HA . 4.64 -32.06 46.23
O1A HEC HA . 5.80 -32.03 46.60
O2A HEC HA . 3.82 -33.09 46.47
NB HEC HA . 6.25 -30.89 38.55
C1B HEC HA . 6.17 -32.21 38.90
C2B HEC HA . 6.58 -33.07 37.81
C3B HEC HA . 6.92 -32.21 36.77
C4B HEC HA . 6.71 -30.86 37.23
CMB HEC HA . 6.59 -34.57 37.84
CAB HEC HA . 7.35 -32.60 35.42
CBB HEC HA . 6.63 -33.30 34.52
NC HEC HA . 6.19 -27.97 38.08
C1C HEC HA . 6.73 -28.37 36.90
C2C HEC HA . 7.08 -27.21 36.08
C3C HEC HA . 6.72 -26.11 36.82
C4C HEC HA . 6.16 -26.58 38.07
CMC HEC HA . 7.77 -27.29 34.74
CAC HEC HA . 6.89 -24.71 36.42
CBC HEC HA . 6.25 -24.03 35.47
ND HEC HA . 4.95 -27.60 40.64
C1D HEC HA . 5.02 -26.28 40.29
C2D HEC HA . 4.36 -25.46 41.28
C3D HEC HA . 3.87 -26.31 42.26
C4D HEC HA . 4.27 -27.66 41.84
CMD HEC HA . 4.25 -23.96 41.24
CAD HEC HA . 3.19 -25.92 43.53
CBD HEC HA . 1.76 -26.42 43.68
CGD HEC HA . 0.76 -25.52 43.02
O1D HEC HA . 0.97 -24.35 42.81
O2D HEC HA . -0.35 -26.10 42.70
S SO4 IA . 2.03 -8.82 62.59
O1 SO4 IA . 1.71 -8.98 64.04
O2 SO4 IA . 3.15 -7.90 62.33
O3 SO4 IA . 0.88 -8.41 61.80
O4 SO4 IA . 2.59 -10.08 62.10
S SO4 JA . -3.15 -32.39 20.45
O1 SO4 JA . -3.46 -31.26 19.55
O2 SO4 JA . -2.33 -31.95 21.58
O3 SO4 JA . -4.44 -32.96 20.91
O4 SO4 JA . -2.41 -33.42 19.68
S SO4 KA . -6.14 -38.17 18.41
O1 SO4 KA . -5.32 -37.01 18.02
O2 SO4 KA . -7.14 -37.75 19.41
O3 SO4 KA . -5.28 -39.24 18.95
O4 SO4 KA . -6.83 -38.74 17.24
S SO4 LA . -31.82 -45.85 34.09
O1 SO4 LA . -31.86 -44.65 34.94
O2 SO4 LA . -31.20 -46.96 34.82
O3 SO4 LA . -33.24 -46.15 33.79
O4 SO4 LA . -31.10 -45.69 32.81
#